data_8XYG
#
_entry.id   8XYG
#
_cell.length_a   73.389
_cell.length_b   152.131
_cell.length_c   117.438
_cell.angle_alpha   90.00
_cell.angle_beta   102.87
_cell.angle_gamma   90.00
#
_symmetry.space_group_name_H-M   'P 1 21 1'
#
loop_
_entity.id
_entity.type
_entity.pdbx_description
1 polymer 'Processed angiotensin-converting enzyme 2'
2 polymer 'Spike protein S1'
#
loop_
_entity_poly.entity_id
_entity_poly.type
_entity_poly.pdbx_seq_one_letter_code
_entity_poly.pdbx_strand_id
1 'polypeptide(L)'
;PSTIEEQAKTFLDKFNHEAEDLFYQSSLASWNYNTNITEENVQNMNNAGDKWSAFLKEQSTLAQMYPLQEIQNLTVKLQL
QALQQNGSSVLSEDKSKRLNTILNTMSTIYSTGKVCNPDNPQECLLLEPGLNEIMANSLDYNERLWAWESWRSEVGKQLR
PLYEEYVVLKNEMARANHYEDYGDYWRGDYEVNGVDGYDYSRGQLIEDVEHTFEEIKPLYEHLHAYVRAKLMNAYPSYIS
PIGCLPAHLLGDMWGRFWTNLYSLTVPFGQKPNIDVTDAMVDQAWDAQRIFKEAEKFFVSVGLPNMTQGFWENSMLTDPG
NVQKAVCHPTAWDLGKGDFRILMCTKVTMDDFLTAHHEMGHIQYDMAYAAQPFLLRNGANEGFHEAVGEIMSLSAATPKH
LKSIGLLSPDFQEDNETEINFLLKQALTIVGTLPFTYMLEKWRWMVFKGEIPKDQWMKKWWEMKREIVGVVEPVPHDETY
CDPASLFHVSNDYSFIRYYTRTLYQFQFQEALCQAAKHEGPLHKCDISNSTEAGQKLFNMLRLGKSEPWTLALENVVGAK
NMNVRPLLNYFEPLFTWLKDQNKNSFVGWSTDWSPY
;
A,C
2 'polypeptide(L)'
;NLCPFDEVFNATTFASVYAWNRKRISNCVADYSVLYNFAPFFTFKCYGVSPTKLNDLCFTNVYADSFVIRGNEVSQIAPG
QTGNIADYNYKLPDDFTGCVIAWNSNKLDSTVGGNYNYRYRLFRKSKLKPFERDISTEIYQAGNKPCNGVAGVNCYFPLQ
SYGFRPTYGVGHQPYRVVVLSFELLHAPATVC
;
B,D
#
# COMPACT_ATOMS: atom_id res chain seq x y z
N PRO A 1 -7.69 20.00 14.61
CA PRO A 1 -7.37 19.12 15.75
C PRO A 1 -5.93 18.60 15.77
N SER A 2 -5.77 17.27 15.69
CA SER A 2 -4.46 16.63 15.61
C SER A 2 -3.49 17.23 16.61
N THR A 3 -3.68 16.95 17.89
CA THR A 3 -2.77 17.47 18.91
C THR A 3 -1.39 16.87 18.71
N ILE A 4 -0.37 17.61 19.15
CA ILE A 4 1.02 17.20 18.96
C ILE A 4 1.27 15.81 19.51
N GLU A 5 0.62 15.49 20.63
CA GLU A 5 0.80 14.18 21.24
C GLU A 5 0.38 13.06 20.30
N GLU A 6 -0.76 13.24 19.63
CA GLU A 6 -1.23 12.24 18.68
C GLU A 6 -0.25 12.07 17.53
N GLN A 7 0.27 13.20 17.02
CA GLN A 7 1.26 13.15 15.94
C GLN A 7 2.52 12.41 16.37
N ALA A 8 2.95 12.65 17.61
CA ALA A 8 4.14 11.99 18.13
C ALA A 8 3.91 10.49 18.30
N LYS A 9 2.70 10.11 18.75
CA LYS A 9 2.36 8.68 18.81
C LYS A 9 2.44 8.05 17.43
N THR A 10 1.93 8.74 16.42
CA THR A 10 2.00 8.21 15.05
C THR A 10 3.45 8.03 14.60
N PHE A 11 4.26 9.08 14.77
CA PHE A 11 5.67 9.01 14.41
C PHE A 11 6.37 7.86 15.12
N LEU A 12 6.16 7.75 16.44
CA LEU A 12 6.79 6.69 17.21
C LEU A 12 6.32 5.32 16.78
N ASP A 13 5.07 5.21 16.31
CA ASP A 13 4.61 3.94 15.79
C ASP A 13 5.37 3.55 14.53
N LYS A 14 5.47 4.48 13.57
CA LYS A 14 6.26 4.21 12.37
C LYS A 14 7.69 3.81 12.72
N PHE A 15 8.28 4.50 13.69
CA PHE A 15 9.64 4.22 14.11
C PHE A 15 9.75 2.82 14.73
N ASN A 16 8.92 2.54 15.74
CA ASN A 16 8.95 1.23 16.38
C ASN A 16 8.71 0.09 15.39
N HIS A 17 8.10 0.36 14.25
CA HIS A 17 7.99 -0.74 13.30
C HIS A 17 9.19 -0.88 12.38
N GLU A 18 9.69 0.20 11.78
CA GLU A 18 10.79 0.03 10.83
C GLU A 18 12.10 -0.25 11.55
N ALA A 19 12.31 0.41 12.70
CA ALA A 19 13.48 0.16 13.53
C ALA A 19 13.65 -1.33 13.80
N GLU A 20 12.64 -1.96 14.41
CA GLU A 20 12.73 -3.40 14.75
C GLU A 20 13.34 -4.22 13.64
N ASP A 21 12.88 -4.02 12.40
CA ASP A 21 13.45 -4.73 11.26
C ASP A 21 14.94 -4.41 11.10
N LEU A 22 15.29 -3.11 11.13
CA LEU A 22 16.70 -2.77 10.90
C LEU A 22 17.60 -3.24 12.04
N PHE A 23 17.12 -3.15 13.28
CA PHE A 23 17.88 -3.63 14.43
C PHE A 23 18.05 -5.15 14.34
N TYR A 24 17.03 -5.86 13.85
CA TYR A 24 17.20 -7.29 13.63
C TYR A 24 18.26 -7.56 12.58
N GLN A 25 18.27 -6.78 11.49
CA GLN A 25 19.32 -6.90 10.49
C GLN A 25 20.70 -6.79 11.13
N SER A 26 20.93 -5.71 11.88
CA SER A 26 22.26 -5.46 12.44
C SER A 26 22.62 -6.49 13.51
N SER A 27 21.65 -6.89 14.33
CA SER A 27 21.91 -7.88 15.37
C SER A 27 22.27 -9.24 14.75
N LEU A 28 21.55 -9.64 13.70
CA LEU A 28 21.86 -10.91 13.06
C LEU A 28 23.20 -10.86 12.34
N ALA A 29 23.55 -9.72 11.76
CA ALA A 29 24.87 -9.58 11.15
C ALA A 29 25.97 -9.70 12.21
N SER A 30 25.81 -9.00 13.33
CA SER A 30 26.77 -9.10 14.43
C SER A 30 26.87 -10.54 14.94
N TRP A 31 25.73 -11.24 15.00
CA TRP A 31 25.74 -12.61 15.50
C TRP A 31 26.48 -13.54 14.55
N ASN A 32 26.22 -13.45 13.25
CA ASN A 32 26.93 -14.27 12.29
C ASN A 32 28.42 -13.93 12.25
N TYR A 33 28.79 -12.68 12.58
CA TYR A 33 30.21 -12.38 12.68
C TYR A 33 30.82 -13.05 13.91
N ASN A 34 30.17 -12.90 15.07
CA ASN A 34 30.73 -13.40 16.32
C ASN A 34 30.63 -14.92 16.47
N THR A 35 29.85 -15.60 15.61
CA THR A 35 29.79 -17.06 15.60
C THR A 35 30.56 -17.65 14.42
N ASN A 36 31.25 -16.82 13.64
CA ASN A 36 31.94 -17.24 12.42
C ASN A 36 32.76 -16.07 11.87
N ILE A 37 33.99 -15.91 12.36
CA ILE A 37 34.80 -14.75 11.98
C ILE A 37 35.31 -14.92 10.55
N THR A 38 34.49 -14.53 9.58
CA THR A 38 34.88 -14.47 8.18
C THR A 38 34.71 -13.05 7.69
N GLU A 39 35.67 -12.59 6.88
CA GLU A 39 35.68 -11.20 6.43
C GLU A 39 34.35 -10.78 5.81
N GLU A 40 33.69 -11.71 5.10
CA GLU A 40 32.40 -11.39 4.52
C GLU A 40 31.39 -11.01 5.58
N ASN A 41 31.27 -11.82 6.64
CA ASN A 41 30.34 -11.50 7.72
C ASN A 41 30.76 -10.22 8.43
N VAL A 42 32.06 -9.98 8.54
CA VAL A 42 32.55 -8.72 9.09
C VAL A 42 31.96 -7.56 8.30
N GLN A 43 32.06 -7.64 6.98
CA GLN A 43 31.63 -6.54 6.13
C GLN A 43 30.12 -6.35 6.22
N ASN A 44 29.38 -7.45 6.22
CA ASN A 44 27.93 -7.36 6.32
C ASN A 44 27.50 -6.75 7.66
N MET A 45 28.22 -7.08 8.73
CA MET A 45 27.95 -6.47 10.02
C MET A 45 28.18 -4.97 9.98
N ASN A 46 29.33 -4.56 9.44
CA ASN A 46 29.60 -3.12 9.35
C ASN A 46 28.54 -2.41 8.51
N ASN A 47 28.15 -2.99 7.38
CA ASN A 47 27.13 -2.37 6.54
C ASN A 47 25.81 -2.22 7.28
N ALA A 48 25.30 -3.31 7.85
CA ALA A 48 24.03 -3.26 8.56
C ALA A 48 24.09 -2.25 9.71
N GLY A 49 25.21 -2.23 10.44
CA GLY A 49 25.34 -1.30 11.55
C GLY A 49 25.36 0.15 11.12
N ASP A 50 26.08 0.47 10.03
CA ASP A 50 26.12 1.84 9.56
C ASP A 50 24.77 2.28 9.00
N LYS A 51 24.05 1.37 8.35
CA LYS A 51 22.71 1.71 7.88
C LYS A 51 21.77 1.99 9.05
N TRP A 52 21.84 1.16 10.09
CA TRP A 52 21.06 1.40 11.30
C TRP A 52 21.45 2.73 11.94
N SER A 53 22.73 3.07 11.92
CA SER A 53 23.19 4.33 12.49
C SER A 53 22.62 5.53 11.73
N ALA A 54 22.64 5.46 10.40
CA ALA A 54 22.08 6.53 9.58
C ALA A 54 20.57 6.66 9.84
N PHE A 55 19.87 5.53 9.91
CA PHE A 55 18.45 5.57 10.22
C PHE A 55 18.20 6.28 11.55
N LEU A 56 18.97 5.92 12.58
CA LEU A 56 18.76 6.53 13.90
C LEU A 56 19.10 8.01 13.89
N LYS A 57 20.15 8.42 13.18
CA LYS A 57 20.47 9.85 13.13
C LYS A 57 19.36 10.63 12.44
N GLU A 58 18.87 10.12 11.31
CA GLU A 58 17.78 10.81 10.60
C GLU A 58 16.53 10.89 11.47
N GLN A 59 16.15 9.76 12.07
CA GLN A 59 14.97 9.74 12.92
C GLN A 59 15.16 10.62 14.14
N SER A 60 16.40 10.77 14.60
CA SER A 60 16.68 11.66 15.73
C SER A 60 16.45 13.11 15.35
N THR A 61 16.90 13.52 14.17
CA THR A 61 16.56 14.87 13.69
C THR A 61 15.04 15.06 13.64
N LEU A 62 14.35 14.11 12.98
CA LEU A 62 12.91 14.24 12.82
C LEU A 62 12.19 14.23 14.16
N ALA A 63 12.74 13.56 15.17
CA ALA A 63 12.09 13.52 16.47
C ALA A 63 12.39 14.78 17.27
N GLN A 64 13.60 15.32 17.13
CA GLN A 64 13.91 16.61 17.75
C GLN A 64 13.01 17.71 17.22
N MET A 65 12.50 17.56 15.99
CA MET A 65 11.50 18.53 15.51
C MET A 65 10.24 18.51 16.37
N TYR A 66 9.89 17.37 16.98
CA TYR A 66 8.78 17.37 17.94
C TYR A 66 9.18 18.09 19.24
N PRO A 67 8.23 18.76 19.88
CA PRO A 67 8.53 19.51 21.10
C PRO A 67 8.18 18.78 22.38
N LEU A 68 9.19 18.44 23.18
CA LEU A 68 8.97 17.81 24.46
C LEU A 68 8.19 18.70 25.42
N GLN A 69 8.12 20.01 25.13
CA GLN A 69 7.48 20.94 26.04
C GLN A 69 5.97 20.71 26.08
N GLU A 70 5.38 20.23 24.98
CA GLU A 70 3.92 20.08 24.89
C GLU A 70 3.50 18.63 24.69
N ILE A 71 3.92 17.74 25.60
CA ILE A 71 3.60 16.32 25.53
C ILE A 71 3.33 15.83 26.95
N GLN A 72 2.12 15.35 27.19
CA GLN A 72 1.65 15.02 28.54
C GLN A 72 1.36 13.53 28.68
N ASN A 73 2.17 12.67 28.04
CA ASN A 73 2.12 11.22 28.21
C ASN A 73 3.57 10.79 28.35
N LEU A 74 4.02 10.59 29.59
CA LEU A 74 5.42 10.27 29.83
C LEU A 74 5.86 9.05 29.05
N THR A 75 5.02 8.01 29.00
CA THR A 75 5.37 6.82 28.23
C THR A 75 5.73 7.17 26.78
N VAL A 76 5.21 8.29 26.28
CA VAL A 76 5.60 8.78 24.96
C VAL A 76 6.81 9.70 25.07
N LYS A 77 6.78 10.57 26.08
CA LYS A 77 7.79 11.62 26.24
C LYS A 77 9.18 11.02 26.42
N LEU A 78 9.29 9.90 27.13
CA LEU A 78 10.60 9.29 27.37
C LEU A 78 11.20 8.79 26.06
N GLN A 79 10.43 8.06 25.27
CA GLN A 79 10.92 7.62 23.96
C GLN A 79 11.35 8.82 23.12
N LEU A 80 10.54 9.87 23.12
CA LEU A 80 10.88 11.05 22.34
C LEU A 80 12.21 11.65 22.77
N GLN A 81 12.38 11.90 24.07
CA GLN A 81 13.65 12.50 24.53
C GLN A 81 14.82 11.55 24.26
N ALA A 82 14.62 10.25 24.42
CA ALA A 82 15.69 9.29 24.17
C ALA A 82 16.17 9.38 22.73
N LEU A 83 15.25 9.48 21.78
CA LEU A 83 15.68 9.64 20.39
C LEU A 83 16.15 11.06 20.10
N GLN A 84 15.76 12.04 20.91
CA GLN A 84 16.12 13.44 20.68
C GLN A 84 17.57 13.74 21.03
N GLN A 85 18.24 12.89 21.81
CA GLN A 85 19.60 13.17 22.21
C GLN A 85 20.48 13.44 20.98
N ASN A 86 20.80 14.71 20.77
CA ASN A 86 21.52 15.09 19.56
C ASN A 86 22.94 14.53 19.57
N GLY A 87 23.62 14.58 20.70
CA GLY A 87 24.93 13.99 20.83
C GLY A 87 26.05 14.87 20.29
N SER A 88 27.22 14.23 20.12
CA SER A 88 28.43 14.91 19.69
C SER A 88 28.27 15.67 18.37
N SER A 89 27.14 15.49 17.68
CA SER A 89 26.88 16.28 16.47
C SER A 89 26.76 17.76 16.77
N VAL A 90 26.48 18.14 18.02
CA VAL A 90 26.39 19.57 18.33
C VAL A 90 27.75 20.23 18.23
N LEU A 91 28.83 19.47 18.49
CA LEU A 91 30.17 20.01 18.34
C LEU A 91 30.42 20.41 16.90
N SER A 92 31.35 21.35 16.71
CA SER A 92 31.80 21.68 15.37
C SER A 92 32.26 20.42 14.66
N GLU A 93 31.88 20.30 13.38
CA GLU A 93 32.25 19.11 12.62
C GLU A 93 33.74 18.82 12.73
N ASP A 94 34.56 19.87 12.65
CA ASP A 94 35.98 19.72 12.93
C ASP A 94 36.21 19.15 14.33
N LYS A 95 35.56 19.75 15.34
CA LYS A 95 35.73 19.28 16.72
C LYS A 95 35.19 17.86 16.88
N SER A 96 34.09 17.54 16.20
CA SER A 96 33.55 16.18 16.27
C SER A 96 34.55 15.17 15.72
N LYS A 97 35.14 15.48 14.56
CA LYS A 97 36.14 14.58 13.99
C LYS A 97 37.36 14.46 14.91
N ARG A 98 37.79 15.56 15.51
CA ARG A 98 38.91 15.49 16.45
C ARG A 98 38.59 14.59 17.64
N LEU A 99 37.41 14.78 18.23
CA LEU A 99 37.01 13.98 19.39
C LEU A 99 36.98 12.50 19.04
N ASN A 100 36.36 12.16 17.91
CA ASN A 100 36.25 10.76 17.52
C ASN A 100 37.61 10.16 17.18
N THR A 101 38.47 10.95 16.54
CA THR A 101 39.85 10.52 16.30
C THR A 101 40.55 10.21 17.60
N ILE A 102 40.38 11.07 18.62
CA ILE A 102 41.02 10.82 19.91
C ILE A 102 40.46 9.56 20.55
N LEU A 103 39.15 9.34 20.48
CA LEU A 103 38.56 8.15 21.07
C LEU A 103 39.14 6.88 20.44
N ASN A 104 39.02 6.76 19.12
CA ASN A 104 39.58 5.59 18.46
C ASN A 104 41.09 5.48 18.65
N THR A 105 41.79 6.62 18.72
CA THR A 105 43.24 6.60 18.89
C THR A 105 43.62 6.04 20.25
N MET A 106 42.99 6.51 21.33
CA MET A 106 43.30 5.97 22.65
C MET A 106 42.90 4.51 22.74
N SER A 107 41.74 4.15 22.18
CA SER A 107 41.32 2.75 22.23
C SER A 107 42.32 1.84 21.51
N THR A 108 42.85 2.30 20.38
CA THR A 108 43.83 1.50 19.65
C THR A 108 45.20 1.52 20.34
N ILE A 109 45.55 2.62 21.00
CA ILE A 109 46.77 2.64 21.81
C ILE A 109 46.69 1.56 22.89
N TYR A 110 45.53 1.48 23.54
CA TYR A 110 45.31 0.48 24.57
C TYR A 110 45.37 -0.93 23.99
N SER A 111 44.56 -1.19 22.97
CA SER A 111 44.48 -2.52 22.37
C SER A 111 45.69 -2.87 21.51
N THR A 112 46.66 -1.95 21.37
CA THR A 112 47.88 -2.20 20.61
C THR A 112 49.10 -1.68 21.36
N GLY A 113 49.01 -1.64 22.69
CA GLY A 113 50.13 -1.21 23.52
C GLY A 113 50.86 -2.41 24.09
N LYS A 114 52.19 -2.34 24.07
CA LYS A 114 53.01 -3.44 24.54
C LYS A 114 54.29 -2.87 25.14
N VAL A 115 54.88 -3.64 26.05
CA VAL A 115 56.13 -3.28 26.71
C VAL A 115 57.20 -4.25 26.23
N CYS A 116 58.28 -3.70 25.66
CA CYS A 116 59.38 -4.52 25.18
C CYS A 116 60.42 -4.63 26.28
N ASN A 117 60.64 -5.85 26.76
CA ASN A 117 61.57 -6.04 27.87
C ASN A 117 62.97 -5.60 27.47
N PRO A 118 63.66 -4.85 28.32
CA PRO A 118 65.08 -4.54 28.04
C PRO A 118 65.94 -5.79 27.95
N ASP A 119 65.44 -6.93 28.43
CA ASP A 119 66.15 -8.19 28.28
C ASP A 119 66.41 -8.48 26.80
N ASN A 120 65.47 -8.12 25.94
CA ASN A 120 65.61 -8.28 24.50
C ASN A 120 64.71 -7.26 23.81
N PRO A 121 65.27 -6.21 23.21
CA PRO A 121 64.45 -5.22 22.50
C PRO A 121 63.55 -5.84 21.43
N GLN A 122 63.89 -7.06 21.00
CA GLN A 122 63.04 -7.78 20.06
C GLN A 122 61.78 -8.32 20.75
N GLU A 123 61.95 -8.90 21.94
CA GLU A 123 60.82 -9.51 22.64
C GLU A 123 60.01 -8.44 23.36
N CYS A 124 58.69 -8.58 23.32
CA CYS A 124 57.79 -7.69 24.02
C CYS A 124 56.60 -8.49 24.53
N LEU A 125 55.80 -7.86 25.37
CA LEU A 125 54.58 -8.45 25.91
C LEU A 125 53.48 -7.40 25.94
N LEU A 126 52.29 -7.79 25.49
CA LEU A 126 51.14 -6.90 25.46
C LEU A 126 50.44 -6.92 26.82
N LEU A 127 49.47 -6.02 26.99
CA LEU A 127 48.61 -6.08 28.17
C LEU A 127 47.95 -7.44 28.26
N GLU A 128 47.18 -7.80 27.25
CA GLU A 128 46.66 -9.15 27.12
C GLU A 128 47.57 -9.94 26.19
N PRO A 129 48.17 -11.05 26.64
CA PRO A 129 48.03 -11.55 28.01
C PRO A 129 49.28 -11.45 28.88
N GLY A 130 50.45 -11.24 28.26
CA GLY A 130 51.72 -11.25 28.95
C GLY A 130 51.75 -10.46 30.25
N LEU A 131 51.53 -9.15 30.16
CA LEU A 131 51.50 -8.32 31.36
C LEU A 131 50.44 -8.78 32.35
N ASN A 132 49.28 -9.22 31.86
CA ASN A 132 48.21 -9.63 32.75
C ASN A 132 48.59 -10.85 33.57
N GLU A 133 49.20 -11.86 32.94
CA GLU A 133 49.60 -13.04 33.71
C GLU A 133 50.81 -12.73 34.59
N ILE A 134 51.69 -11.83 34.14
CA ILE A 134 52.78 -11.38 35.00
C ILE A 134 52.24 -10.73 36.26
N MET A 135 51.16 -9.96 36.14
CA MET A 135 50.60 -9.24 37.28
C MET A 135 49.54 -10.04 38.04
N ALA A 136 49.12 -11.18 37.52
CA ALA A 136 48.07 -11.98 38.14
C ALA A 136 48.51 -13.39 38.54
N ASN A 137 49.75 -13.79 38.27
CA ASN A 137 50.24 -15.10 38.68
C ASN A 137 51.65 -15.08 39.27
N SER A 138 52.36 -13.97 39.24
CA SER A 138 53.71 -13.88 39.78
C SER A 138 53.69 -13.24 41.16
N LEU A 139 54.73 -13.55 41.93
CA LEU A 139 54.89 -12.99 43.27
C LEU A 139 56.15 -12.16 43.43
N ASP A 140 57.09 -12.24 42.47
CA ASP A 140 58.34 -11.50 42.55
C ASP A 140 58.04 -10.01 42.49
N TYR A 141 58.31 -9.31 43.60
CA TYR A 141 57.96 -7.89 43.69
C TYR A 141 58.64 -7.08 42.59
N ASN A 142 59.87 -7.44 42.22
CA ASN A 142 60.60 -6.66 41.23
C ASN A 142 59.96 -6.74 39.85
N GLU A 143 59.64 -7.95 39.41
CA GLU A 143 59.00 -8.14 38.11
C GLU A 143 57.64 -7.45 38.04
N ARG A 144 56.84 -7.61 39.10
CA ARG A 144 55.51 -7.01 39.12
C ARG A 144 55.60 -5.48 39.13
N LEU A 145 56.55 -4.95 39.88
CA LEU A 145 56.86 -3.53 39.84
C LEU A 145 57.19 -3.09 38.42
N TRP A 146 58.07 -3.84 37.75
CA TRP A 146 58.45 -3.48 36.40
C TRP A 146 57.24 -3.44 35.49
N ALA A 147 56.37 -4.44 35.57
CA ALA A 147 55.23 -4.54 34.66
C ALA A 147 54.24 -3.41 34.90
N TRP A 148 53.92 -3.16 36.17
CA TRP A 148 53.04 -2.04 36.53
C TRP A 148 53.57 -0.74 35.95
N GLU A 149 54.82 -0.40 36.29
CA GLU A 149 55.40 0.85 35.82
C GLU A 149 55.56 0.87 34.31
N SER A 150 55.82 -0.27 33.68
CA SER A 150 56.07 -0.29 32.25
C SER A 150 54.78 -0.05 31.46
N TRP A 151 53.70 -0.72 31.86
CA TRP A 151 52.44 -0.47 31.18
C TRP A 151 51.92 0.94 31.48
N ARG A 152 52.21 1.47 32.66
CA ARG A 152 51.81 2.85 32.93
C ARG A 152 52.74 3.88 32.33
N SER A 153 53.92 3.48 31.85
CA SER A 153 54.86 4.41 31.22
C SER A 153 54.68 4.43 29.71
N GLU A 154 54.79 3.27 29.06
CA GLU A 154 54.71 3.26 27.59
C GLU A 154 53.33 3.69 27.11
N VAL A 155 52.28 3.30 27.82
CA VAL A 155 50.91 3.55 27.37
C VAL A 155 50.34 4.83 27.94
N GLY A 156 50.41 5.00 29.27
CA GLY A 156 49.74 6.14 29.90
C GLY A 156 50.33 7.48 29.49
N LYS A 157 51.66 7.56 29.39
CA LYS A 157 52.31 8.79 28.93
C LYS A 157 51.75 9.23 27.59
N GLN A 158 51.46 8.27 26.71
CA GLN A 158 50.85 8.60 25.42
C GLN A 158 49.42 9.10 25.60
N LEU A 159 48.62 8.38 26.40
CA LEU A 159 47.21 8.72 26.59
C LEU A 159 46.99 10.02 27.32
N ARG A 160 48.04 10.61 27.92
CA ARG A 160 47.83 11.85 28.68
C ARG A 160 47.32 13.00 27.83
N PRO A 161 48.06 13.53 26.83
CA PRO A 161 47.58 14.75 26.15
C PRO A 161 46.24 14.54 25.43
N LEU A 162 46.06 13.35 24.85
CA LEU A 162 44.81 13.02 24.19
C LEU A 162 43.65 13.10 25.18
N TYR A 163 43.84 12.59 26.38
CA TYR A 163 42.77 12.63 27.38
C TYR A 163 42.54 14.06 27.86
N GLU A 164 43.59 14.88 27.88
CA GLU A 164 43.42 16.30 28.20
C GLU A 164 42.45 16.98 27.21
N GLU A 165 42.80 16.89 25.92
CA GLU A 165 41.91 17.47 24.90
C GLU A 165 40.54 16.81 24.94
N TYR A 166 40.50 15.52 25.28
CA TYR A 166 39.24 14.80 25.43
C TYR A 166 38.36 15.44 26.49
N VAL A 167 38.94 15.77 27.63
CA VAL A 167 38.20 16.49 28.67
C VAL A 167 37.63 17.78 28.11
N VAL A 168 38.47 18.55 27.40
CA VAL A 168 38.01 19.81 26.83
C VAL A 168 36.77 19.59 25.95
N LEU A 169 36.88 18.68 24.98
CA LEU A 169 35.81 18.51 24.00
C LEU A 169 34.55 17.91 24.62
N LYS A 170 34.70 16.96 25.55
CA LYS A 170 33.53 16.38 26.18
C LYS A 170 32.82 17.40 27.06
N ASN A 171 33.58 18.26 27.74
CA ASN A 171 32.96 19.36 28.47
C ASN A 171 32.15 20.24 27.52
N GLU A 172 32.73 20.65 26.39
CA GLU A 172 31.97 21.46 25.45
C GLU A 172 30.70 20.74 24.99
N MET A 173 30.83 19.44 24.67
CA MET A 173 29.69 18.66 24.22
C MET A 173 28.55 18.68 25.24
N ALA A 174 28.87 18.42 26.51
CA ALA A 174 27.81 18.37 27.51
C ALA A 174 27.26 19.74 27.84
N ARG A 175 28.11 20.78 27.80
CA ARG A 175 27.62 22.14 28.03
C ARG A 175 26.63 22.54 26.96
N ALA A 176 26.86 22.11 25.72
CA ALA A 176 25.90 22.37 24.65
C ALA A 176 24.57 21.69 24.93
N ASN A 177 24.61 20.41 25.32
CA ASN A 177 23.40 19.64 25.61
C ASN A 177 22.78 20.00 26.97
N HIS A 178 23.22 21.11 27.57
CA HIS A 178 22.64 21.65 28.80
C HIS A 178 22.93 20.76 30.01
N TYR A 179 24.16 20.28 30.11
CA TYR A 179 24.66 19.58 31.27
C TYR A 179 25.91 20.29 31.76
N GLU A 180 26.10 20.34 33.08
CA GLU A 180 27.18 21.16 33.63
C GLU A 180 28.57 20.64 33.30
N ASP A 181 28.70 19.40 32.83
CA ASP A 181 29.94 18.80 32.37
C ASP A 181 29.61 17.39 31.86
N TYR A 182 30.61 16.72 31.30
CA TYR A 182 30.40 15.37 30.79
C TYR A 182 30.05 14.41 31.92
N GLY A 183 30.52 14.69 33.13
CA GLY A 183 30.11 13.90 34.28
C GLY A 183 28.63 14.03 34.59
N ASP A 184 28.07 15.23 34.35
CA ASP A 184 26.62 15.39 34.51
C ASP A 184 25.87 14.59 33.47
N TYR A 185 26.38 14.57 32.22
CA TYR A 185 25.82 13.70 31.19
C TYR A 185 25.84 12.24 31.62
N TRP A 186 26.95 11.80 32.23
CA TRP A 186 27.04 10.41 32.68
C TRP A 186 26.07 10.13 33.82
N ARG A 187 25.92 11.08 34.74
CA ARG A 187 25.01 10.91 35.87
C ARG A 187 23.55 11.04 35.48
N GLY A 188 23.27 11.59 34.30
CA GLY A 188 21.90 11.72 33.85
C GLY A 188 21.19 10.42 33.52
N ASP A 189 21.87 9.28 33.71
CA ASP A 189 21.20 8.00 33.51
C ASP A 189 20.22 7.70 34.63
N TYR A 190 20.54 8.10 35.85
CA TYR A 190 19.66 7.92 36.99
C TYR A 190 18.73 9.10 37.20
N GLU A 191 18.59 9.95 36.19
CA GLU A 191 17.76 11.15 36.29
C GLU A 191 16.29 10.78 36.09
N VAL A 192 15.47 11.12 37.06
CA VAL A 192 14.02 10.91 36.98
C VAL A 192 13.34 12.25 37.27
N ASN A 193 12.45 12.67 36.38
CA ASN A 193 11.79 13.95 36.49
C ASN A 193 10.32 13.80 36.09
N GLY A 194 9.48 14.69 36.62
CA GLY A 194 8.10 14.77 36.24
C GLY A 194 7.19 13.71 36.84
N VAL A 195 7.68 12.89 37.75
CA VAL A 195 6.88 11.87 38.42
C VAL A 195 7.01 12.11 39.91
N ASP A 196 5.97 12.68 40.52
CA ASP A 196 6.04 13.07 41.92
C ASP A 196 6.19 11.85 42.82
N GLY A 197 7.10 11.96 43.80
CA GLY A 197 7.40 10.89 44.70
C GLY A 197 8.52 9.98 44.25
N TYR A 198 8.97 10.10 43.00
CA TYR A 198 10.00 9.22 42.47
C TYR A 198 11.09 9.96 41.72
N ASP A 199 11.04 11.28 41.65
CA ASP A 199 12.04 12.05 40.92
C ASP A 199 13.38 11.98 41.63
N TYR A 200 14.45 12.18 40.87
CA TYR A 200 15.79 11.97 41.38
C TYR A 200 16.73 12.94 40.70
N SER A 201 17.20 13.95 41.43
CA SER A 201 18.12 14.93 40.86
C SER A 201 19.42 14.25 40.44
N ARG A 202 20.13 14.88 39.51
CA ARG A 202 21.38 14.31 39.02
C ARG A 202 22.52 14.41 40.03
N GLY A 203 22.30 15.06 41.18
CA GLY A 203 23.30 15.15 42.21
C GLY A 203 22.95 14.34 43.44
N GLN A 204 21.66 13.97 43.54
CA GLN A 204 21.27 13.02 44.56
C GLN A 204 21.99 11.69 44.36
N LEU A 205 22.36 11.37 43.12
CA LEU A 205 23.24 10.24 42.86
C LEU A 205 24.55 10.38 43.62
N ILE A 206 25.18 11.55 43.52
CA ILE A 206 26.44 11.80 44.23
C ILE A 206 26.24 11.63 45.73
N GLU A 207 25.22 12.29 46.28
CA GLU A 207 25.01 12.20 47.74
C GLU A 207 24.76 10.78 48.19
N ASP A 208 23.88 10.05 47.49
CA ASP A 208 23.56 8.70 47.92
C ASP A 208 24.76 7.78 47.80
N VAL A 209 25.56 7.93 46.74
CA VAL A 209 26.75 7.11 46.60
C VAL A 209 27.74 7.40 47.72
N GLU A 210 27.96 8.68 48.04
CA GLU A 210 28.91 9.01 49.09
C GLU A 210 28.45 8.53 50.45
N HIS A 211 27.16 8.73 50.77
CA HIS A 211 26.65 8.30 52.06
CA HIS A 211 26.62 8.30 52.05
C HIS A 211 26.66 6.78 52.19
N THR A 212 26.27 6.07 51.13
CA THR A 212 26.34 4.62 51.17
C THR A 212 27.78 4.13 51.30
N PHE A 213 28.72 4.80 50.64
CA PHE A 213 30.13 4.42 50.79
C PHE A 213 30.61 4.67 52.20
N GLU A 214 30.13 5.75 52.84
CA GLU A 214 30.40 5.94 54.26
C GLU A 214 29.96 4.73 55.07
N GLU A 215 28.77 4.20 54.77
CA GLU A 215 28.34 2.98 55.46
C GLU A 215 29.15 1.74 55.05
N ILE A 216 29.80 1.76 53.89
CA ILE A 216 30.60 0.59 53.48
C ILE A 216 32.00 0.61 54.10
N LYS A 217 32.53 1.79 54.43
CA LYS A 217 33.94 1.89 54.85
C LYS A 217 34.43 0.87 55.88
N PRO A 218 33.68 0.53 56.95
CA PRO A 218 34.28 -0.34 57.98
C PRO A 218 34.65 -1.74 57.50
N LEU A 219 33.75 -2.40 56.76
CA LEU A 219 34.07 -3.72 56.22
C LEU A 219 35.32 -3.68 55.36
N TYR A 220 35.48 -2.60 54.59
CA TYR A 220 36.67 -2.46 53.76
C TYR A 220 37.91 -2.21 54.60
N GLU A 221 37.79 -1.51 55.74
CA GLU A 221 38.95 -1.32 56.60
C GLU A 221 39.43 -2.65 57.20
N HIS A 222 38.50 -3.46 57.70
CA HIS A 222 38.93 -4.75 58.25
C HIS A 222 39.43 -5.70 57.17
N LEU A 223 38.81 -5.68 55.98
CA LEU A 223 39.35 -6.48 54.89
C LEU A 223 40.74 -6.00 54.51
N HIS A 224 40.97 -4.68 54.55
CA HIS A 224 42.29 -4.14 54.26
C HIS A 224 43.32 -4.58 55.28
N ALA A 225 42.98 -4.52 56.57
CA ALA A 225 43.90 -4.96 57.61
C ALA A 225 44.25 -6.43 57.46
N TYR A 226 43.25 -7.28 57.22
CA TYR A 226 43.51 -8.70 57.08
C TYR A 226 44.36 -9.00 55.84
N VAL A 227 44.01 -8.40 54.70
CA VAL A 227 44.76 -8.60 53.47
C VAL A 227 46.18 -8.05 53.62
N ARG A 228 46.31 -6.92 54.30
CA ARG A 228 47.63 -6.37 54.57
C ARG A 228 48.45 -7.34 55.41
N ALA A 229 47.82 -7.99 56.38
CA ALA A 229 48.55 -8.96 57.20
C ALA A 229 49.05 -10.11 56.34
N LYS A 230 48.15 -10.71 55.56
CA LYS A 230 48.54 -11.88 54.77
C LYS A 230 49.61 -11.51 53.74
N LEU A 231 49.50 -10.33 53.15
CA LEU A 231 50.49 -9.89 52.16
C LEU A 231 51.82 -9.55 52.82
N MET A 232 51.77 -8.96 54.02
CA MET A 232 52.96 -8.71 54.81
C MET A 232 53.71 -10.00 55.09
N ASN A 233 52.97 -11.09 55.27
CA ASN A 233 53.60 -12.40 55.30
C ASN A 233 54.20 -12.74 53.94
N ALA A 234 53.41 -12.60 52.87
CA ALA A 234 53.90 -12.93 51.54
C ALA A 234 55.21 -12.20 51.23
N TYR A 235 55.19 -10.88 51.29
CA TYR A 235 56.38 -10.07 51.04
C TYR A 235 56.95 -9.59 52.36
N PRO A 236 58.14 -10.04 52.75
CA PRO A 236 58.56 -9.90 54.15
C PRO A 236 59.01 -8.50 54.52
N SER A 237 59.22 -7.63 53.55
CA SER A 237 59.84 -6.35 53.83
C SER A 237 59.35 -5.30 52.85
N TYR A 238 58.05 -5.28 52.57
CA TYR A 238 57.57 -4.40 51.52
C TYR A 238 56.26 -3.69 51.80
N ILE A 239 55.58 -3.93 52.92
CA ILE A 239 54.39 -3.17 53.27
C ILE A 239 54.46 -2.78 54.75
N SER A 240 54.04 -1.54 55.05
CA SER A 240 54.01 -1.06 56.43
C SER A 240 52.76 -1.60 57.12
N PRO A 241 52.88 -2.21 58.30
CA PRO A 241 51.70 -2.77 58.97
C PRO A 241 50.59 -1.76 59.20
N ILE A 242 50.94 -0.48 59.07
CA ILE A 242 49.98 0.62 59.13
C ILE A 242 49.91 1.37 57.81
N GLY A 243 50.58 0.88 56.77
CA GLY A 243 50.68 1.58 55.51
C GLY A 243 49.69 1.10 54.47
N CYS A 244 49.47 1.95 53.47
CA CYS A 244 48.62 1.57 52.35
C CYS A 244 49.21 0.38 51.62
N LEU A 245 48.33 -0.49 51.13
CA LEU A 245 48.79 -1.62 50.34
C LEU A 245 49.45 -1.11 49.07
N PRO A 246 50.56 -1.71 48.64
CA PRO A 246 51.16 -1.31 47.36
C PRO A 246 50.28 -1.70 46.20
N ALA A 247 50.59 -1.11 45.04
CA ALA A 247 49.72 -1.21 43.87
C ALA A 247 49.95 -2.48 43.06
N HIS A 248 51.19 -2.75 42.67
CA HIS A 248 51.50 -3.88 41.79
C HIS A 248 51.36 -5.20 42.52
N LEU A 249 50.69 -5.18 43.67
CA LEU A 249 50.55 -6.34 44.52
C LEU A 249 49.09 -6.67 44.81
N LEU A 250 48.16 -5.97 44.17
CA LEU A 250 46.75 -6.04 44.51
C LEU A 250 46.01 -7.16 43.79
N GLY A 251 46.59 -7.75 42.76
CA GLY A 251 45.97 -8.82 42.01
C GLY A 251 45.86 -8.57 40.52
N ASP A 252 45.82 -7.30 40.09
CA ASP A 252 45.71 -6.96 38.69
C ASP A 252 46.50 -5.69 38.42
N MET A 253 46.53 -5.27 37.15
CA MET A 253 47.36 -4.13 36.76
C MET A 253 46.91 -2.84 37.43
N TRP A 254 45.61 -2.69 37.68
CA TRP A 254 45.10 -1.46 38.28
C TRP A 254 44.74 -1.60 39.74
N GLY A 255 44.44 -2.82 40.20
CA GLY A 255 43.99 -3.02 41.55
C GLY A 255 42.49 -2.94 41.73
N ARG A 256 41.73 -3.12 40.64
CA ARG A 256 40.28 -3.01 40.71
C ARG A 256 39.64 -4.23 41.36
N PHE A 257 40.25 -5.41 41.23
CA PHE A 257 39.74 -6.62 41.87
C PHE A 257 40.86 -7.32 42.62
N TRP A 258 40.62 -7.63 43.90
CA TRP A 258 41.60 -8.33 44.72
C TRP A 258 41.41 -9.84 44.73
N THR A 259 40.70 -10.39 43.76
CA THR A 259 40.30 -11.80 43.83
C THR A 259 41.49 -12.74 43.76
N ASN A 260 42.49 -12.41 42.93
CA ASN A 260 43.68 -13.26 42.81
C ASN A 260 44.34 -13.49 44.15
N LEU A 261 44.50 -12.42 44.94
CA LEU A 261 45.12 -12.48 46.25
C LEU A 261 44.49 -13.55 47.15
N TYR A 262 43.35 -14.11 46.71
CA TYR A 262 42.75 -15.21 47.46
C TYR A 262 43.76 -16.32 47.71
N SER A 263 44.58 -16.64 46.70
CA SER A 263 45.54 -17.73 46.87
C SER A 263 46.51 -17.45 48.01
N LEU A 264 46.76 -16.19 48.31
CA LEU A 264 47.64 -15.80 49.40
C LEU A 264 46.89 -15.33 50.64
N THR A 265 45.55 -15.26 50.59
CA THR A 265 44.78 -14.74 51.72
C THR A 265 43.68 -15.70 52.16
N VAL A 266 43.71 -16.95 51.72
CA VAL A 266 42.64 -17.88 52.11
C VAL A 266 42.69 -18.10 53.61
N PRO A 267 41.55 -17.97 54.31
CA PRO A 267 41.59 -18.10 55.78
C PRO A 267 42.02 -19.48 56.25
N PHE A 268 41.54 -20.53 55.60
CA PHE A 268 41.83 -21.91 55.99
C PHE A 268 42.28 -22.64 54.72
N GLY A 269 43.60 -22.70 54.52
CA GLY A 269 44.12 -23.26 53.28
C GLY A 269 43.77 -24.71 53.08
N GLN A 270 43.79 -25.50 54.15
CA GLN A 270 43.47 -26.93 54.05
C GLN A 270 42.02 -27.15 53.60
N LYS A 271 41.11 -26.28 54.02
CA LYS A 271 39.72 -26.37 53.61
C LYS A 271 39.59 -26.05 52.13
N PRO A 272 39.29 -27.01 51.26
CA PRO A 272 39.19 -26.72 49.84
C PRO A 272 37.89 -26.02 49.50
N ASN A 273 37.89 -25.32 48.38
CA ASN A 273 36.68 -24.65 47.92
C ASN A 273 35.76 -25.65 47.23
N ILE A 274 34.50 -25.26 47.09
CA ILE A 274 33.47 -26.15 46.54
C ILE A 274 33.48 -26.02 45.02
N ASP A 275 33.80 -27.12 44.34
CA ASP A 275 33.84 -27.16 42.87
C ASP A 275 33.30 -28.50 42.43
N VAL A 276 32.20 -28.47 41.68
CA VAL A 276 31.49 -29.69 41.32
C VAL A 276 31.90 -30.12 39.92
N THR A 277 32.92 -29.44 39.35
CA THR A 277 33.29 -29.66 37.95
C THR A 277 33.54 -31.14 37.68
N ASP A 278 34.35 -31.79 38.52
CA ASP A 278 34.60 -33.22 38.36
C ASP A 278 33.30 -34.01 38.43
N ALA A 279 32.46 -33.69 39.43
CA ALA A 279 31.17 -34.37 39.56
C ALA A 279 30.33 -34.21 38.31
N MET A 280 30.37 -33.02 37.69
CA MET A 280 29.65 -32.81 36.44
C MET A 280 30.20 -33.71 35.34
N VAL A 281 31.52 -33.65 35.11
CA VAL A 281 32.12 -34.43 34.03
C VAL A 281 31.85 -35.92 34.23
N ASP A 282 31.63 -36.35 35.46
CA ASP A 282 31.48 -37.76 35.77
C ASP A 282 30.03 -38.24 35.79
N GLN A 283 29.05 -37.35 35.55
CA GLN A 283 27.65 -37.71 35.48
C GLN A 283 27.06 -37.53 34.08
N ALA A 284 27.90 -37.70 33.05
CA ALA A 284 27.53 -37.56 31.65
C ALA A 284 27.02 -36.17 31.30
N TRP A 285 27.27 -35.20 32.18
CA TRP A 285 26.72 -33.87 32.01
C TRP A 285 27.30 -33.20 30.77
N ASP A 286 26.43 -32.77 29.86
CA ASP A 286 26.79 -32.02 28.67
C ASP A 286 26.24 -30.60 28.77
N ALA A 287 26.79 -29.70 27.93
CA ALA A 287 26.33 -28.31 27.92
C ALA A 287 24.82 -28.23 27.72
N GLN A 288 24.26 -29.16 26.95
CA GLN A 288 22.82 -29.31 26.87
C GLN A 288 22.21 -29.40 28.27
N ARG A 289 22.76 -30.29 29.11
CA ARG A 289 22.23 -30.46 30.46
C ARG A 289 22.45 -29.21 31.30
N ILE A 290 23.54 -28.48 31.08
CA ILE A 290 23.79 -27.23 31.81
C ILE A 290 22.68 -26.23 31.52
N PHE A 291 22.42 -25.98 30.24
CA PHE A 291 21.41 -24.99 29.89
C PHE A 291 20.00 -25.49 30.21
N LYS A 292 19.77 -26.80 30.19
CA LYS A 292 18.49 -27.35 30.62
C LYS A 292 18.28 -27.11 32.11
N GLU A 293 19.32 -27.28 32.92
CA GLU A 293 19.21 -26.99 34.35
C GLU A 293 18.95 -25.51 34.60
N ALA A 294 19.58 -24.64 33.80
CA ALA A 294 19.28 -23.21 33.90
C ALA A 294 17.81 -22.93 33.60
N GLU A 295 17.32 -23.44 32.45
CA GLU A 295 15.90 -23.38 32.14
C GLU A 295 15.05 -23.86 33.32
N LYS A 296 15.47 -24.98 33.94
CA LYS A 296 14.69 -25.57 35.01
C LYS A 296 14.61 -24.65 36.22
N PHE A 297 15.72 -23.97 36.54
CA PHE A 297 15.72 -23.01 37.65
C PHE A 297 14.75 -21.88 37.37
N PHE A 298 14.91 -21.20 36.22
CA PHE A 298 14.02 -20.09 35.91
C PHE A 298 12.57 -20.54 35.74
N VAL A 299 12.33 -21.81 35.42
CA VAL A 299 10.97 -22.32 35.37
C VAL A 299 10.43 -22.55 36.77
N SER A 300 11.27 -23.09 37.66
CA SER A 300 10.84 -23.39 39.02
C SER A 300 10.42 -22.12 39.76
N VAL A 301 11.02 -20.97 39.43
CA VAL A 301 10.52 -19.75 40.07
C VAL A 301 9.26 -19.20 39.40
N GLY A 302 8.91 -19.67 38.21
CA GLY A 302 7.66 -19.25 37.58
C GLY A 302 7.80 -18.65 36.21
N LEU A 303 8.96 -18.05 35.92
CA LEU A 303 9.24 -17.44 34.64
C LEU A 303 9.09 -18.45 33.50
N PRO A 304 8.88 -17.98 32.28
CA PRO A 304 8.68 -18.91 31.16
C PRO A 304 9.97 -19.65 30.81
N ASN A 305 9.83 -20.64 29.93
CA ASN A 305 10.96 -21.38 29.41
C ASN A 305 11.52 -20.72 28.16
N MET A 306 12.79 -21.01 27.87
CA MET A 306 13.42 -20.52 26.65
C MET A 306 12.61 -20.93 25.43
N THR A 307 12.34 -19.97 24.55
CA THR A 307 11.68 -20.27 23.30
C THR A 307 12.52 -21.23 22.48
N GLN A 308 11.86 -22.00 21.62
CA GLN A 308 12.58 -22.95 20.77
C GLN A 308 13.61 -22.25 19.89
N GLY A 309 13.45 -20.94 19.66
CA GLY A 309 14.48 -20.19 18.98
C GLY A 309 15.81 -20.24 19.71
N PHE A 310 15.77 -20.25 21.04
CA PHE A 310 17.01 -20.34 21.81
C PHE A 310 17.60 -21.75 21.73
N TRP A 311 16.76 -22.77 21.92
CA TRP A 311 17.24 -24.15 21.84
C TRP A 311 17.60 -24.60 20.44
N GLU A 312 17.36 -23.78 19.42
CA GLU A 312 17.70 -24.15 18.06
C GLU A 312 18.70 -23.22 17.37
N ASN A 313 18.81 -21.97 17.80
CA ASN A 313 19.62 -20.98 17.10
C ASN A 313 20.80 -20.46 17.93
N SER A 314 21.08 -21.08 19.07
CA SER A 314 22.12 -20.60 19.96
C SER A 314 23.34 -21.51 19.90
N MET A 315 24.53 -20.89 19.97
CA MET A 315 25.79 -21.62 20.02
C MET A 315 26.15 -21.81 21.48
N LEU A 316 25.92 -23.03 21.98
CA LEU A 316 26.20 -23.35 23.37
C LEU A 316 27.44 -24.22 23.53
N THR A 317 28.20 -24.44 22.46
CA THR A 317 29.49 -25.11 22.53
C THR A 317 30.45 -24.44 21.56
N ASP A 318 31.74 -24.67 21.77
CA ASP A 318 32.72 -24.23 20.80
C ASP A 318 32.43 -24.93 19.48
N PRO A 319 32.24 -24.19 18.37
CA PRO A 319 31.93 -24.84 17.09
C PRO A 319 32.93 -25.92 16.71
N GLY A 320 34.20 -25.56 16.56
CA GLY A 320 35.20 -26.55 16.22
C GLY A 320 36.45 -25.87 15.68
N ASN A 321 37.30 -26.69 15.07
CA ASN A 321 38.54 -26.19 14.48
C ASN A 321 38.24 -25.33 13.27
N VAL A 322 37.32 -25.78 12.41
CA VAL A 322 37.05 -25.09 11.15
C VAL A 322 36.55 -23.67 11.42
N GLN A 323 35.44 -23.55 12.14
CA GLN A 323 34.92 -22.24 12.46
C GLN A 323 35.73 -21.57 13.56
N LYS A 324 35.73 -20.24 13.54
CA LYS A 324 36.31 -19.42 14.59
C LYS A 324 35.27 -18.44 15.07
N ALA A 325 35.14 -18.30 16.39
CA ALA A 325 34.05 -17.51 16.94
C ALA A 325 34.52 -16.83 18.22
N VAL A 326 33.84 -15.74 18.55
CA VAL A 326 33.98 -15.13 19.87
C VAL A 326 33.45 -16.10 20.92
N CYS A 327 34.07 -16.12 22.10
CA CYS A 327 33.61 -16.99 23.18
C CYS A 327 33.31 -16.24 24.47
N HIS A 328 33.47 -14.93 24.51
CA HIS A 328 33.03 -14.16 25.66
C HIS A 328 31.53 -14.35 25.83
N PRO A 329 31.06 -14.91 26.95
CA PRO A 329 29.63 -15.20 27.11
C PRO A 329 28.78 -13.95 26.92
N THR A 330 27.91 -13.99 25.91
CA THR A 330 27.06 -12.85 25.59
C THR A 330 25.62 -13.29 25.48
N ALA A 331 24.72 -12.42 25.97
CA ALA A 331 23.28 -12.59 25.79
C ALA A 331 22.84 -11.71 24.64
N TRP A 332 22.10 -12.28 23.69
CA TRP A 332 21.67 -11.58 22.50
C TRP A 332 20.16 -11.55 22.43
N ASP A 333 19.60 -10.36 22.30
CA ASP A 333 18.18 -10.15 22.01
C ASP A 333 18.12 -9.52 20.63
N LEU A 334 17.90 -10.34 19.60
CA LEU A 334 17.79 -9.74 18.28
C LEU A 334 16.41 -9.15 18.04
N GLY A 335 15.46 -9.40 18.94
CA GLY A 335 14.10 -8.92 18.79
C GLY A 335 13.27 -9.86 17.94
N LYS A 336 12.02 -9.44 17.71
CA LYS A 336 11.09 -10.16 16.86
C LYS A 336 10.92 -11.61 17.33
N GLY A 337 11.07 -11.83 18.63
CA GLY A 337 10.94 -13.13 19.23
C GLY A 337 12.20 -13.97 19.24
N ASP A 338 13.34 -13.41 18.85
CA ASP A 338 14.58 -14.17 18.69
C ASP A 338 15.54 -13.82 19.83
N PHE A 339 15.79 -14.79 20.69
CA PHE A 339 16.66 -14.64 21.85
C PHE A 339 17.70 -15.74 21.79
N ARG A 340 18.97 -15.39 21.98
CA ARG A 340 20.05 -16.36 21.89
C ARG A 340 21.10 -16.10 22.95
N ILE A 341 21.94 -17.10 23.18
CA ILE A 341 23.10 -17.00 24.06
C ILE A 341 24.30 -17.52 23.31
N LEU A 342 25.36 -16.71 23.23
CA LEU A 342 26.62 -17.14 22.65
C LEU A 342 27.56 -17.47 23.81
N MET A 343 27.91 -18.75 23.93
CA MET A 343 28.80 -19.20 24.99
C MET A 343 29.48 -20.49 24.55
N CYS A 344 30.82 -20.50 24.61
CA CYS A 344 31.59 -21.71 24.32
C CYS A 344 31.69 -22.54 25.61
N THR A 345 30.56 -23.16 25.96
CA THR A 345 30.41 -23.81 27.25
C THR A 345 31.39 -24.97 27.41
N LYS A 346 32.00 -25.05 28.59
CA LYS A 346 32.82 -26.17 29.00
C LYS A 346 32.24 -26.75 30.28
N VAL A 347 32.47 -28.04 30.50
CA VAL A 347 31.87 -28.71 31.65
C VAL A 347 32.62 -28.30 32.92
N THR A 348 32.45 -27.05 33.34
CA THR A 348 32.97 -26.56 34.61
C THR A 348 31.85 -25.89 35.38
N MET A 349 32.09 -25.66 36.67
CA MET A 349 31.10 -24.97 37.49
C MET A 349 31.04 -23.50 37.14
N ASP A 350 32.16 -22.90 36.72
CA ASP A 350 32.14 -21.50 36.32
C ASP A 350 31.17 -21.27 35.18
N ASP A 351 31.19 -22.14 34.17
CA ASP A 351 30.30 -21.98 33.04
C ASP A 351 28.86 -22.31 33.41
N PHE A 352 28.65 -23.16 34.41
CA PHE A 352 27.32 -23.41 34.95
C PHE A 352 26.74 -22.12 35.54
N LEU A 353 27.51 -21.46 36.42
CA LEU A 353 27.07 -20.19 36.99
C LEU A 353 26.88 -19.13 35.91
N THR A 354 27.81 -19.05 34.96
CA THR A 354 27.71 -18.05 33.90
C THR A 354 26.52 -18.31 32.99
N ALA A 355 26.17 -19.59 32.80
CA ALA A 355 24.98 -19.91 32.03
C ALA A 355 23.73 -19.40 32.73
N HIS A 356 23.64 -19.63 34.05
CA HIS A 356 22.52 -19.06 34.79
C HIS A 356 22.50 -17.53 34.71
N HIS A 357 23.67 -16.91 34.77
CA HIS A 357 23.76 -15.44 34.74
C HIS A 357 23.27 -14.90 33.39
N GLU A 358 23.76 -15.49 32.30
CA GLU A 358 23.38 -15.01 30.98
C GLU A 358 21.94 -15.35 30.62
N MET A 359 21.42 -16.50 31.09
CA MET A 359 20.01 -16.81 30.89
C MET A 359 19.13 -15.90 31.74
N GLY A 360 19.63 -15.38 32.85
CA GLY A 360 18.91 -14.34 33.56
C GLY A 360 18.83 -13.06 32.75
N HIS A 361 19.95 -12.66 32.13
CA HIS A 361 19.89 -11.61 31.11
C HIS A 361 18.78 -11.91 30.09
N ILE A 362 18.73 -13.14 29.60
CA ILE A 362 17.78 -13.50 28.55
C ILE A 362 16.34 -13.38 29.05
N GLN A 363 16.08 -13.88 30.26
CA GLN A 363 14.74 -13.76 30.82
C GLN A 363 14.34 -12.31 30.99
N TYR A 364 15.26 -11.47 31.47
CA TYR A 364 14.96 -10.05 31.59
C TYR A 364 14.60 -9.48 30.23
N ASP A 365 15.34 -9.86 29.18
CA ASP A 365 15.02 -9.42 27.82
C ASP A 365 13.62 -9.86 27.41
N MET A 366 13.28 -11.14 27.67
CA MET A 366 11.97 -11.66 27.27
C MET A 366 10.84 -10.91 27.97
N ALA A 367 11.05 -10.52 29.23
CA ALA A 367 10.00 -9.83 29.96
C ALA A 367 9.70 -8.46 29.35
N TYR A 368 10.72 -7.61 29.20
CA TYR A 368 10.52 -6.28 28.66
C TYR A 368 10.36 -6.24 27.14
N ALA A 369 9.91 -7.33 26.52
CA ALA A 369 9.77 -7.34 25.08
C ALA A 369 8.45 -6.74 24.62
N ALA A 370 7.38 -6.86 25.42
CA ALA A 370 6.08 -6.33 25.03
C ALA A 370 6.08 -4.80 24.93
N GLN A 371 7.04 -4.13 25.58
CA GLN A 371 7.12 -2.68 25.58
C GLN A 371 7.53 -2.16 24.19
N PRO A 372 7.38 -0.87 23.93
CA PRO A 372 7.89 -0.31 22.67
C PRO A 372 9.40 -0.43 22.58
N PHE A 373 9.90 -0.37 21.35
CA PHE A 373 11.31 -0.67 21.08
C PHE A 373 12.25 0.23 21.90
N LEU A 374 12.03 1.54 21.85
CA LEU A 374 12.88 2.45 22.63
C LEU A 374 12.84 2.14 24.11
N LEU A 375 11.73 1.57 24.58
CA LEU A 375 11.56 1.24 25.99
C LEU A 375 11.96 -0.20 26.32
N ARG A 376 12.67 -0.87 25.43
CA ARG A 376 13.16 -2.23 25.67
C ARG A 376 14.61 -2.13 26.12
N ASN A 377 14.82 -2.20 27.43
CA ASN A 377 16.15 -2.12 28.03
C ASN A 377 16.01 -2.36 29.54
N GLY A 378 17.11 -2.17 30.29
CA GLY A 378 17.05 -2.26 31.73
C GLY A 378 16.76 -0.90 32.37
N ALA A 379 16.22 -0.96 33.60
CA ALA A 379 15.77 0.25 34.27
C ALA A 379 16.89 1.28 34.38
N ASN A 380 18.12 0.83 34.62
CA ASN A 380 19.28 1.73 34.53
C ASN A 380 20.46 0.91 34.04
N GLU A 381 21.65 1.50 34.12
CA GLU A 381 22.83 0.85 33.55
C GLU A 381 23.33 -0.33 34.38
N GLY A 382 22.77 -0.59 35.55
CA GLY A 382 23.26 -1.66 36.39
C GLY A 382 22.23 -2.72 36.75
N PHE A 383 21.05 -2.64 36.15
CA PHE A 383 19.97 -3.57 36.50
C PHE A 383 20.25 -4.97 35.96
N HIS A 384 20.64 -5.05 34.68
CA HIS A 384 20.88 -6.31 33.98
C HIS A 384 21.89 -7.22 34.68
N GLU A 385 23.12 -6.74 34.78
CA GLU A 385 24.18 -7.55 35.35
C GLU A 385 23.86 -7.93 36.79
N ALA A 386 23.12 -7.06 37.50
CA ALA A 386 22.66 -7.39 38.84
C ALA A 386 21.71 -8.59 38.81
N VAL A 387 20.78 -8.60 37.87
CA VAL A 387 19.89 -9.76 37.73
C VAL A 387 20.72 -11.03 37.51
N GLY A 388 21.67 -10.95 36.59
CA GLY A 388 22.51 -12.11 36.32
C GLY A 388 23.24 -12.61 37.56
N GLU A 389 23.75 -11.68 38.36
CA GLU A 389 24.46 -12.07 39.57
C GLU A 389 23.52 -12.68 40.60
N ILE A 390 22.30 -12.17 40.74
CA ILE A 390 21.39 -12.81 41.70
C ILE A 390 21.11 -14.24 41.27
N MET A 391 21.05 -14.50 39.96
CA MET A 391 20.94 -15.87 39.49
C MET A 391 22.15 -16.70 39.91
N SER A 392 23.36 -16.17 39.69
CA SER A 392 24.56 -16.93 40.04
C SER A 392 24.59 -17.25 41.53
N LEU A 393 24.21 -16.29 42.38
CA LEU A 393 24.28 -16.48 43.83
C LEU A 393 23.23 -17.49 44.30
N SER A 394 22.01 -17.41 43.77
CA SER A 394 21.01 -18.41 44.12
C SER A 394 21.50 -19.81 43.71
N ALA A 395 22.23 -19.91 42.60
CA ALA A 395 22.71 -21.21 42.14
C ALA A 395 23.79 -21.77 43.05
N ALA A 396 24.82 -20.97 43.35
CA ALA A 396 26.03 -21.48 43.99
C ALA A 396 25.79 -22.05 45.38
N THR A 397 24.65 -21.73 46.00
CA THR A 397 24.37 -22.19 47.35
C THR A 397 24.44 -23.72 47.41
N PRO A 398 25.14 -24.28 48.39
CA PRO A 398 25.21 -25.75 48.51
C PRO A 398 23.85 -26.41 48.53
N LYS A 399 22.82 -25.71 49.02
CA LYS A 399 21.46 -26.26 48.98
C LYS A 399 21.03 -26.54 47.54
N HIS A 400 21.24 -25.57 46.65
CA HIS A 400 20.85 -25.75 45.26
C HIS A 400 21.66 -26.87 44.61
N LEU A 401 22.98 -26.84 44.78
CA LEU A 401 23.83 -27.88 44.20
C LEU A 401 23.44 -29.26 44.71
N LYS A 402 22.96 -29.35 45.95
CA LYS A 402 22.39 -30.60 46.44
C LYS A 402 21.14 -30.97 45.68
N SER A 403 20.23 -30.00 45.49
CA SER A 403 18.95 -30.27 44.84
C SER A 403 19.15 -30.81 43.43
N ILE A 404 20.01 -30.17 42.64
CA ILE A 404 20.19 -30.58 41.26
C ILE A 404 20.94 -31.90 41.13
N GLY A 405 21.58 -32.37 42.20
CA GLY A 405 22.27 -33.65 42.19
C GLY A 405 23.78 -33.57 42.08
N LEU A 406 24.33 -32.40 41.72
CA LEU A 406 25.78 -32.20 41.65
C LEU A 406 26.44 -32.16 43.01
N LEU A 407 25.70 -32.46 44.07
CA LEU A 407 26.25 -32.49 45.42
C LEU A 407 25.66 -33.69 46.15
N SER A 408 26.34 -34.10 47.21
CA SER A 408 25.89 -35.24 47.99
C SER A 408 24.61 -34.89 48.73
N PRO A 409 23.82 -35.91 49.10
CA PRO A 409 22.58 -35.62 49.86
C PRO A 409 22.83 -35.20 51.29
N ASP A 410 24.04 -35.41 51.82
CA ASP A 410 24.35 -35.07 53.21
C ASP A 410 25.63 -34.28 53.35
N PHE A 411 26.06 -33.58 52.30
CA PHE A 411 27.23 -32.72 52.41
C PHE A 411 26.96 -31.66 53.46
N GLN A 412 27.71 -31.70 54.55
CA GLN A 412 27.50 -30.77 55.64
C GLN A 412 28.53 -29.64 55.58
N GLU A 413 28.04 -28.41 55.67
CA GLU A 413 28.89 -27.25 55.60
C GLU A 413 29.84 -27.20 56.79
N ASP A 414 30.88 -26.39 56.66
CA ASP A 414 31.78 -26.09 57.76
C ASP A 414 31.99 -24.58 57.77
N ASN A 415 31.97 -24.00 58.97
CA ASN A 415 32.10 -22.55 59.09
C ASN A 415 33.38 -22.05 58.44
N GLU A 416 34.42 -22.90 58.36
CA GLU A 416 35.66 -22.48 57.74
C GLU A 416 35.50 -22.29 56.23
N THR A 417 34.76 -23.18 55.56
CA THR A 417 34.57 -22.98 54.13
C THR A 417 33.54 -21.90 53.83
N GLU A 418 32.58 -21.67 54.74
CA GLU A 418 31.73 -20.49 54.56
C GLU A 418 32.53 -19.21 54.73
N ILE A 419 33.52 -19.21 55.65
CA ILE A 419 34.42 -18.06 55.74
C ILE A 419 35.23 -17.91 54.45
N ASN A 420 35.74 -19.02 53.91
CA ASN A 420 36.49 -18.94 52.66
C ASN A 420 35.62 -18.41 51.52
N PHE A 421 34.39 -18.91 51.43
CA PHE A 421 33.47 -18.48 50.37
C PHE A 421 33.15 -17.00 50.52
N LEU A 422 32.73 -16.59 51.71
CA LEU A 422 32.44 -15.17 51.94
C LEU A 422 33.67 -14.30 51.73
N LEU A 423 34.86 -14.84 51.99
CA LEU A 423 36.07 -14.04 51.86
C LEU A 423 36.46 -13.85 50.40
N LYS A 424 36.34 -14.91 49.60
CA LYS A 424 36.53 -14.78 48.16
C LYS A 424 35.49 -13.83 47.57
N GLN A 425 34.23 -13.99 47.99
CA GLN A 425 33.16 -13.12 47.53
C GLN A 425 33.43 -11.67 47.92
N ALA A 426 34.02 -11.43 49.09
CA ALA A 426 34.27 -10.06 49.50
C ALA A 426 35.50 -9.48 48.82
N LEU A 427 36.50 -10.33 48.54
CA LEU A 427 37.66 -9.89 47.77
C LEU A 427 37.23 -9.36 46.41
N THR A 428 36.28 -10.05 45.77
CA THR A 428 35.78 -9.55 44.48
C THR A 428 34.80 -8.41 44.65
N ILE A 429 33.69 -8.65 45.36
CA ILE A 429 32.59 -7.70 45.45
C ILE A 429 33.00 -6.47 46.25
N VAL A 430 33.34 -6.66 47.52
CA VAL A 430 33.59 -5.53 48.40
C VAL A 430 34.88 -4.81 47.99
N GLY A 431 35.86 -5.55 47.49
CA GLY A 431 37.16 -4.95 47.18
C GLY A 431 37.12 -3.93 46.07
N THR A 432 36.22 -4.11 45.10
CA THR A 432 36.16 -3.22 43.93
C THR A 432 35.33 -1.96 44.18
N LEU A 433 34.54 -1.92 45.26
CA LEU A 433 33.70 -0.75 45.50
C LEU A 433 34.52 0.50 45.77
N PRO A 434 35.55 0.49 46.63
CA PRO A 434 36.36 1.72 46.79
C PRO A 434 37.07 2.13 45.51
N PHE A 435 37.58 1.16 44.74
CA PHE A 435 38.24 1.49 43.47
C PHE A 435 37.28 2.22 42.53
N THR A 436 36.08 1.64 42.34
CA THR A 436 35.11 2.26 41.45
C THR A 436 34.75 3.66 41.92
N TYR A 437 34.43 3.81 43.21
CA TYR A 437 34.10 5.13 43.76
C TYR A 437 35.22 6.12 43.49
N MET A 438 36.46 5.77 43.85
CA MET A 438 37.58 6.68 43.70
C MET A 438 37.77 7.11 42.26
N LEU A 439 37.76 6.14 41.33
CA LEU A 439 38.08 6.49 39.95
C LEU A 439 36.99 7.36 39.36
N GLU A 440 35.72 6.96 39.55
CA GLU A 440 34.62 7.74 39.02
C GLU A 440 34.58 9.14 39.65
N LYS A 441 34.97 9.25 40.92
CA LYS A 441 35.01 10.56 41.54
C LYS A 441 36.11 11.43 40.92
N TRP A 442 37.26 10.83 40.62
CA TRP A 442 38.32 11.60 39.97
C TRP A 442 37.83 12.14 38.63
N ARG A 443 37.21 11.27 37.82
CA ARG A 443 36.67 11.73 36.54
C ARG A 443 35.62 12.83 36.74
N TRP A 444 34.72 12.64 37.72
CA TRP A 444 33.66 13.61 37.95
C TRP A 444 34.23 14.98 38.28
N MET A 445 35.13 15.05 39.25
CA MET A 445 35.71 16.33 39.63
C MET A 445 36.53 16.93 38.49
N VAL A 446 37.19 16.09 37.69
CA VAL A 446 37.94 16.62 36.56
C VAL A 446 37.00 17.29 35.56
N PHE A 447 35.88 16.62 35.24
CA PHE A 447 34.92 17.22 34.31
C PHE A 447 34.31 18.49 34.87
N LYS A 448 34.10 18.57 36.18
CA LYS A 448 33.62 19.81 36.76
C LYS A 448 34.66 20.93 36.70
N GLY A 449 35.93 20.58 36.52
CA GLY A 449 37.00 21.57 36.49
C GLY A 449 37.61 21.88 37.84
N GLU A 450 37.24 21.14 38.88
CA GLU A 450 37.76 21.41 40.22
C GLU A 450 39.23 21.05 40.33
N ILE A 451 39.65 19.98 39.64
CA ILE A 451 41.03 19.52 39.70
C ILE A 451 41.79 20.15 38.53
N PRO A 452 42.71 21.08 38.79
CA PRO A 452 43.52 21.62 37.69
C PRO A 452 44.36 20.52 37.05
N LYS A 453 44.68 20.72 35.78
CA LYS A 453 45.38 19.69 35.01
C LYS A 453 46.76 19.43 35.61
N ASP A 454 47.50 20.49 35.95
CA ASP A 454 48.83 20.35 36.53
C ASP A 454 48.84 19.59 37.85
N GLN A 455 47.67 19.32 38.44
CA GLN A 455 47.56 18.55 39.66
C GLN A 455 46.72 17.29 39.46
N TRP A 456 46.78 16.71 38.27
CA TRP A 456 46.02 15.49 37.98
C TRP A 456 46.68 14.26 38.61
N MET A 457 47.78 13.81 38.01
CA MET A 457 48.56 12.66 38.47
C MET A 457 48.96 12.74 39.94
N LYS A 458 48.65 13.87 40.58
CA LYS A 458 48.84 14.03 42.02
C LYS A 458 47.56 13.61 42.73
N LYS A 459 46.47 14.37 42.51
CA LYS A 459 45.21 14.13 43.21
C LYS A 459 44.80 12.66 43.18
N TRP A 460 44.83 12.05 41.99
CA TRP A 460 44.55 10.63 41.84
C TRP A 460 45.10 9.82 43.01
N TRP A 461 46.43 9.82 43.15
CA TRP A 461 47.04 8.96 44.15
C TRP A 461 46.61 9.34 45.55
N GLU A 462 46.46 10.65 45.82
CA GLU A 462 45.93 11.07 47.10
C GLU A 462 44.62 10.36 47.40
N MET A 463 43.67 10.45 46.46
CA MET A 463 42.42 9.71 46.63
C MET A 463 42.71 8.21 46.72
N LYS A 464 43.56 7.71 45.83
CA LYS A 464 44.02 6.32 45.90
C LYS A 464 44.49 5.97 47.30
N ARG A 465 45.21 6.88 47.95
CA ARG A 465 45.67 6.61 49.31
C ARG A 465 44.56 6.84 50.33
N GLU A 466 43.75 7.88 50.14
CA GLU A 466 42.83 8.29 51.20
C GLU A 466 41.52 7.53 51.15
N ILE A 467 41.18 6.93 50.00
CA ILE A 467 39.93 6.21 49.82
C ILE A 467 40.17 4.73 49.57
N VAL A 468 40.99 4.40 48.57
CA VAL A 468 41.24 3.00 48.26
C VAL A 468 42.21 2.40 49.27
N GLY A 469 43.14 3.18 49.77
CA GLY A 469 44.14 2.65 50.68
C GLY A 469 45.31 2.01 49.98
N VAL A 470 45.75 2.58 48.87
CA VAL A 470 46.81 2.03 48.05
C VAL A 470 47.88 3.10 47.84
N VAL A 471 49.14 2.68 47.88
CA VAL A 471 50.28 3.57 47.70
C VAL A 471 50.89 3.30 46.32
N GLU A 472 51.34 4.37 45.66
CA GLU A 472 52.05 4.20 44.40
C GLU A 472 53.46 3.67 44.66
N PRO A 473 53.87 2.59 44.00
CA PRO A 473 55.24 2.07 44.22
C PRO A 473 56.32 3.00 43.73
N VAL A 474 55.98 3.99 42.91
CA VAL A 474 56.96 4.86 42.25
C VAL A 474 56.38 6.26 42.15
N PRO A 475 57.17 7.32 42.34
CA PRO A 475 56.66 8.68 42.13
C PRO A 475 56.45 8.98 40.65
N HIS A 476 55.30 9.57 40.33
CA HIS A 476 54.91 9.87 38.95
C HIS A 476 54.71 11.37 38.81
N ASP A 477 55.43 11.99 37.87
CA ASP A 477 55.15 13.36 37.49
C ASP A 477 53.92 13.40 36.59
N GLU A 478 53.51 14.61 36.17
CA GLU A 478 52.32 14.75 35.35
C GLU A 478 52.51 14.27 33.91
N THR A 479 53.70 13.82 33.54
CA THR A 479 53.90 13.22 32.22
C THR A 479 53.23 11.86 32.10
N TYR A 480 52.66 11.34 33.19
CA TYR A 480 51.98 10.05 33.20
C TYR A 480 50.47 10.25 33.04
N CYS A 481 49.76 9.13 32.93
CA CYS A 481 48.31 9.16 32.98
C CYS A 481 47.82 7.76 33.30
N ASP A 482 48.24 7.24 34.45
CA ASP A 482 47.83 5.92 34.90
C ASP A 482 46.32 5.71 34.88
N PRO A 483 45.46 6.70 35.23
CA PRO A 483 44.03 6.52 35.02
C PRO A 483 43.76 5.91 33.66
N ALA A 484 44.10 6.65 32.59
CA ALA A 484 43.85 6.23 31.22
C ALA A 484 44.27 4.80 30.92
N SER A 485 45.11 4.20 31.77
CA SER A 485 45.57 2.84 31.50
C SER A 485 44.48 1.80 31.69
N LEU A 486 43.35 2.15 32.30
CA LEU A 486 42.26 1.19 32.41
C LEU A 486 41.51 1.13 31.08
N PHE A 487 40.82 0.01 30.85
CA PHE A 487 40.12 -0.17 29.60
C PHE A 487 38.94 0.80 29.51
N HIS A 488 38.27 1.05 30.65
CA HIS A 488 37.04 1.82 30.66
C HIS A 488 37.28 3.32 30.59
N VAL A 489 38.40 3.79 31.09
CA VAL A 489 38.68 5.23 31.13
C VAL A 489 39.08 5.76 29.76
N SER A 490 39.89 5.01 29.01
CA SER A 490 40.30 5.43 27.69
C SER A 490 39.32 5.05 26.61
N ASN A 491 38.34 4.20 26.92
CA ASN A 491 37.33 3.77 25.96
C ASN A 491 35.96 4.35 26.29
N ASP A 492 35.93 5.39 27.14
CA ASP A 492 34.76 6.24 27.33
C ASP A 492 33.53 5.42 27.75
N TYR A 493 33.65 4.77 28.90
CA TYR A 493 32.56 4.02 29.50
C TYR A 493 32.29 4.56 30.90
N SER A 494 31.05 4.96 31.16
CA SER A 494 30.67 5.32 32.52
C SER A 494 30.92 4.13 33.44
N PHE A 495 31.42 4.40 34.64
CA PHE A 495 31.89 3.35 35.55
C PHE A 495 30.92 3.00 36.66
N ILE A 496 30.26 3.99 37.27
CA ILE A 496 29.49 3.82 38.51
C ILE A 496 28.48 2.67 38.41
N ARG A 497 28.30 2.16 37.18
CA ARG A 497 27.33 1.08 36.95
C ARG A 497 27.62 -0.13 37.84
N TYR A 498 28.90 -0.40 38.11
CA TYR A 498 29.26 -1.59 38.87
C TYR A 498 28.97 -1.42 40.37
N TYR A 499 29.37 -0.29 40.95
CA TYR A 499 28.97 0.05 42.31
C TYR A 499 27.46 -0.09 42.48
N THR A 500 26.71 0.61 41.62
CA THR A 500 25.26 0.55 41.67
C THR A 500 24.76 -0.88 41.57
N ARG A 501 25.17 -1.61 40.52
CA ARG A 501 24.77 -2.99 40.32
C ARG A 501 25.00 -3.84 41.56
N THR A 502 26.14 -3.65 42.23
CA THR A 502 26.42 -4.39 43.45
C THR A 502 25.35 -4.15 44.51
N LEU A 503 25.17 -2.88 44.88
CA LEU A 503 24.14 -2.56 45.88
C LEU A 503 22.79 -3.09 45.42
N TYR A 504 22.50 -2.97 44.12
CA TYR A 504 21.22 -3.43 43.57
C TYR A 504 21.04 -4.92 43.76
N GLN A 505 22.04 -5.71 43.36
CA GLN A 505 21.88 -7.15 43.37
C GLN A 505 21.69 -7.65 44.79
N PHE A 506 22.36 -7.03 45.75
CA PHE A 506 22.15 -7.47 47.13
C PHE A 506 20.76 -7.08 47.64
N GLN A 507 20.28 -5.87 47.33
CA GLN A 507 18.92 -5.53 47.72
C GLN A 507 17.92 -6.50 47.09
N PHE A 508 18.08 -6.77 45.79
CA PHE A 508 17.22 -7.72 45.08
C PHE A 508 17.20 -9.05 45.79
N GLN A 509 18.39 -9.63 45.99
CA GLN A 509 18.49 -10.97 46.55
C GLN A 509 17.87 -11.03 47.94
N GLU A 510 18.08 -10.01 48.76
CA GLU A 510 17.50 -10.07 50.10
C GLU A 510 15.98 -10.03 50.04
N ALA A 511 15.41 -9.15 49.20
CA ALA A 511 13.95 -9.11 49.11
C ALA A 511 13.39 -10.43 48.57
N LEU A 512 14.03 -10.99 47.54
CA LEU A 512 13.55 -12.24 46.97
C LEU A 512 13.62 -13.37 47.98
N CYS A 513 14.73 -13.47 48.71
CA CYS A 513 14.84 -14.50 49.74
C CYS A 513 13.80 -14.30 50.84
N GLN A 514 13.44 -13.04 51.12
CA GLN A 514 12.31 -12.80 52.02
C GLN A 514 11.04 -13.43 51.47
N ALA A 515 10.73 -13.16 50.20
CA ALA A 515 9.55 -13.76 49.60
C ALA A 515 9.64 -15.28 49.59
N ALA A 516 10.86 -15.82 49.42
CA ALA A 516 11.08 -17.25 49.35
C ALA A 516 11.19 -17.93 50.71
N LYS A 517 11.09 -17.16 51.80
CA LYS A 517 10.99 -17.72 53.15
C LYS A 517 12.25 -18.47 53.57
N HIS A 518 13.41 -17.98 53.14
CA HIS A 518 14.66 -18.58 53.54
C HIS A 518 15.11 -17.99 54.87
N GLU A 519 15.59 -18.85 55.76
CA GLU A 519 16.08 -18.45 57.08
C GLU A 519 17.56 -18.76 57.20
N GLY A 520 18.25 -17.97 58.02
CA GLY A 520 19.67 -18.12 58.22
C GLY A 520 20.48 -17.10 57.47
N PRO A 521 21.79 -17.33 57.35
CA PRO A 521 22.64 -16.38 56.62
C PRO A 521 22.22 -16.22 55.17
N LEU A 522 22.40 -15.00 54.65
CA LEU A 522 21.89 -14.66 53.33
C LEU A 522 22.60 -15.42 52.21
N HIS A 523 23.88 -15.75 52.41
CA HIS A 523 24.66 -16.46 51.39
C HIS A 523 24.25 -17.91 51.23
N LYS A 524 23.23 -18.38 51.95
CA LYS A 524 22.76 -19.75 51.84
C LYS A 524 21.35 -19.83 51.27
N CYS A 525 20.83 -18.74 50.73
CA CYS A 525 19.45 -18.69 50.27
C CYS A 525 19.37 -19.08 48.80
N ASP A 526 18.39 -19.91 48.46
CA ASP A 526 18.13 -20.33 47.09
C ASP A 526 16.67 -20.07 46.79
N ILE A 527 16.41 -19.27 45.74
CA ILE A 527 15.04 -18.92 45.36
C ILE A 527 14.34 -20.04 44.61
N SER A 528 14.97 -21.20 44.48
CA SER A 528 14.40 -22.29 43.72
C SER A 528 13.06 -22.72 44.31
N ASN A 529 12.16 -23.13 43.42
CA ASN A 529 10.83 -23.62 43.77
C ASN A 529 9.95 -22.54 44.41
N SER A 530 10.39 -21.29 44.45
CA SER A 530 9.63 -20.21 45.07
C SER A 530 8.94 -19.41 43.98
N THR A 531 7.61 -19.54 43.91
CA THR A 531 6.86 -18.85 42.86
C THR A 531 6.71 -17.37 43.15
N GLU A 532 6.66 -16.99 44.43
CA GLU A 532 6.35 -15.62 44.81
C GLU A 532 7.51 -14.69 44.48
N ALA A 533 8.74 -15.12 44.78
CA ALA A 533 9.89 -14.32 44.40
C ALA A 533 9.98 -14.18 42.89
N GLY A 534 9.60 -15.23 42.16
CA GLY A 534 9.55 -15.14 40.71
C GLY A 534 8.56 -14.09 40.23
N GLN A 535 7.36 -14.09 40.81
CA GLN A 535 6.37 -13.08 40.44
C GLN A 535 6.86 -11.67 40.74
N LYS A 536 7.51 -11.48 41.89
CA LYS A 536 8.02 -10.16 42.25
C LYS A 536 9.09 -9.70 41.26
N LEU A 537 10.09 -10.56 41.02
CA LEU A 537 11.11 -10.22 40.06
C LEU A 537 10.51 -9.91 38.69
N PHE A 538 9.50 -10.68 38.28
CA PHE A 538 8.87 -10.44 36.98
C PHE A 538 8.13 -9.11 36.97
N ASN A 539 7.50 -8.75 38.09
CA ASN A 539 6.88 -7.43 38.20
C ASN A 539 7.91 -6.33 38.01
N MET A 540 9.17 -6.62 38.32
CA MET A 540 10.20 -5.64 37.96
C MET A 540 10.64 -5.77 36.51
N LEU A 541 10.79 -7.00 36.02
CA LEU A 541 11.40 -7.23 34.71
C LEU A 541 10.50 -6.75 33.58
N ARG A 542 9.18 -6.88 33.74
CA ARG A 542 8.25 -6.52 32.67
C ARG A 542 8.30 -5.03 32.35
N LEU A 543 8.60 -4.19 33.33
CA LEU A 543 8.56 -2.75 33.12
C LEU A 543 9.69 -2.25 32.21
N GLY A 544 10.78 -3.00 32.10
CA GLY A 544 11.90 -2.59 31.28
C GLY A 544 12.43 -1.21 31.67
N LYS A 545 11.95 -0.17 30.97
CA LYS A 545 12.27 1.20 31.36
C LYS A 545 11.09 2.15 31.11
N SER A 546 9.85 1.64 31.20
CA SER A 546 8.67 2.48 31.05
C SER A 546 8.39 3.31 32.28
N GLU A 547 8.86 2.88 33.46
CA GLU A 547 8.71 3.60 34.72
C GLU A 547 10.10 3.88 35.27
N PRO A 548 10.24 4.81 36.22
CA PRO A 548 11.59 5.14 36.73
C PRO A 548 12.25 3.98 37.47
N TRP A 549 13.58 4.07 37.57
CA TRP A 549 14.35 3.03 38.26
C TRP A 549 13.95 2.93 39.72
N THR A 550 13.60 4.06 40.35
CA THR A 550 13.14 4.03 41.73
C THR A 550 11.88 3.20 41.88
N LEU A 551 10.98 3.27 40.90
CA LEU A 551 9.74 2.52 41.00
C LEU A 551 9.99 1.02 40.91
N ALA A 552 10.84 0.59 39.97
CA ALA A 552 11.16 -0.83 39.88
C ALA A 552 11.88 -1.31 41.13
N LEU A 553 12.78 -0.47 41.67
CA LEU A 553 13.42 -0.79 42.94
C LEU A 553 12.38 -1.03 44.03
N GLU A 554 11.33 -0.20 44.07
CA GLU A 554 10.28 -0.44 45.05
C GLU A 554 9.48 -1.69 44.71
N ASN A 555 9.33 -1.99 43.42
CA ASN A 555 8.57 -3.17 43.03
C ASN A 555 9.25 -4.45 43.46
N VAL A 556 10.58 -4.44 43.59
CA VAL A 556 11.25 -5.63 44.15
C VAL A 556 11.57 -5.44 45.63
N VAL A 557 12.54 -4.60 45.94
CA VAL A 557 13.06 -4.56 47.30
C VAL A 557 12.11 -3.83 48.25
N GLY A 558 11.15 -3.08 47.72
CA GLY A 558 10.23 -2.36 48.56
C GLY A 558 10.72 -1.02 49.07
N ALA A 559 11.51 -0.31 48.28
CA ALA A 559 12.01 1.00 48.68
C ALA A 559 12.38 1.79 47.43
N LYS A 560 12.44 3.11 47.59
CA LYS A 560 12.69 4.02 46.47
C LYS A 560 14.15 4.44 46.34
N ASN A 561 15.01 4.07 47.29
CA ASN A 561 16.36 4.57 47.32
C ASN A 561 17.35 3.42 47.46
N MET A 562 18.58 3.68 47.01
CA MET A 562 19.66 2.71 47.13
C MET A 562 20.09 2.58 48.59
N ASN A 563 20.44 1.37 49.00
CA ASN A 563 20.76 1.11 50.40
C ASN A 563 21.78 -0.03 50.47
N VAL A 564 22.91 0.22 51.15
CA VAL A 564 23.94 -0.81 51.27
C VAL A 564 23.57 -1.91 52.26
N ARG A 565 22.57 -1.67 53.12
CA ARG A 565 22.29 -2.60 54.21
C ARG A 565 22.15 -4.05 53.77
N PRO A 566 21.54 -4.38 52.62
CA PRO A 566 21.55 -5.79 52.18
C PRO A 566 22.94 -6.34 51.95
N LEU A 567 23.85 -5.53 51.37
CA LEU A 567 25.21 -5.99 51.09
C LEU A 567 25.96 -6.32 52.38
N LEU A 568 25.92 -5.40 53.36
CA LEU A 568 26.54 -5.66 54.65
C LEU A 568 25.86 -6.82 55.36
N ASN A 569 24.54 -6.95 55.20
CA ASN A 569 23.83 -8.06 55.82
C ASN A 569 24.25 -9.38 55.20
N TYR A 570 24.67 -9.35 53.94
CA TYR A 570 25.19 -10.55 53.29
C TYR A 570 26.58 -10.89 53.83
N PHE A 571 27.45 -9.88 53.95
CA PHE A 571 28.84 -10.13 54.34
C PHE A 571 29.11 -10.02 55.85
N GLU A 572 28.07 -9.92 56.68
CA GLU A 572 28.29 -9.74 58.12
C GLU A 572 29.07 -10.86 58.79
N PRO A 573 28.83 -12.16 58.51
CA PRO A 573 29.66 -13.19 59.15
C PRO A 573 31.15 -13.01 58.92
N LEU A 574 31.55 -12.79 57.67
CA LEU A 574 32.94 -12.48 57.37
C LEU A 574 33.40 -11.24 58.12
N PHE A 575 32.50 -10.25 58.29
CA PHE A 575 32.88 -9.04 59.00
C PHE A 575 33.29 -9.35 60.43
N THR A 576 32.48 -10.13 61.12
CA THR A 576 32.83 -10.54 62.48
C THR A 576 34.14 -11.32 62.49
N TRP A 577 34.28 -12.27 61.57
CA TRP A 577 35.49 -13.11 61.55
C TRP A 577 36.73 -12.27 61.28
N LEU A 578 36.62 -11.28 60.39
CA LEU A 578 37.71 -10.34 60.15
C LEU A 578 38.07 -9.62 61.43
N LYS A 579 37.13 -8.86 62.00
CA LYS A 579 37.37 -8.16 63.26
C LYS A 579 38.12 -9.03 64.26
N ASP A 580 37.70 -10.30 64.39
CA ASP A 580 38.41 -11.23 65.24
C ASP A 580 39.87 -11.39 64.80
N GLN A 581 40.09 -11.89 63.57
CA GLN A 581 41.44 -12.18 63.11
C GLN A 581 42.34 -10.94 63.01
N ASN A 582 41.76 -9.75 63.06
CA ASN A 582 42.50 -8.50 63.01
C ASN A 582 42.62 -7.82 64.36
N LYS A 583 42.06 -8.42 65.43
CA LYS A 583 42.30 -7.93 66.78
C LYS A 583 43.75 -7.51 66.99
N ASN A 584 44.70 -8.37 66.61
CA ASN A 584 46.12 -8.10 66.76
C ASN A 584 46.72 -7.45 65.52
N SER A 585 45.92 -6.68 64.78
CA SER A 585 46.39 -5.93 63.62
C SER A 585 45.81 -4.53 63.69
N PHE A 586 46.56 -3.58 63.16
CA PHE A 586 46.05 -2.22 63.05
C PHE A 586 45.02 -2.17 61.93
N VAL A 587 43.83 -1.66 62.23
CA VAL A 587 42.75 -1.54 61.26
C VAL A 587 42.74 -0.12 60.74
N GLY A 588 42.85 0.04 59.43
CA GLY A 588 43.10 1.32 58.82
C GLY A 588 44.47 1.34 58.17
N TRP A 589 44.93 2.56 57.88
CA TRP A 589 46.23 2.75 57.24
C TRP A 589 46.64 4.21 57.38
N SER A 590 47.80 4.54 56.80
CA SER A 590 48.39 5.86 56.89
C SER A 590 48.87 6.32 55.53
N THR A 591 48.58 7.58 55.20
CA THR A 591 48.97 8.14 53.92
C THR A 591 50.48 8.12 53.75
N ASP A 592 51.21 8.42 54.83
CA ASP A 592 52.62 8.80 54.74
C ASP A 592 53.43 7.78 53.96
N TRP A 593 53.21 6.50 54.23
CA TRP A 593 54.08 5.47 53.71
C TRP A 593 54.16 5.47 52.18
N SER A 594 55.26 4.90 51.67
CA SER A 594 55.68 4.96 50.28
C SER A 594 57.08 4.39 50.15
N PRO A 595 57.25 3.23 49.48
CA PRO A 595 58.60 2.64 49.36
C PRO A 595 59.58 3.46 48.54
N TYR A 596 59.86 4.70 48.96
CA TYR A 596 60.80 5.59 48.29
C TYR A 596 61.26 6.73 49.20
N ASN B 1 -22.62 -32.43 -7.25
CA ASN B 1 -21.78 -33.37 -6.52
C ASN B 1 -20.29 -33.14 -6.79
N LEU B 2 -19.85 -31.90 -6.58
CA LEU B 2 -18.43 -31.55 -6.77
C LEU B 2 -17.99 -30.51 -5.75
N CYS B 3 -16.73 -30.64 -5.28
CA CYS B 3 -16.05 -29.67 -4.38
C CYS B 3 -14.57 -29.36 -4.53
N PRO B 4 -14.22 -28.07 -4.42
CA PRO B 4 -12.83 -27.66 -4.28
C PRO B 4 -12.45 -27.41 -2.83
N PHE B 5 -11.54 -28.22 -2.32
CA PHE B 5 -10.91 -28.04 -1.01
C PHE B 5 -9.43 -28.31 -1.13
N ASP B 6 -8.82 -27.75 -2.16
CA ASP B 6 -7.39 -27.90 -2.39
C ASP B 6 -6.87 -26.63 -3.04
N GLU B 7 -7.78 -25.81 -3.53
CA GLU B 7 -7.36 -24.63 -4.29
C GLU B 7 -6.97 -23.49 -3.38
N VAL B 8 -7.64 -23.33 -2.24
CA VAL B 8 -7.38 -22.19 -1.37
C VAL B 8 -6.51 -22.62 -0.20
N PHE B 9 -6.69 -23.86 0.25
CA PHE B 9 -5.90 -24.36 1.36
C PHE B 9 -4.55 -24.89 0.93
N ASN B 10 -4.38 -25.21 -0.34
CA ASN B 10 -3.09 -25.69 -0.85
C ASN B 10 -2.67 -24.78 -2.01
N ALA B 11 -2.20 -23.58 -1.66
CA ALA B 11 -1.71 -22.63 -2.65
C ALA B 11 -0.49 -21.92 -2.10
N THR B 12 0.57 -21.86 -2.89
CA THR B 12 1.80 -21.20 -2.48
C THR B 12 1.77 -19.70 -2.73
N THR B 13 0.61 -19.15 -3.11
CA THR B 13 0.45 -17.73 -3.39
C THR B 13 -0.67 -17.18 -2.51
N PHE B 14 -0.40 -17.10 -1.21
CA PHE B 14 -1.35 -16.47 -0.30
C PHE B 14 -1.28 -14.95 -0.45
N ALA B 15 -2.43 -14.31 -0.25
CA ALA B 15 -2.51 -12.86 -0.40
C ALA B 15 -2.27 -12.18 0.95
N SER B 16 -1.79 -10.93 0.89
CA SER B 16 -1.60 -10.15 2.10
C SER B 16 -2.96 -9.69 2.64
N VAL B 17 -2.93 -8.99 3.77
CA VAL B 17 -4.19 -8.61 4.40
C VAL B 17 -4.85 -7.45 3.66
N TYR B 18 -4.06 -6.45 3.24
CA TYR B 18 -4.62 -5.29 2.58
C TYR B 18 -5.36 -5.70 1.30
N ALA B 19 -5.01 -6.85 0.73
CA ALA B 19 -5.77 -7.43 -0.37
C ALA B 19 -6.22 -8.84 0.00
N TRP B 20 -6.99 -8.97 1.08
CA TRP B 20 -7.45 -10.27 1.52
C TRP B 20 -8.24 -10.97 0.42
N ASN B 21 -7.70 -12.07 -0.10
CA ASN B 21 -8.35 -12.71 -1.23
C ASN B 21 -9.67 -13.34 -0.77
N ARG B 22 -10.66 -13.31 -1.66
CA ARG B 22 -11.94 -13.96 -1.38
C ARG B 22 -12.34 -14.74 -2.63
N LYS B 23 -12.43 -16.06 -2.52
CA LYS B 23 -12.98 -16.87 -3.58
C LYS B 23 -14.27 -17.52 -3.08
N ARG B 24 -15.25 -17.59 -3.97
CA ARG B 24 -16.57 -18.12 -3.69
C ARG B 24 -16.72 -19.48 -4.34
N ILE B 25 -17.46 -20.36 -3.68
CA ILE B 25 -17.65 -21.73 -4.15
C ILE B 25 -19.09 -22.15 -3.85
N SER B 26 -19.86 -22.45 -4.90
CA SER B 26 -21.25 -22.85 -4.75
C SER B 26 -21.42 -24.28 -5.25
N ASN B 27 -22.62 -24.82 -5.02
CA ASN B 27 -23.02 -26.20 -5.32
C ASN B 27 -21.89 -27.18 -5.00
N CYS B 28 -21.63 -27.37 -3.70
CA CYS B 28 -20.46 -28.10 -3.23
C CYS B 28 -20.84 -29.27 -2.34
N VAL B 29 -20.85 -29.02 -1.01
CA VAL B 29 -21.41 -29.86 0.06
C VAL B 29 -20.29 -30.78 0.54
N ALA B 30 -19.03 -30.35 0.44
CA ALA B 30 -17.97 -31.29 0.80
C ALA B 30 -17.95 -31.56 2.29
N ASP B 31 -17.32 -32.66 2.65
CA ASP B 31 -17.28 -33.16 4.01
C ASP B 31 -16.33 -32.32 4.86
N TYR B 32 -16.15 -32.79 6.09
CA TYR B 32 -15.28 -32.19 7.09
C TYR B 32 -13.89 -32.83 7.14
N SER B 33 -13.76 -34.11 6.78
CA SER B 33 -12.46 -34.76 6.88
C SER B 33 -11.45 -34.19 5.91
N VAL B 34 -11.92 -33.50 4.86
CA VAL B 34 -11.00 -32.89 3.91
C VAL B 34 -10.28 -31.73 4.58
N LEU B 35 -10.93 -31.11 5.56
CA LEU B 35 -10.39 -29.99 6.30
C LEU B 35 -10.09 -30.36 7.75
N TYR B 36 -10.08 -31.66 8.06
CA TYR B 36 -9.60 -32.19 9.33
C TYR B 36 -8.43 -33.16 9.14
N ASN B 37 -7.50 -32.83 8.26
CA ASN B 37 -6.28 -33.63 8.13
C ASN B 37 -5.13 -32.72 7.70
N PHE B 38 -4.79 -31.75 8.56
CA PHE B 38 -3.70 -30.81 8.27
C PHE B 38 -3.07 -30.38 9.61
N ALA B 39 -2.56 -31.37 10.38
CA ALA B 39 -1.63 -31.13 11.49
C ALA B 39 -2.31 -30.25 12.55
N PRO B 40 -1.62 -29.54 13.51
CA PRO B 40 -2.42 -28.91 14.57
C PRO B 40 -3.07 -27.61 14.14
N PHE B 41 -2.39 -26.86 13.26
CA PHE B 41 -2.82 -25.55 12.75
C PHE B 41 -3.40 -24.67 13.88
N PHE B 42 -2.52 -24.39 14.86
CA PHE B 42 -2.78 -23.47 15.97
C PHE B 42 -4.15 -23.85 16.55
N THR B 43 -5.13 -22.95 16.48
CA THR B 43 -6.48 -23.32 16.90
C THR B 43 -7.47 -22.54 16.06
N PHE B 44 -8.47 -23.25 15.57
CA PHE B 44 -9.43 -22.76 14.60
C PHE B 44 -10.72 -22.41 15.35
N LYS B 45 -11.03 -21.12 15.42
CA LYS B 45 -12.30 -20.68 15.99
C LYS B 45 -13.41 -20.81 14.97
N CYS B 46 -14.54 -21.37 15.42
CA CYS B 46 -15.70 -21.63 14.56
C CYS B 46 -16.92 -21.06 15.30
N TYR B 47 -17.15 -19.75 15.15
CA TYR B 47 -18.24 -19.07 15.83
C TYR B 47 -19.58 -19.43 15.20
N GLY B 48 -20.63 -19.33 16.01
CA GLY B 48 -21.96 -19.70 15.55
C GLY B 48 -22.05 -21.18 15.19
N VAL B 49 -21.78 -21.50 13.93
CA VAL B 49 -21.84 -22.88 13.48
C VAL B 49 -20.84 -23.73 14.25
N SER B 50 -21.28 -24.89 14.70
CA SER B 50 -20.39 -25.78 15.44
C SER B 50 -19.56 -26.60 14.46
N PRO B 51 -18.22 -26.68 14.66
CA PRO B 51 -17.33 -27.28 13.65
C PRO B 51 -17.81 -28.59 13.05
N THR B 52 -18.12 -29.56 13.91
CA THR B 52 -18.52 -30.88 13.45
C THR B 52 -20.02 -30.96 13.20
N LYS B 53 -20.56 -29.97 12.49
CA LYS B 53 -21.97 -29.93 12.13
C LYS B 53 -22.14 -29.62 10.66
N LEU B 54 -21.27 -30.19 9.82
CA LEU B 54 -21.35 -29.95 8.39
C LEU B 54 -22.44 -30.83 7.77
N ASN B 55 -22.20 -32.14 7.70
CA ASN B 55 -23.18 -33.10 7.15
C ASN B 55 -23.74 -32.60 5.82
N ASP B 56 -25.06 -32.64 5.64
CA ASP B 56 -25.68 -32.07 4.44
C ASP B 56 -26.51 -30.81 4.72
N LEU B 57 -27.60 -30.83 5.50
CA LEU B 57 -28.28 -29.54 5.77
C LEU B 57 -27.39 -28.47 6.41
N CYS B 58 -27.18 -27.39 5.65
CA CYS B 58 -26.33 -26.28 6.06
C CYS B 58 -26.72 -24.98 5.34
N PHE B 59 -25.74 -24.20 4.90
CA PHE B 59 -25.98 -22.90 4.27
C PHE B 59 -26.22 -22.95 2.76
N THR B 60 -26.30 -21.78 2.15
CA THR B 60 -26.41 -21.70 0.71
C THR B 60 -25.08 -21.24 0.16
N ASN B 61 -24.91 -19.94 0.05
CA ASN B 61 -23.73 -19.32 -0.52
C ASN B 61 -22.60 -19.35 0.52
N VAL B 62 -21.36 -19.18 0.03
CA VAL B 62 -20.20 -19.08 0.92
C VAL B 62 -19.14 -18.23 0.25
N TYR B 63 -18.49 -17.37 1.04
CA TYR B 63 -17.44 -16.47 0.60
C TYR B 63 -16.22 -16.78 1.45
N ALA B 64 -15.20 -17.41 0.86
CA ALA B 64 -14.04 -17.87 1.61
C ALA B 64 -12.89 -16.89 1.45
N ASP B 65 -12.44 -16.31 2.56
CA ASP B 65 -11.34 -15.35 2.52
C ASP B 65 -10.05 -16.02 2.95
N SER B 66 -8.94 -15.51 2.42
CA SER B 66 -7.61 -16.06 2.69
C SER B 66 -6.61 -14.93 2.74
N PHE B 67 -5.71 -14.96 3.72
CA PHE B 67 -4.60 -14.02 3.80
C PHE B 67 -3.56 -14.56 4.77
N VAL B 68 -2.59 -13.71 5.12
CA VAL B 68 -1.43 -14.08 5.91
C VAL B 68 -1.30 -13.04 7.02
N ILE B 69 -0.56 -13.40 8.06
CA ILE B 69 -0.48 -12.56 9.26
C ILE B 69 0.50 -13.18 10.25
N ARG B 70 1.26 -12.35 10.98
CA ARG B 70 2.03 -12.89 12.09
C ARG B 70 1.10 -13.43 13.17
N GLY B 71 1.55 -14.50 13.83
CA GLY B 71 0.71 -15.21 14.79
C GLY B 71 0.34 -14.39 16.01
N ASN B 72 1.05 -13.30 16.28
CA ASN B 72 0.62 -12.38 17.33
C ASN B 72 -0.80 -11.88 17.10
N GLU B 73 -1.22 -11.80 15.84
CA GLU B 73 -2.44 -11.08 15.47
C GLU B 73 -3.55 -12.02 15.04
N VAL B 74 -3.40 -13.33 15.24
CA VAL B 74 -4.47 -14.27 14.89
C VAL B 74 -5.69 -14.03 15.77
N SER B 75 -5.46 -13.71 17.05
CA SER B 75 -6.56 -13.38 17.96
C SER B 75 -7.37 -12.20 17.45
N GLN B 76 -6.80 -11.39 16.56
CA GLN B 76 -7.51 -10.24 16.02
C GLN B 76 -8.47 -10.63 14.89
N ILE B 77 -8.16 -11.69 14.15
CA ILE B 77 -9.10 -12.22 13.15
C ILE B 77 -10.21 -12.93 13.90
N ALA B 78 -11.07 -12.13 14.53
CA ALA B 78 -12.12 -12.57 15.44
C ALA B 78 -13.06 -11.41 15.70
N PRO B 79 -14.32 -11.67 16.04
CA PRO B 79 -15.25 -10.56 16.30
C PRO B 79 -14.91 -9.82 17.57
N GLY B 80 -14.92 -8.48 17.47
CA GLY B 80 -14.77 -7.61 18.61
C GLY B 80 -13.39 -7.03 18.79
N GLN B 81 -12.34 -7.74 18.37
CA GLN B 81 -10.97 -7.24 18.55
C GLN B 81 -10.79 -5.90 17.88
N THR B 82 -9.90 -5.08 18.45
CA THR B 82 -9.61 -3.76 17.94
C THR B 82 -8.13 -3.60 17.55
N GLY B 83 -7.44 -4.71 17.32
CA GLY B 83 -6.04 -4.66 16.95
C GLY B 83 -5.83 -4.03 15.59
N ASN B 84 -4.55 -3.95 15.19
CA ASN B 84 -4.19 -3.18 13.99
C ASN B 84 -4.73 -3.84 12.72
N ILE B 85 -4.69 -5.18 12.66
CA ILE B 85 -5.22 -5.87 11.48
C ILE B 85 -6.73 -5.78 11.38
N ALA B 86 -7.41 -5.40 12.47
CA ALA B 86 -8.87 -5.39 12.52
C ALA B 86 -9.46 -4.03 12.17
N ASP B 87 -9.22 -3.03 13.02
CA ASP B 87 -9.81 -1.72 12.81
C ASP B 87 -9.18 -0.95 11.65
N TYR B 88 -8.08 -1.45 11.06
CA TYR B 88 -7.39 -0.77 9.97
C TYR B 88 -7.17 -1.63 8.72
N ASN B 89 -7.21 -2.95 8.80
CA ASN B 89 -6.88 -3.81 7.67
C ASN B 89 -7.99 -4.77 7.28
N TYR B 90 -8.79 -5.24 8.24
CA TYR B 90 -9.72 -6.34 8.06
C TYR B 90 -10.63 -6.50 9.28
N LYS B 91 -11.90 -6.15 9.14
CA LYS B 91 -12.82 -6.20 10.27
C LYS B 91 -13.85 -7.29 10.02
N LEU B 92 -14.04 -8.16 11.01
CA LEU B 92 -15.03 -9.24 11.03
C LEU B 92 -16.26 -8.80 11.81
N PRO B 93 -17.45 -9.13 11.34
CA PRO B 93 -18.67 -8.60 11.98
C PRO B 93 -18.94 -9.26 13.33
N ASP B 94 -19.73 -8.57 14.14
CA ASP B 94 -20.06 -9.08 15.47
C ASP B 94 -21.07 -10.23 15.39
N ASP B 95 -21.89 -10.27 14.34
CA ASP B 95 -22.82 -11.36 14.11
C ASP B 95 -22.21 -12.51 13.31
N PHE B 96 -20.89 -12.51 13.18
CA PHE B 96 -20.18 -13.50 12.36
C PHE B 96 -20.55 -14.91 12.76
N THR B 97 -20.99 -15.70 11.77
CA THR B 97 -21.35 -17.10 11.99
C THR B 97 -20.54 -18.01 11.09
N GLY B 98 -19.33 -17.58 10.72
CA GLY B 98 -18.49 -18.38 9.88
C GLY B 98 -17.48 -19.20 10.66
N CYS B 99 -16.22 -19.17 10.24
CA CYS B 99 -15.20 -19.94 10.93
C CYS B 99 -13.83 -19.36 10.57
N VAL B 100 -12.81 -19.76 11.32
CA VAL B 100 -11.45 -19.24 11.20
C VAL B 100 -10.50 -20.42 11.27
N ILE B 101 -9.49 -20.43 10.38
CA ILE B 101 -8.50 -21.51 10.35
C ILE B 101 -7.13 -20.87 10.17
N ALA B 102 -6.16 -21.27 10.99
CA ALA B 102 -4.84 -20.65 10.96
C ALA B 102 -3.77 -21.71 11.16
N TRP B 103 -2.61 -21.48 10.55
CA TRP B 103 -1.46 -22.37 10.72
C TRP B 103 -0.18 -21.56 10.53
N ASN B 104 0.97 -22.22 10.58
CA ASN B 104 2.25 -21.56 10.35
C ASN B 104 2.68 -21.71 8.89
N SER B 105 3.25 -20.64 8.35
CA SER B 105 3.86 -20.67 7.03
C SER B 105 5.32 -20.28 7.07
N ASN B 106 5.95 -20.31 8.25
CA ASN B 106 7.39 -20.10 8.34
C ASN B 106 8.15 -21.04 7.42
N LYS B 107 7.58 -22.22 7.17
CA LYS B 107 8.21 -23.18 6.30
C LYS B 107 8.22 -22.71 4.85
N LEU B 108 7.26 -21.87 4.45
CA LEU B 108 7.16 -21.50 3.04
C LEU B 108 7.03 -20.00 2.78
N ASP B 109 6.15 -19.30 3.50
CA ASP B 109 5.94 -17.88 3.20
C ASP B 109 7.14 -17.04 3.61
N SER B 110 7.79 -17.39 4.72
CA SER B 110 8.95 -16.65 5.19
C SER B 110 10.20 -17.04 4.39
N THR B 111 11.01 -16.04 4.04
CA THR B 111 12.22 -16.25 3.27
C THR B 111 13.39 -15.56 3.97
N VAL B 112 14.59 -16.12 3.76
CA VAL B 112 15.80 -15.49 4.27
C VAL B 112 15.97 -14.12 3.61
N GLY B 113 16.47 -13.16 4.39
CA GLY B 113 16.58 -11.80 3.93
C GLY B 113 15.28 -11.03 3.94
N GLY B 114 14.14 -11.69 4.10
CA GLY B 114 12.87 -11.01 4.24
C GLY B 114 11.94 -11.20 3.07
N ASN B 115 10.81 -11.87 3.31
CA ASN B 115 9.74 -11.93 2.32
C ASN B 115 8.84 -10.70 2.53
N TYR B 116 9.39 -9.55 2.15
CA TYR B 116 8.68 -8.28 2.32
C TYR B 116 7.47 -8.16 1.42
N ASN B 117 7.26 -9.11 0.50
CA ASN B 117 6.08 -9.07 -0.35
C ASN B 117 4.80 -9.09 0.47
N TYR B 118 4.79 -9.86 1.55
CA TYR B 118 3.64 -9.87 2.44
C TYR B 118 3.68 -8.62 3.32
N ARG B 119 2.56 -7.92 3.39
CA ARG B 119 2.52 -6.60 4.00
C ARG B 119 1.16 -6.40 4.67
N TYR B 120 0.88 -5.17 5.07
CA TYR B 120 -0.33 -4.84 5.83
C TYR B 120 -0.39 -3.33 5.99
N ARG B 121 -1.61 -2.82 6.14
CA ARG B 121 -1.84 -1.40 6.33
C ARG B 121 -1.81 -1.07 7.81
N LEU B 122 -1.23 0.08 8.15
CA LEU B 122 -1.15 0.51 9.55
C LEU B 122 -1.73 1.90 9.80
N PHE B 123 -1.92 2.70 8.76
CA PHE B 123 -2.48 4.05 8.90
C PHE B 123 -3.71 4.19 8.02
N ARG B 124 -4.81 4.65 8.61
CA ARG B 124 -6.04 4.88 7.85
C ARG B 124 -6.90 5.85 8.65
N LYS B 125 -7.34 6.93 7.99
CA LYS B 125 -8.03 8.03 8.66
C LYS B 125 -9.41 7.61 9.16
N SER B 126 -9.67 6.31 9.21
CA SER B 126 -10.97 5.81 9.61
C SER B 126 -10.84 4.36 10.02
N LYS B 127 -11.87 3.86 10.70
CA LYS B 127 -11.96 2.46 11.05
C LYS B 127 -12.62 1.68 9.94
N LEU B 128 -12.36 0.38 9.90
CA LEU B 128 -12.95 -0.45 8.87
C LEU B 128 -14.29 -1.01 9.34
N LYS B 129 -14.99 -1.65 8.42
CA LYS B 129 -16.30 -2.23 8.65
C LYS B 129 -16.28 -3.69 8.23
N PRO B 130 -17.29 -4.47 8.63
CA PRO B 130 -17.30 -5.90 8.32
C PRO B 130 -17.09 -6.21 6.85
N PHE B 131 -16.19 -7.16 6.58
CA PHE B 131 -15.88 -7.65 5.23
C PHE B 131 -15.61 -6.50 4.26
N GLU B 132 -14.76 -5.58 4.67
CA GLU B 132 -14.40 -4.44 3.84
C GLU B 132 -12.93 -4.52 3.43
N ARG B 133 -12.65 -4.05 2.22
CA ARG B 133 -11.32 -4.13 1.61
C ARG B 133 -10.88 -2.74 1.21
N ASP B 134 -9.64 -2.38 1.56
CA ASP B 134 -9.08 -1.10 1.14
C ASP B 134 -7.69 -1.34 0.60
N ILE B 135 -7.47 -1.00 -0.66
CA ILE B 135 -6.20 -1.20 -1.33
C ILE B 135 -5.52 0.14 -1.64
N SER B 136 -5.97 1.22 -0.98
CA SER B 136 -5.41 2.54 -1.24
C SER B 136 -3.93 2.57 -0.88
N THR B 137 -3.12 3.17 -1.75
CA THR B 137 -1.69 3.32 -1.49
C THR B 137 -1.35 4.81 -1.44
N GLU B 138 -2.07 5.57 -0.63
CA GLU B 138 -1.99 7.02 -0.68
C GLU B 138 -1.46 7.51 0.66
N ILE B 139 -0.57 8.50 0.60
CA ILE B 139 0.12 9.05 1.76
C ILE B 139 -0.87 9.39 2.87
N TYR B 140 -0.51 9.10 4.12
CA TYR B 140 -1.43 9.29 5.25
C TYR B 140 -1.16 10.63 5.92
N GLN B 141 -2.09 11.55 5.76
CA GLN B 141 -2.04 12.81 6.49
C GLN B 141 -2.40 12.57 7.96
N ALA B 142 -1.49 12.93 8.87
CA ALA B 142 -1.62 12.64 10.30
C ALA B 142 -1.79 13.89 11.16
N GLY B 143 -1.11 14.97 10.84
CA GLY B 143 -1.23 16.22 11.57
C GLY B 143 -1.73 17.33 10.68
N ASN B 144 -2.44 18.29 11.27
CA ASN B 144 -3.17 19.32 10.53
C ASN B 144 -2.30 20.04 9.52
N LYS B 145 -2.24 19.54 8.28
CA LYS B 145 -1.48 20.23 7.23
C LYS B 145 -1.84 19.57 5.89
N PRO B 146 -2.25 20.37 4.88
CA PRO B 146 -2.66 19.78 3.60
C PRO B 146 -1.57 18.92 2.97
N CYS B 147 -1.64 17.61 3.17
CA CYS B 147 -0.58 16.72 2.69
C CYS B 147 -0.41 16.86 1.19
N ASN B 148 0.82 17.10 0.76
CA ASN B 148 1.13 17.38 -0.65
C ASN B 148 1.06 16.10 -1.48
N GLY B 149 0.21 15.16 -1.10
CA GLY B 149 0.13 13.87 -1.75
C GLY B 149 1.43 13.12 -1.79
N VAL B 150 2.42 13.51 -0.98
CA VAL B 150 3.76 12.94 -1.01
C VAL B 150 4.20 12.65 0.43
N ALA B 151 5.28 11.86 0.54
CA ALA B 151 5.79 11.47 1.85
C ALA B 151 6.41 12.65 2.58
N GLY B 152 6.24 12.67 3.90
CA GLY B 152 6.83 13.72 4.71
C GLY B 152 6.30 13.67 6.14
N VAL B 153 6.50 14.77 6.86
CA VAL B 153 6.02 14.87 8.23
C VAL B 153 4.51 14.70 8.26
N ASN B 154 4.03 13.83 9.13
CA ASN B 154 2.60 13.52 9.24
C ASN B 154 2.04 13.06 7.90
N CYS B 155 2.88 12.39 7.11
CA CYS B 155 2.52 11.93 5.78
C CYS B 155 3.34 10.66 5.51
N TYR B 156 2.78 9.50 5.88
CA TYR B 156 3.47 8.22 5.79
C TYR B 156 2.75 7.29 4.83
N PHE B 157 3.52 6.42 4.18
CA PHE B 157 2.95 5.41 3.30
C PHE B 157 2.08 4.48 4.13
N PRO B 158 0.79 4.32 3.79
CA PRO B 158 -0.14 3.63 4.70
C PRO B 158 0.12 2.15 4.88
N LEU B 159 1.00 1.55 4.08
CA LEU B 159 1.26 0.12 4.15
C LEU B 159 2.69 -0.12 4.61
N GLN B 160 2.84 -0.93 5.67
CA GLN B 160 4.13 -1.40 6.13
C GLN B 160 4.31 -2.86 5.71
N SER B 161 5.55 -3.25 5.43
CA SER B 161 5.85 -4.61 5.01
C SER B 161 6.18 -5.47 6.22
N TYR B 162 5.53 -6.64 6.29
CA TYR B 162 5.89 -7.64 7.29
C TYR B 162 7.34 -8.09 7.13
N GLY B 163 7.71 -8.52 5.93
CA GLY B 163 9.07 -8.94 5.65
C GLY B 163 9.55 -10.05 6.55
N PHE B 164 9.15 -11.28 6.28
CA PHE B 164 9.41 -12.32 7.27
C PHE B 164 10.78 -12.91 7.02
N ARG B 165 11.44 -13.30 8.11
CA ARG B 165 12.67 -14.06 8.09
C ARG B 165 12.54 -15.24 9.05
N PRO B 166 12.81 -16.47 8.59
CA PRO B 166 12.40 -17.67 9.36
C PRO B 166 12.85 -17.70 10.80
N THR B 167 13.93 -17.01 11.14
CA THR B 167 14.44 -17.06 12.51
C THR B 167 13.56 -16.31 13.50
N TYR B 168 12.55 -15.58 13.05
CA TYR B 168 11.67 -14.85 13.97
C TYR B 168 10.98 -15.80 14.94
N GLY B 169 10.59 -15.25 16.08
CA GLY B 169 9.85 -16.02 17.05
C GLY B 169 8.45 -16.31 16.57
N VAL B 170 7.82 -17.29 17.22
CA VAL B 170 6.49 -17.76 16.81
C VAL B 170 5.54 -16.59 16.65
N GLY B 171 5.65 -15.59 17.53
CA GLY B 171 4.75 -14.45 17.46
C GLY B 171 4.88 -13.67 16.16
N HIS B 172 6.11 -13.44 15.71
CA HIS B 172 6.37 -12.71 14.48
C HIS B 172 6.55 -13.63 13.27
N GLN B 173 6.25 -14.93 13.42
CA GLN B 173 6.33 -15.87 12.31
C GLN B 173 5.10 -15.76 11.42
N PRO B 174 5.19 -16.24 10.17
CA PRO B 174 4.07 -16.06 9.23
C PRO B 174 2.99 -17.12 9.35
N TYR B 175 1.93 -16.80 10.08
CA TYR B 175 0.72 -17.61 10.08
C TYR B 175 -0.08 -17.34 8.81
N ARG B 176 -0.71 -18.40 8.30
CA ARG B 176 -1.64 -18.33 7.20
C ARG B 176 -3.04 -18.51 7.75
N VAL B 177 -3.99 -17.73 7.26
CA VAL B 177 -5.36 -17.73 7.79
C VAL B 177 -6.36 -17.79 6.65
N VAL B 178 -7.49 -18.46 6.93
CA VAL B 178 -8.59 -18.63 5.99
C VAL B 178 -9.88 -18.59 6.80
N VAL B 179 -10.78 -17.67 6.46
CA VAL B 179 -12.07 -17.59 7.13
C VAL B 179 -13.16 -18.09 6.17
N LEU B 180 -14.16 -18.75 6.75
CA LEU B 180 -15.23 -19.41 6.01
C LEU B 180 -16.56 -18.75 6.36
N SER B 181 -16.94 -17.71 5.63
CA SER B 181 -18.23 -17.08 5.91
C SER B 181 -19.37 -18.03 5.51
N PHE B 182 -20.59 -17.67 5.92
CA PHE B 182 -21.75 -18.49 5.62
C PHE B 182 -22.97 -17.62 5.50
N GLU B 183 -23.89 -18.00 4.61
CA GLU B 183 -25.17 -17.28 4.46
C GLU B 183 -26.20 -18.24 3.88
N LEU B 184 -27.41 -18.28 4.44
CA LEU B 184 -28.50 -19.14 3.91
C LEU B 184 -29.72 -18.26 3.64
N LEU B 185 -29.54 -17.19 2.88
CA LEU B 185 -30.66 -16.22 2.65
C LEU B 185 -31.43 -16.57 1.38
N HIS B 186 -32.74 -16.82 1.49
CA HIS B 186 -33.60 -17.10 0.30
C HIS B 186 -32.83 -17.86 -0.78
N ALA B 187 -32.53 -19.13 -0.54
CA ALA B 187 -31.82 -19.96 -1.57
C ALA B 187 -31.86 -21.43 -1.15
N PRO B 188 -31.72 -22.39 -2.09
CA PRO B 188 -31.82 -23.81 -1.76
C PRO B 188 -30.47 -24.42 -1.35
N ALA B 189 -30.06 -24.20 -0.10
CA ALA B 189 -28.80 -24.80 0.41
C ALA B 189 -27.74 -24.80 -0.69
N THR B 190 -27.53 -23.65 -1.35
CA THR B 190 -26.57 -23.56 -2.48
C THR B 190 -25.44 -24.60 -2.32
N VAL B 191 -24.64 -24.50 -1.25
CA VAL B 191 -23.61 -25.54 -1.00
C VAL B 191 -24.36 -26.86 -0.79
N CYS B 192 -24.85 -27.20 0.41
CA CYS B 192 -25.68 -28.32 0.87
C CYS B 192 -26.59 -28.78 -0.27
N SER C 2 -41.82 16.43 1.57
CA SER C 2 -40.91 17.04 0.61
C SER C 2 -39.53 16.39 0.68
N THR C 3 -39.45 15.13 0.29
CA THR C 3 -38.18 14.41 0.36
C THR C 3 -37.15 15.07 -0.55
N ILE C 4 -35.91 15.14 -0.07
CA ILE C 4 -34.82 15.71 -0.85
C ILE C 4 -34.65 14.92 -2.15
N GLU C 5 -34.90 13.61 -2.10
CA GLU C 5 -34.86 12.79 -3.30
C GLU C 5 -35.82 13.31 -4.36
N GLU C 6 -37.06 13.63 -3.96
CA GLU C 6 -38.06 14.07 -4.93
C GLU C 6 -37.77 15.48 -5.45
N GLN C 7 -37.28 16.36 -4.58
CA GLN C 7 -36.82 17.68 -5.02
C GLN C 7 -35.77 17.53 -6.11
N ALA C 8 -34.78 16.68 -5.87
CA ALA C 8 -33.73 16.46 -6.88
C ALA C 8 -34.29 15.79 -8.12
N LYS C 9 -35.27 14.91 -7.96
CA LYS C 9 -35.90 14.24 -9.10
C LYS C 9 -36.56 15.26 -10.02
N THR C 10 -37.32 16.19 -9.43
CA THR C 10 -37.98 17.23 -10.21
C THR C 10 -36.96 18.17 -10.86
N PHE C 11 -35.91 18.52 -10.12
CA PHE C 11 -34.82 19.31 -10.68
C PHE C 11 -34.27 18.64 -11.95
N LEU C 12 -33.94 17.35 -11.85
CA LEU C 12 -33.41 16.61 -12.99
C LEU C 12 -34.44 16.47 -14.11
N ASP C 13 -35.72 16.40 -13.74
CA ASP C 13 -36.77 16.27 -14.73
C ASP C 13 -36.86 17.53 -15.59
N LYS C 14 -36.68 18.69 -14.98
CA LYS C 14 -36.56 19.92 -15.79
C LYS C 14 -35.26 19.91 -16.59
N PHE C 15 -34.18 19.42 -15.97
CA PHE C 15 -32.87 19.38 -16.62
C PHE C 15 -32.91 18.66 -17.96
N ASN C 16 -33.50 17.46 -17.98
CA ASN C 16 -33.45 16.66 -19.22
C ASN C 16 -34.17 17.36 -20.37
N HIS C 17 -35.41 17.80 -20.15
CA HIS C 17 -36.17 18.45 -21.21
C HIS C 17 -35.49 19.72 -21.69
N GLU C 18 -34.92 20.51 -20.78
CA GLU C 18 -34.25 21.72 -21.23
C GLU C 18 -32.94 21.40 -21.95
N ALA C 19 -32.23 20.38 -21.47
CA ALA C 19 -30.90 20.12 -22.00
C ALA C 19 -30.96 19.56 -23.41
N GLU C 20 -31.87 18.59 -23.64
CA GLU C 20 -31.92 17.91 -24.93
C GLU C 20 -31.98 18.91 -26.09
N ASP C 21 -32.71 20.01 -25.91
CA ASP C 21 -32.77 21.04 -26.95
C ASP C 21 -31.40 21.64 -27.21
N LEU C 22 -30.71 22.06 -26.14
CA LEU C 22 -29.39 22.68 -26.31
C LEU C 22 -28.39 21.70 -26.91
N PHE C 23 -28.46 20.43 -26.50
CA PHE C 23 -27.56 19.43 -27.06
C PHE C 23 -27.85 19.22 -28.54
N TYR C 24 -29.12 19.28 -28.94
CA TYR C 24 -29.42 19.14 -30.36
C TYR C 24 -28.88 20.33 -31.15
N GLN C 25 -29.08 21.55 -30.64
CA GLN C 25 -28.49 22.73 -31.29
C GLN C 25 -26.98 22.55 -31.49
N SER C 26 -26.28 22.20 -30.40
CA SER C 26 -24.82 22.09 -30.45
C SER C 26 -24.38 20.97 -31.37
N SER C 27 -25.02 19.80 -31.29
CA SER C 27 -24.61 18.67 -32.10
C SER C 27 -24.88 18.93 -33.57
N LEU C 28 -25.98 19.62 -33.90
CA LEU C 28 -26.25 19.91 -35.30
C LEU C 28 -25.25 20.93 -35.84
N ALA C 29 -24.89 21.94 -35.03
CA ALA C 29 -23.86 22.89 -35.47
C ALA C 29 -22.52 22.18 -35.69
N SER C 30 -22.18 21.25 -34.80
CA SER C 30 -20.94 20.48 -34.98
C SER C 30 -21.00 19.63 -36.24
N TRP C 31 -22.14 18.99 -36.50
CA TRP C 31 -22.31 18.24 -37.74
C TRP C 31 -22.13 19.14 -38.95
N ASN C 32 -22.66 20.36 -38.90
CA ASN C 32 -22.46 21.29 -40.00
C ASN C 32 -20.98 21.60 -40.22
N TYR C 33 -20.26 21.90 -39.13
CA TYR C 33 -18.84 22.25 -39.29
C TYR C 33 -18.04 21.06 -39.85
N ASN C 34 -18.27 19.86 -39.31
CA ASN C 34 -17.52 18.70 -39.78
C ASN C 34 -17.85 18.34 -41.22
N THR C 35 -19.10 18.57 -41.65
CA THR C 35 -19.54 18.23 -43.00
C THR C 35 -19.39 19.38 -43.99
N ASN C 36 -19.08 20.59 -43.51
CA ASN C 36 -19.02 21.76 -44.37
C ASN C 36 -18.13 22.81 -43.70
N ILE C 37 -16.82 22.55 -43.66
CA ILE C 37 -15.86 23.42 -42.97
C ILE C 37 -15.90 24.82 -43.54
N THR C 38 -16.72 25.69 -42.94
CA THR C 38 -16.83 27.08 -43.34
C THR C 38 -16.85 27.96 -42.10
N GLU C 39 -16.26 29.17 -42.25
CA GLU C 39 -16.19 30.14 -41.17
C GLU C 39 -17.55 30.32 -40.49
N GLU C 40 -18.61 30.40 -41.29
CA GLU C 40 -19.96 30.53 -40.76
C GLU C 40 -20.29 29.39 -39.79
N ASN C 41 -20.16 28.15 -40.28
CA ASN C 41 -20.46 26.99 -39.44
C ASN C 41 -19.55 26.94 -38.21
N VAL C 42 -18.30 27.38 -38.37
CA VAL C 42 -17.37 27.41 -37.25
C VAL C 42 -17.91 28.31 -36.14
N GLN C 43 -18.28 29.54 -36.50
CA GLN C 43 -18.80 30.48 -35.52
C GLN C 43 -20.05 29.94 -34.85
N ASN C 44 -21.00 29.43 -35.64
CA ASN C 44 -22.24 28.92 -35.06
C ASN C 44 -21.97 27.76 -34.10
N MET C 45 -21.09 26.85 -34.49
CA MET C 45 -20.74 25.73 -33.63
C MET C 45 -20.17 26.20 -32.30
N ASN C 46 -19.20 27.12 -32.36
CA ASN C 46 -18.56 27.58 -31.12
C ASN C 46 -19.57 28.30 -30.21
N ASN C 47 -20.47 29.10 -30.80
CA ASN C 47 -21.46 29.79 -29.98
C ASN C 47 -22.39 28.80 -29.29
N ALA C 48 -22.93 27.84 -30.05
CA ALA C 48 -23.80 26.84 -29.43
C ALA C 48 -23.07 26.07 -28.33
N GLY C 49 -21.80 25.74 -28.57
CA GLY C 49 -21.05 25.01 -27.56
C GLY C 49 -20.80 25.81 -26.29
N ASP C 50 -20.54 27.11 -26.44
CA ASP C 50 -20.33 27.94 -25.24
C ASP C 50 -21.63 28.09 -24.44
N LYS C 51 -22.76 28.23 -25.13
CA LYS C 51 -24.04 28.24 -24.42
C LYS C 51 -24.25 26.92 -23.67
N TRP C 52 -23.91 25.80 -24.30
CA TRP C 52 -24.05 24.50 -23.65
C TRP C 52 -23.17 24.39 -22.42
N SER C 53 -21.93 24.88 -22.51
CA SER C 53 -21.04 24.80 -21.35
C SER C 53 -21.54 25.68 -20.20
N ALA C 54 -22.02 26.88 -20.51
CA ALA C 54 -22.58 27.73 -19.47
C ALA C 54 -23.78 27.06 -18.80
N PHE C 55 -24.65 26.46 -19.61
CA PHE C 55 -25.79 25.72 -19.06
C PHE C 55 -25.33 24.61 -18.12
N LEU C 56 -24.33 23.83 -18.55
CA LEU C 56 -23.85 22.73 -17.71
C LEU C 56 -23.28 23.25 -16.40
N LYS C 57 -22.51 24.34 -16.45
CA LYS C 57 -21.92 24.87 -15.23
C LYS C 57 -22.98 25.35 -14.25
N GLU C 58 -23.97 26.12 -14.74
CA GLU C 58 -25.02 26.61 -13.86
C GLU C 58 -25.84 25.46 -13.29
N GLN C 59 -26.16 24.47 -14.13
CA GLN C 59 -26.96 23.33 -13.67
C GLN C 59 -26.20 22.50 -12.65
N SER C 60 -24.87 22.39 -12.80
CA SER C 60 -24.07 21.70 -11.80
C SER C 60 -24.14 22.43 -10.46
N THR C 61 -23.95 23.76 -10.49
CA THR C 61 -24.05 24.53 -9.26
C THR C 61 -25.40 24.34 -8.59
N LEU C 62 -26.47 24.34 -9.39
CA LEU C 62 -27.80 24.17 -8.80
C LEU C 62 -28.03 22.75 -8.31
N ALA C 63 -27.46 21.74 -8.98
CA ALA C 63 -27.61 20.37 -8.52
C ALA C 63 -26.90 20.13 -7.20
N GLN C 64 -25.80 20.85 -6.95
CA GLN C 64 -25.10 20.70 -5.68
C GLN C 64 -25.98 21.05 -4.48
N MET C 65 -27.05 21.83 -4.69
CA MET C 65 -27.97 22.11 -3.59
C MET C 65 -28.63 20.84 -3.08
N TYR C 66 -28.79 19.84 -3.95
CA TYR C 66 -29.34 18.55 -3.56
C TYR C 66 -28.19 17.59 -3.30
N PRO C 67 -27.98 17.16 -2.05
CA PRO C 67 -26.81 16.31 -1.73
C PRO C 67 -27.09 14.83 -1.90
N LEU C 68 -26.07 14.11 -2.38
CA LEU C 68 -26.20 12.69 -2.63
C LEU C 68 -26.49 11.90 -1.36
N GLN C 69 -25.84 12.28 -0.25
CA GLN C 69 -25.99 11.54 1.00
C GLN C 69 -27.45 11.43 1.43
N GLU C 70 -28.28 12.40 1.05
CA GLU C 70 -29.70 12.36 1.38
C GLU C 70 -30.54 11.75 0.26
N ILE C 71 -29.91 11.17 -0.77
CA ILE C 71 -30.61 10.49 -1.85
C ILE C 71 -30.39 9.00 -1.69
N GLN C 72 -31.38 8.21 -2.12
CA GLN C 72 -31.35 6.76 -2.02
C GLN C 72 -31.51 6.07 -3.37
N ASN C 73 -32.46 6.52 -4.19
CA ASN C 73 -32.66 5.99 -5.54
C ASN C 73 -31.34 5.96 -6.30
N LEU C 74 -30.91 4.76 -6.71
CA LEU C 74 -29.59 4.62 -7.31
C LEU C 74 -29.50 5.34 -8.65
N THR C 75 -30.51 5.20 -9.50
CA THR C 75 -30.47 5.84 -10.82
C THR C 75 -30.43 7.37 -10.69
N VAL C 76 -31.34 7.92 -9.88
CA VAL C 76 -31.35 9.35 -9.59
C VAL C 76 -29.99 9.77 -9.05
N LYS C 77 -29.39 8.92 -8.24
CA LYS C 77 -28.08 9.24 -7.68
C LYS C 77 -27.01 9.30 -8.77
N LEU C 78 -27.01 8.34 -9.70
CA LEU C 78 -26.05 8.38 -10.79
C LEU C 78 -26.21 9.66 -11.60
N GLN C 79 -27.44 10.05 -11.92
CA GLN C 79 -27.66 11.25 -12.73
C GLN C 79 -27.23 12.51 -11.99
N LEU C 80 -27.72 12.68 -10.76
CA LEU C 80 -27.36 13.85 -9.96
C LEU C 80 -25.85 13.92 -9.77
N GLN C 81 -25.20 12.78 -9.56
CA GLN C 81 -23.75 12.74 -9.42
C GLN C 81 -23.07 13.19 -10.70
N ALA C 82 -23.50 12.64 -11.84
CA ALA C 82 -22.91 13.03 -13.12
C ALA C 82 -23.01 14.53 -13.35
N LEU C 83 -24.06 15.15 -12.82
CA LEU C 83 -24.16 16.61 -12.92
C LEU C 83 -23.34 17.34 -11.86
N GLN C 84 -23.06 16.70 -10.71
CA GLN C 84 -22.37 17.37 -9.61
C GLN C 84 -20.86 17.43 -9.76
N GLN C 85 -20.27 16.80 -10.77
CA GLN C 85 -18.81 16.82 -10.91
C GLN C 85 -18.31 18.25 -11.17
N ASN C 86 -17.89 18.93 -10.12
CA ASN C 86 -17.42 20.31 -10.28
C ASN C 86 -16.10 20.36 -11.06
N GLY C 87 -15.24 19.34 -10.90
CA GLY C 87 -14.08 19.21 -11.76
C GLY C 87 -13.11 20.36 -11.63
N SER C 88 -12.50 20.71 -12.77
CA SER C 88 -11.44 21.73 -12.80
C SER C 88 -11.90 23.07 -12.27
N SER C 89 -13.21 23.28 -12.13
CA SER C 89 -13.70 24.52 -11.54
C SER C 89 -13.19 24.71 -10.11
N VAL C 90 -12.83 23.62 -9.43
CA VAL C 90 -12.30 23.73 -8.08
C VAL C 90 -10.98 24.49 -8.08
N LEU C 91 -10.30 24.53 -9.21
CA LEU C 91 -9.08 25.31 -9.33
C LEU C 91 -9.40 26.79 -9.37
N SER C 92 -8.46 27.60 -8.88
CA SER C 92 -8.60 29.04 -9.04
C SER C 92 -8.60 29.40 -10.52
N GLU C 93 -9.16 30.58 -10.83
CA GLU C 93 -9.32 30.97 -12.23
C GLU C 93 -7.98 31.08 -12.93
N ASP C 94 -6.96 31.58 -12.23
CA ASP C 94 -5.64 31.72 -12.84
C ASP C 94 -5.10 30.35 -13.26
N LYS C 95 -5.23 29.35 -12.38
CA LYS C 95 -4.78 28.00 -12.70
C LYS C 95 -5.58 27.42 -13.86
N SER C 96 -6.89 27.68 -13.90
CA SER C 96 -7.71 27.19 -15.00
C SER C 96 -7.25 27.77 -16.34
N LYS C 97 -6.98 29.08 -16.37
CA LYS C 97 -6.48 29.71 -17.58
C LYS C 97 -5.15 29.11 -18.00
N ARG C 98 -4.21 28.96 -17.06
CA ARG C 98 -2.92 28.39 -17.40
C ARG C 98 -3.06 26.96 -17.92
N LEU C 99 -3.93 26.16 -17.31
CA LEU C 99 -4.05 24.77 -17.72
C LEU C 99 -4.69 24.65 -19.10
N ASN C 100 -5.74 25.45 -19.37
CA ASN C 100 -6.29 25.49 -20.71
C ASN C 100 -5.24 25.92 -21.73
N THR C 101 -4.44 26.92 -21.38
CA THR C 101 -3.35 27.35 -22.25
C THR C 101 -2.39 26.21 -22.53
N ILE C 102 -2.01 25.45 -21.48
CA ILE C 102 -1.07 24.35 -21.67
C ILE C 102 -1.65 23.28 -22.57
N LEU C 103 -2.91 22.91 -22.36
CA LEU C 103 -3.51 21.85 -23.18
C LEU C 103 -3.59 22.28 -24.64
N ASN C 104 -4.05 23.51 -24.89
CA ASN C 104 -4.08 24.01 -26.26
C ASN C 104 -2.69 24.04 -26.86
N THR C 105 -1.69 24.47 -26.08
CA THR C 105 -0.33 24.55 -26.59
C THR C 105 0.22 23.17 -26.94
N MET C 106 -0.05 22.17 -26.12
CA MET C 106 0.44 20.83 -26.42
C MET C 106 -0.24 20.25 -27.65
N SER C 107 -1.56 20.43 -27.75
CA SER C 107 -2.27 19.96 -28.94
C SER C 107 -1.72 20.61 -30.20
N THR C 108 -1.42 21.91 -30.13
CA THR C 108 -0.92 22.62 -31.30
C THR C 108 0.53 22.28 -31.62
N ILE C 109 1.36 21.98 -30.61
CA ILE C 109 2.73 21.56 -30.91
C ILE C 109 2.72 20.16 -31.51
N TYR C 110 1.80 19.30 -31.09
CA TYR C 110 1.64 18.02 -31.77
C TYR C 110 1.21 18.20 -33.22
N SER C 111 0.18 19.04 -33.44
CA SER C 111 -0.33 19.20 -34.81
C SER C 111 0.67 19.91 -35.71
N THR C 112 1.49 20.81 -35.17
CA THR C 112 2.56 21.44 -35.93
C THR C 112 3.86 20.65 -35.87
N GLY C 113 3.79 19.36 -35.54
CA GLY C 113 4.95 18.50 -35.52
C GLY C 113 5.63 18.44 -36.87
N LYS C 114 6.75 19.13 -37.01
CA LYS C 114 7.46 19.24 -38.28
C LYS C 114 8.94 19.03 -38.04
N VAL C 115 9.57 18.25 -38.93
CA VAL C 115 11.01 18.01 -38.89
C VAL C 115 11.55 18.23 -40.29
N CYS C 116 12.54 19.10 -40.41
CA CYS C 116 13.18 19.35 -41.69
C CYS C 116 14.42 18.47 -41.81
N ASN C 117 14.59 17.87 -42.99
CA ASN C 117 15.70 16.94 -43.17
C ASN C 117 17.03 17.68 -42.96
N PRO C 118 18.00 17.04 -42.32
CA PRO C 118 19.30 17.70 -42.12
C PRO C 118 19.97 18.11 -43.43
N ASP C 119 19.52 17.56 -44.55
CA ASP C 119 20.16 17.81 -45.83
C ASP C 119 19.73 19.14 -46.45
N ASN C 120 18.51 19.59 -46.16
CA ASN C 120 17.96 20.78 -46.80
C ASN C 120 17.23 21.58 -45.73
N PRO C 121 17.56 22.87 -45.57
CA PRO C 121 16.85 23.69 -44.56
C PRO C 121 15.38 23.90 -44.86
N GLN C 122 14.97 23.91 -46.14
CA GLN C 122 13.59 24.23 -46.50
C GLN C 122 12.70 23.01 -46.61
N GLU C 123 13.26 21.83 -46.87
CA GLU C 123 12.47 20.62 -47.03
C GLU C 123 12.14 20.03 -45.66
N CYS C 124 10.85 19.86 -45.37
CA CYS C 124 10.41 19.38 -44.08
C CYS C 124 9.23 18.43 -44.26
N LEU C 125 8.95 17.67 -43.20
CA LEU C 125 7.85 16.71 -43.19
C LEU C 125 7.09 16.82 -41.88
N LEU C 126 5.79 16.53 -41.94
CA LEU C 126 4.93 16.49 -40.78
C LEU C 126 4.72 15.04 -40.34
N LEU C 127 4.18 14.89 -39.12
CA LEU C 127 3.84 13.55 -38.65
C LEU C 127 2.91 12.85 -39.64
N GLU C 128 1.98 13.60 -40.22
CA GLU C 128 1.06 13.12 -41.24
C GLU C 128 1.22 13.94 -42.51
N PRO C 129 1.26 13.30 -43.69
CA PRO C 129 1.28 11.85 -43.86
C PRO C 129 2.66 11.31 -44.16
N GLY C 130 3.69 12.05 -43.77
CA GLY C 130 5.06 11.70 -44.11
C GLY C 130 5.74 10.72 -43.16
N LEU C 131 6.04 11.18 -41.95
CA LEU C 131 6.79 10.34 -41.01
C LEU C 131 6.05 9.04 -40.71
N ASN C 132 4.72 9.08 -40.66
CA ASN C 132 3.96 7.85 -40.41
C ASN C 132 4.14 6.85 -41.55
N GLU C 133 4.09 7.34 -42.79
CA GLU C 133 4.34 6.44 -43.93
C GLU C 133 5.76 5.91 -43.90
N ILE C 134 6.73 6.75 -43.49
CA ILE C 134 8.11 6.31 -43.43
C ILE C 134 8.27 5.19 -42.40
N MET C 135 7.69 5.37 -41.21
CA MET C 135 7.75 4.33 -40.19
C MET C 135 6.88 3.13 -40.54
N ALA C 136 5.98 3.25 -41.52
CA ALA C 136 5.10 2.17 -41.93
C ALA C 136 5.54 1.46 -43.20
N ASN C 137 6.59 1.93 -43.88
CA ASN C 137 7.02 1.28 -45.12
C ASN C 137 8.53 1.19 -45.27
N SER C 138 9.26 2.23 -44.87
CA SER C 138 10.69 2.29 -45.13
C SER C 138 11.44 1.18 -44.40
N LEU C 139 12.57 0.77 -44.97
CA LEU C 139 13.39 -0.29 -44.41
C LEU C 139 14.83 0.09 -44.15
N ASP C 140 15.28 1.26 -44.60
CA ASP C 140 16.61 1.74 -44.21
C ASP C 140 16.62 1.92 -42.70
N TYR C 141 17.39 1.09 -42.00
CA TYR C 141 17.42 1.11 -40.54
C TYR C 141 17.72 2.50 -40.02
N ASN C 142 18.81 3.10 -40.52
CA ASN C 142 19.22 4.40 -40.01
C ASN C 142 18.22 5.49 -40.37
N GLU C 143 17.46 5.30 -41.45
CA GLU C 143 16.43 6.28 -41.80
C GLU C 143 15.26 6.22 -40.82
N ARG C 144 14.79 5.01 -40.51
CA ARG C 144 13.76 4.87 -39.50
C ARG C 144 14.25 5.44 -38.16
N LEU C 145 15.52 5.19 -37.84
CA LEU C 145 16.12 5.77 -36.65
C LEU C 145 16.09 7.30 -36.71
N TRP C 146 16.41 7.87 -37.86
CA TRP C 146 16.38 9.32 -38.00
C TRP C 146 14.98 9.86 -37.73
N ALA C 147 13.97 9.28 -38.38
CA ALA C 147 12.61 9.75 -38.19
C ALA C 147 12.21 9.67 -36.72
N TRP C 148 12.44 8.52 -36.10
CA TRP C 148 12.10 8.29 -34.69
C TRP C 148 12.77 9.32 -33.79
N GLU C 149 14.10 9.37 -33.84
CA GLU C 149 14.86 10.22 -32.93
C GLU C 149 14.61 11.70 -33.19
N SER C 150 14.44 12.09 -34.46
CA SER C 150 14.24 13.51 -34.76
C SER C 150 12.85 13.97 -34.35
N TRP C 151 11.84 13.12 -34.53
CA TRP C 151 10.50 13.46 -34.03
C TRP C 151 10.51 13.59 -32.51
N ARG C 152 11.28 12.73 -31.82
CA ARG C 152 11.33 12.86 -30.37
C ARG C 152 12.31 13.93 -29.87
N SER C 153 13.19 14.43 -30.73
CA SER C 153 14.17 15.44 -30.34
C SER C 153 13.85 16.84 -30.85
N GLU C 154 12.80 16.99 -31.66
CA GLU C 154 12.35 18.31 -32.07
C GLU C 154 10.97 18.65 -31.53
N VAL C 155 10.16 17.65 -31.19
CA VAL C 155 8.81 17.87 -30.68
C VAL C 155 8.73 17.65 -29.18
N GLY C 156 9.17 16.48 -28.69
CA GLY C 156 9.00 16.14 -27.29
C GLY C 156 9.81 16.99 -26.33
N LYS C 157 11.03 17.38 -26.75
CA LYS C 157 11.84 18.28 -25.93
C LYS C 157 11.04 19.51 -25.52
N GLN C 158 10.27 20.07 -26.46
CA GLN C 158 9.39 21.20 -26.14
C GLN C 158 8.30 20.79 -25.16
N LEU C 159 7.70 19.62 -25.37
CA LEU C 159 6.56 19.19 -24.57
C LEU C 159 6.94 18.87 -23.14
N ARG C 160 8.22 18.68 -22.84
CA ARG C 160 8.62 18.28 -21.49
C ARG C 160 8.16 19.26 -20.41
N PRO C 161 8.59 20.55 -20.41
CA PRO C 161 8.17 21.43 -19.29
C PRO C 161 6.66 21.57 -19.19
N LEU C 162 6.00 21.63 -20.34
CA LEU C 162 4.55 21.67 -20.39
C LEU C 162 3.94 20.52 -19.61
N TYR C 163 4.32 19.29 -19.95
CA TYR C 163 3.77 18.13 -19.27
C TYR C 163 4.13 18.11 -17.80
N GLU C 164 5.26 18.71 -17.43
CA GLU C 164 5.58 18.82 -16.00
C GLU C 164 4.54 19.67 -15.26
N GLU C 165 4.31 20.90 -15.75
CA GLU C 165 3.29 21.73 -15.12
C GLU C 165 1.91 21.09 -15.26
N TYR C 166 1.69 20.36 -16.35
CA TYR C 166 0.44 19.64 -16.57
C TYR C 166 0.20 18.62 -15.47
N VAL C 167 1.23 17.84 -15.11
CA VAL C 167 1.12 16.90 -14.00
C VAL C 167 0.79 17.62 -12.72
N VAL C 168 1.52 18.71 -12.43
CA VAL C 168 1.27 19.45 -11.19
C VAL C 168 -0.20 19.87 -11.10
N LEU C 169 -0.67 20.58 -12.12
CA LEU C 169 -2.02 21.13 -12.08
C LEU C 169 -3.08 20.04 -12.13
N LYS C 170 -2.88 18.99 -12.93
CA LYS C 170 -3.88 17.95 -13.04
C LYS C 170 -4.04 17.20 -11.72
N ASN C 171 -2.91 16.84 -11.09
CA ASN C 171 -2.98 16.27 -9.76
C ASN C 171 -3.71 17.19 -8.80
N GLU C 172 -3.24 18.44 -8.67
CA GLU C 172 -3.89 19.38 -7.75
C GLU C 172 -5.39 19.48 -8.02
N MET C 173 -5.79 19.42 -9.29
CA MET C 173 -7.21 19.48 -9.63
C MET C 173 -7.95 18.26 -9.09
N ALA C 174 -7.38 17.07 -9.29
CA ALA C 174 -8.04 15.87 -8.76
C ALA C 174 -8.07 15.89 -7.24
N ARG C 175 -7.00 16.37 -6.62
CA ARG C 175 -6.87 16.36 -5.16
C ARG C 175 -7.84 17.33 -4.52
N ALA C 176 -8.06 18.48 -5.16
CA ALA C 176 -9.07 19.42 -4.70
C ALA C 176 -10.48 18.90 -4.99
N ASN C 177 -10.61 18.05 -6.02
CA ASN C 177 -11.84 17.32 -6.27
C ASN C 177 -11.92 16.03 -5.46
N HIS C 178 -11.08 15.89 -4.43
CA HIS C 178 -11.12 14.79 -3.47
C HIS C 178 -10.63 13.48 -4.06
N TYR C 179 -9.91 13.52 -5.17
CA TYR C 179 -9.29 12.34 -5.73
C TYR C 179 -7.85 12.24 -5.25
N GLU C 180 -7.33 11.02 -5.12
CA GLU C 180 -5.99 10.88 -4.59
C GLU C 180 -4.94 11.34 -5.59
N ASP C 181 -5.18 11.11 -6.88
CA ASP C 181 -4.35 11.69 -7.93
C ASP C 181 -5.16 11.64 -9.23
N TYR C 182 -4.63 12.32 -10.25
CA TYR C 182 -5.30 12.37 -11.54
C TYR C 182 -5.56 10.98 -12.10
N GLY C 183 -4.61 10.06 -11.90
CA GLY C 183 -4.82 8.69 -12.30
C GLY C 183 -6.02 8.06 -11.62
N ASP C 184 -6.27 8.44 -10.36
CA ASP C 184 -7.46 7.95 -9.68
C ASP C 184 -8.72 8.45 -10.35
N TYR C 185 -8.71 9.72 -10.79
CA TYR C 185 -9.82 10.25 -11.57
C TYR C 185 -10.07 9.38 -12.79
N TRP C 186 -9.03 9.16 -13.60
CA TRP C 186 -9.21 8.34 -14.80
C TRP C 186 -9.73 6.94 -14.45
N ARG C 187 -9.20 6.32 -13.39
CA ARG C 187 -9.60 4.96 -13.06
C ARG C 187 -11.03 4.91 -12.54
N GLY C 188 -11.52 6.00 -11.94
CA GLY C 188 -12.84 6.03 -11.36
C GLY C 188 -13.97 5.78 -12.35
N ASP C 189 -13.68 5.83 -13.66
CA ASP C 189 -14.71 5.54 -14.63
C ASP C 189 -15.24 4.11 -14.45
N TYR C 190 -14.37 3.19 -14.05
CA TYR C 190 -14.78 1.81 -13.81
C TYR C 190 -15.37 1.61 -12.42
N GLU C 191 -15.39 2.65 -11.57
CA GLU C 191 -15.85 2.50 -10.20
C GLU C 191 -17.33 2.21 -10.13
N VAL C 192 -17.73 1.45 -9.09
CA VAL C 192 -19.12 1.11 -8.80
C VAL C 192 -19.30 1.04 -7.29
N ASN C 193 -20.22 1.85 -6.75
CA ASN C 193 -20.53 1.85 -5.32
C ASN C 193 -22.03 1.62 -5.12
N GLY C 194 -22.37 0.86 -4.07
CA GLY C 194 -23.72 0.77 -3.59
C GLY C 194 -24.51 -0.45 -4.05
N VAL C 195 -24.10 -1.09 -5.14
CA VAL C 195 -24.82 -2.23 -5.69
C VAL C 195 -24.16 -3.50 -5.15
N ASP C 196 -24.84 -4.17 -4.23
CA ASP C 196 -24.26 -5.36 -3.60
C ASP C 196 -24.09 -6.47 -4.63
N GLY C 197 -22.98 -7.20 -4.50
CA GLY C 197 -22.65 -8.25 -5.43
C GLY C 197 -22.11 -7.79 -6.76
N TYR C 198 -21.95 -6.47 -6.95
CA TYR C 198 -21.49 -5.94 -8.23
C TYR C 198 -20.53 -4.77 -8.06
N ASP C 199 -20.11 -4.45 -6.84
CA ASP C 199 -19.33 -3.25 -6.61
C ASP C 199 -17.92 -3.41 -7.18
N TYR C 200 -17.26 -2.26 -7.38
CA TYR C 200 -15.93 -2.24 -7.98
C TYR C 200 -15.27 -0.93 -7.58
N SER C 201 -14.02 -1.01 -7.14
CA SER C 201 -13.30 0.14 -6.61
C SER C 201 -12.36 0.73 -7.65
N ARG C 202 -11.82 1.91 -7.34
CA ARG C 202 -10.91 2.59 -8.26
C ARG C 202 -9.58 1.86 -8.38
N GLY C 203 -9.06 1.34 -7.27
CA GLY C 203 -7.81 0.60 -7.32
C GLY C 203 -7.94 -0.82 -7.83
N GLN C 204 -9.15 -1.38 -7.79
CA GLN C 204 -9.33 -2.76 -8.25
C GLN C 204 -9.03 -2.91 -9.74
N LEU C 205 -9.18 -1.82 -10.49
CA LEU C 205 -8.82 -1.85 -11.91
C LEU C 205 -7.34 -2.17 -12.07
N ILE C 206 -6.50 -1.65 -11.19
CA ILE C 206 -5.06 -1.92 -11.26
C ILE C 206 -4.78 -3.41 -11.09
N GLU C 207 -5.33 -4.01 -10.02
CA GLU C 207 -5.14 -5.44 -9.79
C GLU C 207 -5.63 -6.27 -10.96
N ASP C 208 -6.83 -5.94 -11.48
CA ASP C 208 -7.39 -6.74 -12.57
C ASP C 208 -6.56 -6.61 -13.84
N VAL C 209 -6.15 -5.39 -14.20
CA VAL C 209 -5.32 -5.19 -15.39
C VAL C 209 -4.01 -5.95 -15.25
N GLU C 210 -3.38 -5.90 -14.08
CA GLU C 210 -2.09 -6.57 -13.90
C GLU C 210 -2.25 -8.09 -13.98
N HIS C 211 -3.23 -8.65 -13.27
CA HIS C 211 -3.43 -10.10 -13.31
CA HIS C 211 -3.46 -10.09 -13.30
C HIS C 211 -3.77 -10.58 -14.71
N THR C 212 -4.65 -9.86 -15.42
CA THR C 212 -4.99 -10.25 -16.78
C THR C 212 -3.80 -10.12 -17.72
N PHE C 213 -2.99 -9.07 -17.56
CA PHE C 213 -1.78 -8.92 -18.36
C PHE C 213 -0.82 -10.08 -18.13
N GLU C 214 -0.67 -10.51 -16.88
CA GLU C 214 0.11 -11.71 -16.59
C GLU C 214 -0.40 -12.90 -17.38
N GLU C 215 -1.71 -13.14 -17.35
CA GLU C 215 -2.22 -14.28 -18.12
C GLU C 215 -2.03 -14.11 -19.63
N ILE C 216 -1.92 -12.88 -20.12
CA ILE C 216 -1.65 -12.70 -21.55
C ILE C 216 -0.18 -12.93 -21.89
N LYS C 217 0.73 -12.64 -20.94
CA LYS C 217 2.17 -12.61 -21.19
C LYS C 217 2.77 -13.73 -22.04
N PRO C 218 2.38 -15.01 -21.88
CA PRO C 218 2.99 -16.05 -22.73
C PRO C 218 2.77 -15.84 -24.22
N LEU C 219 1.54 -15.49 -24.61
CA LEU C 219 1.24 -15.23 -26.01
C LEU C 219 2.10 -14.09 -26.54
N TYR C 220 2.25 -13.02 -25.76
CA TYR C 220 3.06 -11.90 -26.20
C TYR C 220 4.54 -12.27 -26.29
N GLU C 221 5.02 -13.15 -25.41
CA GLU C 221 6.40 -13.61 -25.48
C GLU C 221 6.67 -14.36 -26.77
N HIS C 222 5.80 -15.31 -27.13
CA HIS C 222 6.04 -16.07 -28.36
C HIS C 222 5.83 -15.23 -29.61
N LEU C 223 4.84 -14.32 -29.57
CA LEU C 223 4.72 -13.32 -30.64
C LEU C 223 6.01 -12.54 -30.79
N HIS C 224 6.58 -12.08 -29.66
CA HIS C 224 7.83 -11.33 -29.67
C HIS C 224 8.95 -12.15 -30.29
N ALA C 225 9.02 -13.43 -29.94
CA ALA C 225 10.05 -14.29 -30.49
C ALA C 225 9.94 -14.40 -32.01
N TYR C 226 8.73 -14.67 -32.51
CA TYR C 226 8.58 -14.90 -33.95
C TYR C 226 8.81 -13.60 -34.74
N VAL C 227 8.24 -12.49 -34.26
CA VAL C 227 8.46 -11.22 -34.93
C VAL C 227 9.93 -10.84 -34.86
N ARG C 228 10.59 -11.13 -33.74
CA ARG C 228 12.03 -10.92 -33.62
C ARG C 228 12.78 -11.69 -34.70
N ALA C 229 12.39 -12.93 -34.94
CA ALA C 229 13.04 -13.72 -35.98
C ALA C 229 12.91 -13.06 -37.34
N LYS C 230 11.68 -12.71 -37.72
CA LYS C 230 11.49 -12.11 -39.05
C LYS C 230 12.22 -10.76 -39.17
N LEU C 231 12.22 -9.97 -38.09
CA LEU C 231 12.92 -8.69 -38.12
C LEU C 231 14.43 -8.87 -38.22
N MET C 232 14.97 -9.90 -37.53
CA MET C 232 16.39 -10.20 -37.67
C MET C 232 16.73 -10.61 -39.10
N ASN C 233 15.80 -11.30 -39.77
CA ASN C 233 15.97 -11.49 -41.21
C ASN C 233 16.05 -10.14 -41.91
N ALA C 234 15.16 -9.21 -41.56
CA ALA C 234 15.16 -7.91 -42.23
C ALA C 234 16.44 -7.12 -41.94
N TYR C 235 16.95 -7.19 -40.72
CA TYR C 235 18.13 -6.42 -40.31
C TYR C 235 19.08 -7.37 -39.57
N PRO C 236 19.89 -8.14 -40.29
CA PRO C 236 20.69 -9.18 -39.63
C PRO C 236 21.72 -8.65 -38.64
N SER C 237 22.40 -7.55 -38.97
CA SER C 237 23.44 -7.02 -38.11
C SER C 237 22.92 -6.06 -37.05
N TYR C 238 21.61 -5.79 -37.02
CA TYR C 238 21.05 -4.80 -36.13
C TYR C 238 20.26 -5.39 -34.96
N ILE C 239 19.94 -6.68 -35.00
CA ILE C 239 19.08 -7.31 -34.00
C ILE C 239 19.78 -8.53 -33.44
N SER C 240 19.66 -8.73 -32.13
CA SER C 240 20.19 -9.89 -31.43
C SER C 240 19.07 -10.86 -31.09
N PRO C 241 19.33 -12.16 -31.24
CA PRO C 241 18.29 -13.16 -30.93
C PRO C 241 17.87 -13.19 -29.47
N ILE C 242 18.57 -12.47 -28.59
CA ILE C 242 18.20 -12.41 -27.17
C ILE C 242 17.76 -11.02 -26.74
N GLY C 243 17.96 -9.99 -27.56
CA GLY C 243 17.66 -8.64 -27.16
C GLY C 243 16.22 -8.24 -27.43
N CYS C 244 15.91 -7.02 -27.04
CA CYS C 244 14.60 -6.45 -27.29
C CYS C 244 14.51 -5.88 -28.71
N LEU C 245 13.29 -5.56 -29.13
CA LEU C 245 13.09 -5.06 -30.48
C LEU C 245 13.40 -3.57 -30.55
N PRO C 246 14.18 -3.12 -31.53
CA PRO C 246 14.38 -1.67 -31.69
C PRO C 246 13.06 -0.98 -32.00
N ALA C 247 12.76 0.06 -31.23
CA ALA C 247 11.46 0.72 -31.31
C ALA C 247 11.15 1.19 -32.73
N HIS C 248 12.15 1.74 -33.41
CA HIS C 248 11.93 2.34 -34.72
C HIS C 248 11.77 1.29 -35.82
N LEU C 249 11.27 0.11 -35.47
CA LEU C 249 11.09 -0.96 -36.44
C LEU C 249 9.72 -1.62 -36.33
N LEU C 250 8.82 -1.09 -35.50
CA LEU C 250 7.61 -1.81 -35.13
C LEU C 250 6.41 -1.49 -36.01
N GLY C 251 6.49 -0.46 -36.87
CA GLY C 251 5.45 -0.17 -37.83
C GLY C 251 4.96 1.27 -37.77
N ASP C 252 4.99 1.87 -36.58
CA ASP C 252 4.56 3.25 -36.42
C ASP C 252 5.57 3.98 -35.56
N MET C 253 5.41 5.29 -35.47
CA MET C 253 6.37 6.15 -34.78
C MET C 253 6.60 5.71 -33.34
N TRP C 254 5.61 5.07 -32.73
CA TRP C 254 5.67 4.69 -31.33
C TRP C 254 5.71 3.18 -31.10
N GLY C 255 5.58 2.38 -32.15
CA GLY C 255 5.41 0.95 -31.95
C GLY C 255 4.11 0.60 -31.28
N ARG C 256 3.09 1.47 -31.42
CA ARG C 256 1.79 1.21 -30.82
C ARG C 256 1.16 -0.05 -31.40
N PHE C 257 1.30 -0.24 -32.72
CA PHE C 257 0.77 -1.41 -33.40
C PHE C 257 1.87 -2.02 -34.26
N TRP C 258 1.83 -3.34 -34.41
CA TRP C 258 2.79 -4.06 -35.22
C TRP C 258 2.21 -4.50 -36.56
N THR C 259 1.08 -3.92 -36.98
CA THR C 259 0.42 -4.34 -38.20
C THR C 259 1.30 -4.14 -39.41
N ASN C 260 2.00 -3.01 -39.47
CA ASN C 260 2.87 -2.66 -40.58
C ASN C 260 4.06 -3.61 -40.74
N LEU C 261 4.16 -4.62 -39.88
CA LEU C 261 5.19 -5.64 -39.98
C LEU C 261 4.70 -6.92 -40.66
N TYR C 262 3.40 -7.04 -40.92
CA TYR C 262 2.85 -8.25 -41.52
C TYR C 262 3.66 -8.66 -42.74
N SER C 263 3.93 -7.70 -43.63
CA SER C 263 4.79 -7.91 -44.79
C SER C 263 6.05 -8.71 -44.43
N LEU C 264 6.86 -8.19 -43.50
CA LEU C 264 8.10 -8.87 -43.15
C LEU C 264 7.85 -10.11 -42.27
N THR C 265 6.70 -10.21 -41.61
CA THR C 265 6.45 -11.30 -40.67
C THR C 265 5.38 -12.26 -41.19
N VAL C 266 5.22 -12.36 -42.49
CA VAL C 266 4.13 -13.15 -43.07
C VAL C 266 4.38 -14.63 -42.80
N PRO C 267 3.37 -15.39 -42.37
CA PRO C 267 3.59 -16.84 -42.20
C PRO C 267 3.69 -17.60 -43.51
N PHE C 268 2.89 -17.24 -44.51
CA PHE C 268 2.89 -17.92 -45.81
C PHE C 268 2.72 -16.84 -46.89
N GLY C 269 3.86 -16.36 -47.40
CA GLY C 269 3.83 -15.32 -48.41
C GLY C 269 3.48 -15.84 -49.78
N GLN C 270 2.52 -16.78 -49.84
CA GLN C 270 2.09 -17.36 -51.10
C GLN C 270 0.58 -17.59 -51.11
N LYS C 271 0.02 -18.01 -49.97
CA LYS C 271 -1.42 -18.13 -49.85
C LYS C 271 -2.06 -16.76 -50.07
N PRO C 272 -3.08 -16.65 -50.91
CA PRO C 272 -3.63 -15.32 -51.24
C PRO C 272 -4.31 -14.69 -50.04
N ASN C 273 -4.53 -13.38 -50.17
CA ASN C 273 -5.16 -12.59 -49.11
C ASN C 273 -6.64 -12.41 -49.43
N ILE C 274 -7.47 -12.50 -48.39
CA ILE C 274 -8.90 -12.26 -48.54
C ILE C 274 -9.10 -10.76 -48.73
N ASP C 275 -9.43 -10.34 -49.95
CA ASP C 275 -9.68 -8.92 -50.23
C ASP C 275 -10.72 -8.85 -51.34
N VAL C 276 -11.99 -8.77 -50.93
CA VAL C 276 -13.10 -8.76 -51.88
C VAL C 276 -13.30 -7.36 -52.45
N THR C 277 -12.33 -6.47 -52.21
CA THR C 277 -12.45 -5.08 -52.63
C THR C 277 -12.78 -4.98 -54.11
N ASP C 278 -11.95 -5.56 -54.97
CA ASP C 278 -12.27 -5.57 -56.39
C ASP C 278 -13.45 -6.48 -56.69
N ALA C 279 -13.70 -7.47 -55.82
CA ALA C 279 -14.91 -8.26 -55.97
C ALA C 279 -16.16 -7.41 -55.69
N MET C 280 -16.05 -6.42 -54.81
CA MET C 280 -17.14 -5.46 -54.66
C MET C 280 -17.20 -4.50 -55.84
N VAL C 281 -16.05 -4.09 -56.36
CA VAL C 281 -16.03 -3.13 -57.46
C VAL C 281 -16.67 -3.73 -58.71
N ASP C 282 -16.37 -4.99 -59.01
CA ASP C 282 -16.91 -5.61 -60.23
C ASP C 282 -18.43 -5.76 -60.16
N GLN C 283 -18.99 -5.96 -58.96
CA GLN C 283 -20.43 -6.00 -58.77
C GLN C 283 -21.05 -4.61 -58.67
N ALA C 284 -20.25 -3.56 -58.93
CA ALA C 284 -20.72 -2.17 -58.93
C ALA C 284 -21.35 -1.77 -57.60
N TRP C 285 -20.84 -2.34 -56.51
CA TRP C 285 -21.33 -1.98 -55.18
C TRP C 285 -21.04 -0.52 -54.88
N ASP C 286 -22.05 0.34 -55.05
CA ASP C 286 -21.91 1.73 -54.67
C ASP C 286 -21.73 1.85 -53.16
N ALA C 287 -21.45 3.08 -52.71
CA ALA C 287 -21.24 3.31 -51.28
C ALA C 287 -22.46 2.93 -50.46
N GLN C 288 -23.66 3.05 -51.05
CA GLN C 288 -24.88 2.74 -50.30
C GLN C 288 -24.99 1.26 -49.98
N ARG C 289 -24.70 0.41 -50.96
CA ARG C 289 -24.81 -1.04 -50.78
C ARG C 289 -24.09 -1.52 -49.53
N ILE C 290 -22.95 -0.89 -49.22
CA ILE C 290 -22.21 -1.23 -48.01
C ILE C 290 -23.11 -1.13 -46.79
N PHE C 291 -23.70 0.05 -46.58
CA PHE C 291 -24.53 0.25 -45.40
C PHE C 291 -25.85 -0.48 -45.51
N LYS C 292 -26.33 -0.75 -46.72
CA LYS C 292 -27.54 -1.55 -46.88
C LYS C 292 -27.32 -2.97 -46.38
N GLU C 293 -26.17 -3.57 -46.74
CA GLU C 293 -25.83 -4.88 -46.21
C GLU C 293 -25.55 -4.82 -44.70
N ALA C 294 -24.98 -3.72 -44.22
CA ALA C 294 -24.80 -3.56 -42.78
C ALA C 294 -26.15 -3.59 -42.05
N GLU C 295 -27.08 -2.73 -42.49
CA GLU C 295 -28.44 -2.77 -42.01
C GLU C 295 -29.01 -4.19 -42.06
N LYS C 296 -28.78 -4.88 -43.17
CA LYS C 296 -29.33 -6.23 -43.32
C LYS C 296 -28.78 -7.16 -42.25
N PHE C 297 -27.50 -7.01 -41.90
CA PHE C 297 -26.89 -7.82 -40.86
C PHE C 297 -27.51 -7.53 -39.50
N PHE C 298 -27.58 -6.24 -39.13
CA PHE C 298 -28.20 -5.90 -37.86
C PHE C 298 -29.68 -6.29 -37.81
N VAL C 299 -30.35 -6.33 -38.96
CA VAL C 299 -31.71 -6.84 -39.00
C VAL C 299 -31.72 -8.35 -38.83
N SER C 300 -30.70 -9.03 -39.38
CA SER C 300 -30.60 -10.48 -39.24
C SER C 300 -30.51 -10.88 -37.78
N VAL C 301 -29.71 -10.15 -36.99
CA VAL C 301 -29.64 -10.48 -35.56
C VAL C 301 -30.86 -10.02 -34.77
N GLY C 302 -31.79 -9.30 -35.40
CA GLY C 302 -32.98 -8.86 -34.72
C GLY C 302 -32.97 -7.44 -34.18
N LEU C 303 -32.06 -6.60 -34.65
CA LEU C 303 -31.96 -5.20 -34.26
C LEU C 303 -32.71 -4.32 -35.25
N PRO C 304 -33.23 -3.18 -34.82
CA PRO C 304 -34.06 -2.37 -35.72
C PRO C 304 -33.29 -1.83 -36.90
N ASN C 305 -33.97 -1.75 -38.05
CA ASN C 305 -33.39 -1.10 -39.21
C ASN C 305 -33.16 0.38 -38.91
N MET C 306 -32.20 0.97 -39.62
CA MET C 306 -31.83 2.35 -39.37
C MET C 306 -33.03 3.28 -39.57
N THR C 307 -33.02 4.39 -38.84
CA THR C 307 -34.06 5.39 -39.01
C THR C 307 -33.98 5.97 -40.42
N GLN C 308 -35.11 6.48 -40.91
CA GLN C 308 -35.11 7.09 -42.23
C GLN C 308 -34.34 8.41 -42.23
N GLY C 309 -34.44 9.17 -41.14
CA GLY C 309 -33.61 10.35 -40.98
C GLY C 309 -32.13 10.04 -41.01
N PHE C 310 -31.75 8.81 -40.67
CA PHE C 310 -30.36 8.39 -40.82
C PHE C 310 -29.93 8.46 -42.28
N TRP C 311 -30.67 7.79 -43.17
CA TRP C 311 -30.31 7.84 -44.58
C TRP C 311 -30.43 9.26 -45.15
N GLU C 312 -31.43 10.02 -44.70
CA GLU C 312 -31.61 11.36 -45.26
C GLU C 312 -30.61 12.37 -44.75
N ASN C 313 -29.99 12.14 -43.59
CA ASN C 313 -29.10 13.12 -42.97
C ASN C 313 -27.64 12.70 -42.91
N SER C 314 -27.34 11.40 -42.84
CA SER C 314 -25.96 10.97 -42.80
C SER C 314 -25.25 11.36 -44.09
N MET C 315 -23.98 11.75 -43.97
CA MET C 315 -23.13 11.99 -45.13
C MET C 315 -22.21 10.79 -45.29
N LEU C 316 -22.37 10.07 -46.40
CA LEU C 316 -21.66 8.82 -46.64
C LEU C 316 -20.71 8.86 -47.83
N THR C 317 -20.65 9.97 -48.56
CA THR C 317 -19.70 10.10 -49.66
C THR C 317 -19.04 11.47 -49.59
N ASP C 318 -17.76 11.52 -49.97
CA ASP C 318 -17.02 12.76 -49.90
C ASP C 318 -17.63 13.78 -50.87
N PRO C 319 -17.84 15.02 -50.43
CA PRO C 319 -18.46 16.02 -51.31
C PRO C 319 -17.57 16.52 -52.43
N GLY C 320 -16.35 15.98 -52.56
CA GLY C 320 -15.45 16.43 -53.60
C GLY C 320 -14.81 17.76 -53.28
N ASN C 321 -14.16 18.33 -54.30
CA ASN C 321 -13.58 19.66 -54.18
C ASN C 321 -14.65 20.72 -53.91
N VAL C 322 -15.94 20.35 -54.03
CA VAL C 322 -17.03 21.28 -53.76
C VAL C 322 -16.88 21.91 -52.38
N GLN C 323 -16.61 21.09 -51.37
CA GLN C 323 -16.49 21.58 -50.00
C GLN C 323 -15.66 20.59 -49.20
N LYS C 324 -14.89 21.13 -48.27
CA LYS C 324 -14.00 20.31 -47.44
C LYS C 324 -14.71 19.88 -46.16
N ALA C 325 -14.42 18.66 -45.72
CA ALA C 325 -15.12 18.08 -44.59
C ALA C 325 -14.22 17.06 -43.90
N VAL C 326 -14.46 16.87 -42.60
CA VAL C 326 -13.75 15.84 -41.84
C VAL C 326 -14.19 14.47 -42.32
N CYS C 327 -13.21 13.62 -42.65
CA CYS C 327 -13.51 12.30 -43.18
C CYS C 327 -13.37 11.19 -42.15
N HIS C 328 -12.88 11.50 -40.95
CA HIS C 328 -12.68 10.45 -39.96
C HIS C 328 -14.03 9.85 -39.58
N PRO C 329 -14.18 8.53 -39.66
CA PRO C 329 -15.49 7.91 -39.40
C PRO C 329 -16.02 8.23 -38.02
N THR C 330 -17.18 8.91 -37.99
CA THR C 330 -17.77 9.34 -36.73
C THR C 330 -19.25 8.98 -36.70
N ALA C 331 -19.67 8.27 -35.66
CA ALA C 331 -21.08 7.99 -35.43
C ALA C 331 -21.66 9.05 -34.51
N TRP C 332 -22.82 9.59 -34.88
CA TRP C 332 -23.41 10.75 -34.22
C TRP C 332 -24.76 10.37 -33.63
N ASP C 333 -24.92 10.60 -32.33
CA ASP C 333 -26.20 10.46 -31.63
C ASP C 333 -26.61 11.87 -31.21
N LEU C 334 -27.27 12.59 -32.11
CA LEU C 334 -27.67 13.97 -31.80
C LEU C 334 -28.91 14.02 -30.91
N GLY C 335 -29.33 12.90 -30.34
CA GLY C 335 -30.53 12.87 -29.54
C GLY C 335 -31.77 13.13 -30.37
N LYS C 336 -32.90 13.23 -29.67
CA LYS C 336 -34.19 13.59 -30.24
C LYS C 336 -34.64 12.62 -31.33
N GLY C 337 -33.92 11.50 -31.52
CA GLY C 337 -34.18 10.59 -32.61
C GLY C 337 -33.30 10.77 -33.82
N ASP C 338 -32.30 11.65 -33.76
CA ASP C 338 -31.41 11.91 -34.90
C ASP C 338 -30.14 11.09 -34.71
N PHE C 339 -29.93 10.12 -35.60
CA PHE C 339 -28.75 9.28 -35.62
C PHE C 339 -28.12 9.38 -37.00
N ARG C 340 -26.82 9.71 -37.04
CA ARG C 340 -26.15 9.90 -38.31
C ARG C 340 -24.78 9.23 -38.28
N ILE C 341 -24.17 9.12 -39.46
CA ILE C 341 -22.80 8.61 -39.60
C ILE C 341 -22.08 9.45 -40.64
N LEU C 342 -20.92 9.97 -40.28
CA LEU C 342 -20.08 10.73 -41.20
C LEU C 342 -18.90 9.86 -41.61
N MET C 343 -18.77 9.62 -42.91
CA MET C 343 -17.68 8.81 -43.44
C MET C 343 -17.58 9.06 -44.94
N CYS C 344 -16.37 9.40 -45.40
CA CYS C 344 -16.12 9.57 -46.83
C CYS C 344 -15.87 8.19 -47.43
N THR C 345 -16.96 7.48 -47.69
CA THR C 345 -16.87 6.06 -48.04
C THR C 345 -16.22 5.87 -49.41
N LYS C 346 -15.22 5.01 -49.47
CA LYS C 346 -14.59 4.58 -50.71
C LYS C 346 -14.71 3.06 -50.77
N VAL C 347 -15.07 2.54 -51.95
CA VAL C 347 -15.36 1.12 -52.11
C VAL C 347 -14.11 0.30 -51.81
N THR C 348 -13.97 -0.12 -50.55
CA THR C 348 -12.92 -1.03 -50.13
C THR C 348 -13.50 -2.04 -49.14
N MET C 349 -12.68 -3.03 -48.79
CA MET C 349 -13.04 -3.95 -47.72
C MET C 349 -13.03 -3.25 -46.36
N ASP C 350 -11.98 -2.47 -46.10
CA ASP C 350 -11.80 -1.88 -44.79
C ASP C 350 -12.89 -0.87 -44.47
N ASP C 351 -13.32 -0.09 -45.46
CA ASP C 351 -14.42 0.84 -45.23
C ASP C 351 -15.74 0.09 -45.00
N PHE C 352 -15.92 -1.07 -45.63
CA PHE C 352 -17.07 -1.92 -45.36
C PHE C 352 -17.10 -2.33 -43.89
N LEU C 353 -15.96 -2.82 -43.38
CA LEU C 353 -15.88 -3.21 -41.99
C LEU C 353 -16.08 -2.02 -41.05
N THR C 354 -15.49 -0.87 -41.40
CA THR C 354 -15.66 0.32 -40.56
C THR C 354 -17.10 0.81 -40.57
N ALA C 355 -17.81 0.63 -41.69
CA ALA C 355 -19.22 0.95 -41.73
C ALA C 355 -20.00 0.09 -40.75
N HIS C 356 -19.72 -1.22 -40.74
CA HIS C 356 -20.35 -2.07 -39.73
C HIS C 356 -20.03 -1.61 -38.30
N HIS C 357 -18.78 -1.26 -38.05
CA HIS C 357 -18.38 -0.81 -36.71
C HIS C 357 -19.16 0.44 -36.30
N GLU C 358 -19.19 1.44 -37.16
CA GLU C 358 -19.80 2.71 -36.77
C GLU C 358 -21.32 2.58 -36.69
N MET C 359 -21.92 1.74 -37.54
CA MET C 359 -23.34 1.46 -37.42
C MET C 359 -23.65 0.67 -36.15
N GLY C 360 -22.70 -0.11 -35.66
CA GLY C 360 -22.87 -0.73 -34.35
C GLY C 360 -22.88 0.32 -33.24
N HIS C 361 -21.99 1.30 -33.34
CA HIS C 361 -22.11 2.48 -32.49
C HIS C 361 -23.55 3.01 -32.51
N ILE C 362 -24.08 3.21 -33.73
CA ILE C 362 -25.42 3.79 -33.88
C ILE C 362 -26.47 2.88 -33.24
N GLN C 363 -26.32 1.56 -33.39
CA GLN C 363 -27.30 0.65 -32.82
C GLN C 363 -27.29 0.73 -31.29
N TYR C 364 -26.10 0.82 -30.69
CA TYR C 364 -26.00 1.04 -29.26
C TYR C 364 -26.73 2.32 -28.86
N ASP C 365 -26.50 3.41 -29.61
CA ASP C 365 -27.17 4.67 -29.31
C ASP C 365 -28.68 4.52 -29.37
N MET C 366 -29.19 3.85 -30.42
CA MET C 366 -30.63 3.67 -30.55
C MET C 366 -31.18 2.78 -29.45
N ALA C 367 -30.35 1.92 -28.86
CA ALA C 367 -30.82 1.05 -27.79
C ALA C 367 -30.93 1.80 -26.47
N TYR C 368 -29.84 2.44 -26.03
CA TYR C 368 -29.84 3.10 -24.73
C TYR C 368 -30.58 4.45 -24.75
N ALA C 369 -31.19 4.82 -25.86
CA ALA C 369 -31.86 6.11 -25.95
C ALA C 369 -33.06 6.21 -25.02
N ALA C 370 -33.61 5.08 -24.58
CA ALA C 370 -34.81 5.14 -23.73
C ALA C 370 -34.50 5.55 -22.30
N GLN C 371 -33.23 5.48 -21.89
CA GLN C 371 -32.84 5.94 -20.56
C GLN C 371 -32.92 7.47 -20.50
N PRO C 372 -32.93 8.05 -19.30
CA PRO C 372 -32.84 9.51 -19.19
C PRO C 372 -31.58 10.04 -19.84
N PHE C 373 -31.52 11.38 -19.98
CA PHE C 373 -30.49 12.01 -20.80
C PHE C 373 -29.09 11.67 -20.30
N LEU C 374 -28.84 11.88 -19.01
CA LEU C 374 -27.50 11.68 -18.47
C LEU C 374 -27.04 10.24 -18.57
N LEU C 375 -27.96 9.29 -18.69
CA LEU C 375 -27.63 7.87 -18.76
C LEU C 375 -27.72 7.36 -20.20
N ARG C 376 -26.94 7.99 -21.08
CA ARG C 376 -26.96 7.64 -22.51
C ARG C 376 -25.52 7.61 -23.02
N ASN C 377 -24.79 6.56 -22.64
CA ASN C 377 -23.40 6.37 -23.03
C ASN C 377 -23.01 4.94 -22.68
N GLY C 378 -21.86 4.52 -23.20
CA GLY C 378 -21.34 3.20 -22.89
C GLY C 378 -21.19 3.00 -21.39
N ALA C 379 -21.36 1.77 -20.91
CA ALA C 379 -21.35 1.51 -19.49
C ALA C 379 -20.04 1.97 -18.85
N ASN C 380 -18.93 1.72 -19.53
CA ASN C 380 -17.64 2.28 -19.15
C ASN C 380 -16.96 2.84 -20.39
N GLU C 381 -15.74 3.33 -20.22
CA GLU C 381 -15.05 3.98 -21.35
C GLU C 381 -14.64 2.99 -22.45
N GLY C 382 -15.10 1.75 -22.49
CA GLY C 382 -14.66 0.83 -23.53
C GLY C 382 -15.73 -0.13 -24.01
N PHE C 383 -16.95 0.00 -23.48
CA PHE C 383 -18.04 -0.87 -23.91
C PHE C 383 -18.40 -0.62 -25.37
N HIS C 384 -18.40 0.65 -25.79
CA HIS C 384 -18.94 1.04 -27.09
C HIS C 384 -18.05 0.55 -28.23
N GLU C 385 -16.74 0.80 -28.10
CA GLU C 385 -15.78 0.33 -29.10
C GLU C 385 -15.83 -1.18 -29.24
N ALA C 386 -16.05 -1.91 -28.14
CA ALA C 386 -16.22 -3.35 -28.22
C ALA C 386 -17.49 -3.70 -29.00
N VAL C 387 -18.59 -3.01 -28.72
CA VAL C 387 -19.85 -3.26 -29.41
C VAL C 387 -19.67 -3.14 -30.92
N GLY C 388 -18.85 -2.20 -31.36
CA GLY C 388 -18.58 -2.09 -32.79
C GLY C 388 -17.60 -3.09 -33.38
N GLU C 389 -16.53 -3.34 -32.61
CA GLU C 389 -15.48 -4.22 -33.12
C GLU C 389 -15.96 -5.66 -33.25
N ILE C 390 -16.86 -6.10 -32.37
CA ILE C 390 -17.40 -7.45 -32.51
C ILE C 390 -18.20 -7.57 -33.80
N MET C 391 -18.88 -6.49 -34.21
CA MET C 391 -19.55 -6.49 -35.51
C MET C 391 -18.55 -6.70 -36.63
N SER C 392 -17.47 -5.92 -36.61
CA SER C 392 -16.45 -6.07 -37.67
C SER C 392 -15.91 -7.50 -37.72
N LEU C 393 -15.65 -8.10 -36.55
CA LEU C 393 -15.16 -9.47 -36.53
C LEU C 393 -16.16 -10.44 -37.13
N SER C 394 -17.42 -10.41 -36.66
CA SER C 394 -18.43 -11.30 -37.21
C SER C 394 -18.62 -11.08 -38.71
N ALA C 395 -18.26 -9.90 -39.22
CA ALA C 395 -18.35 -9.67 -40.65
C ALA C 395 -17.19 -10.35 -41.40
N ALA C 396 -15.97 -10.19 -40.90
CA ALA C 396 -14.80 -10.61 -41.68
C ALA C 396 -14.71 -12.12 -41.92
N THR C 397 -15.56 -12.93 -41.27
CA THR C 397 -15.45 -14.38 -41.42
C THR C 397 -15.80 -14.80 -42.84
N PRO C 398 -15.04 -15.73 -43.43
CA PRO C 398 -15.32 -16.16 -44.81
C PRO C 398 -16.76 -16.62 -45.02
N LYS C 399 -17.39 -17.23 -44.02
CA LYS C 399 -18.80 -17.58 -44.12
C LYS C 399 -19.64 -16.35 -44.43
N HIS C 400 -19.52 -15.33 -43.58
CA HIS C 400 -20.26 -14.09 -43.78
C HIS C 400 -19.90 -13.43 -45.11
N LEU C 401 -18.63 -13.54 -45.52
CA LEU C 401 -18.22 -12.97 -46.80
C LEU C 401 -18.86 -13.70 -47.98
N LYS C 402 -19.14 -15.00 -47.81
CA LYS C 402 -19.72 -15.80 -48.88
C LYS C 402 -21.23 -15.66 -48.95
N SER C 403 -21.89 -15.41 -47.80
CA SER C 403 -23.35 -15.28 -47.81
C SER C 403 -23.79 -14.01 -48.51
N ILE C 404 -23.12 -12.88 -48.25
CA ILE C 404 -23.53 -11.63 -48.87
C ILE C 404 -23.17 -11.61 -50.35
N GLY C 405 -22.16 -12.37 -50.75
CA GLY C 405 -21.84 -12.51 -52.17
C GLY C 405 -20.58 -11.80 -52.63
N LEU C 406 -19.54 -11.78 -51.79
CA LEU C 406 -18.29 -11.14 -52.15
C LEU C 406 -17.11 -12.10 -52.19
N LEU C 407 -17.14 -13.17 -51.40
CA LEU C 407 -16.10 -14.20 -51.42
C LEU C 407 -16.64 -15.40 -52.17
N SER C 408 -16.00 -15.73 -53.29
CA SER C 408 -16.44 -16.89 -54.06
C SER C 408 -16.29 -18.16 -53.21
N PRO C 409 -17.23 -19.09 -53.29
CA PRO C 409 -17.05 -20.37 -52.58
C PRO C 409 -15.77 -21.10 -52.95
N ASP C 410 -15.16 -20.75 -54.08
CA ASP C 410 -13.90 -21.39 -54.48
C ASP C 410 -12.80 -21.15 -53.44
N PHE C 411 -12.80 -19.98 -52.81
CA PHE C 411 -11.84 -19.69 -51.76
C PHE C 411 -12.05 -20.63 -50.57
N GLN C 412 -11.10 -21.54 -50.36
CA GLN C 412 -11.19 -22.56 -49.33
C GLN C 412 -10.40 -22.13 -48.10
N GLU C 413 -10.92 -22.50 -46.92
CA GLU C 413 -10.30 -22.17 -45.64
C GLU C 413 -9.31 -23.28 -45.29
N ASP C 414 -8.07 -23.13 -45.71
CA ASP C 414 -7.00 -24.03 -45.31
C ASP C 414 -6.36 -23.55 -44.01
N ASN C 415 -5.62 -24.46 -43.36
CA ASN C 415 -4.97 -24.12 -42.09
C ASN C 415 -4.01 -22.95 -42.24
N GLU C 416 -3.36 -22.84 -43.41
CA GLU C 416 -2.37 -21.78 -43.58
C GLU C 416 -3.02 -20.40 -43.60
N THR C 417 -4.16 -20.27 -44.29
CA THR C 417 -4.87 -18.99 -44.29
C THR C 417 -5.36 -18.64 -42.89
N GLU C 418 -5.78 -19.65 -42.13
CA GLU C 418 -6.18 -19.41 -40.75
C GLU C 418 -5.02 -18.90 -39.92
N ILE C 419 -3.83 -19.48 -40.10
CA ILE C 419 -2.66 -19.00 -39.38
C ILE C 419 -2.32 -17.57 -39.77
N ASN C 420 -2.37 -17.27 -41.07
CA ASN C 420 -2.10 -15.90 -41.54
C ASN C 420 -3.06 -14.92 -40.89
N PHE C 421 -4.35 -15.26 -40.88
CA PHE C 421 -5.38 -14.36 -40.38
C PHE C 421 -5.20 -14.12 -38.88
N LEU C 422 -5.04 -15.21 -38.11
CA LEU C 422 -4.78 -15.07 -36.69
C LEU C 422 -3.50 -14.26 -36.45
N LEU C 423 -2.49 -14.43 -37.31
CA LEU C 423 -1.22 -13.76 -37.09
C LEU C 423 -1.35 -12.26 -37.27
N LYS C 424 -2.08 -11.82 -38.30
CA LYS C 424 -2.28 -10.38 -38.46
C LYS C 424 -3.16 -9.83 -37.34
N GLN C 425 -4.22 -10.57 -36.99
CA GLN C 425 -5.06 -10.16 -35.86
C GLN C 425 -4.26 -10.03 -34.58
N ALA C 426 -3.19 -10.82 -34.44
CA ALA C 426 -2.37 -10.72 -33.23
C ALA C 426 -1.37 -9.57 -33.35
N LEU C 427 -0.79 -9.36 -34.55
CA LEU C 427 0.12 -8.24 -34.73
C LEU C 427 -0.56 -6.91 -34.41
N THR C 428 -1.86 -6.81 -34.64
CA THR C 428 -2.55 -5.59 -34.26
C THR C 428 -3.13 -5.65 -32.84
N ILE C 429 -3.92 -6.68 -32.55
CA ILE C 429 -4.69 -6.73 -31.30
C ILE C 429 -3.78 -6.98 -30.11
N VAL C 430 -2.82 -7.89 -30.24
CA VAL C 430 -1.99 -8.28 -29.10
C VAL C 430 -0.87 -7.28 -28.86
N GLY C 431 -0.04 -7.03 -29.88
CA GLY C 431 1.14 -6.19 -29.77
C GLY C 431 0.94 -4.82 -29.16
N THR C 432 -0.31 -4.38 -29.09
CA THR C 432 -0.63 -3.07 -28.51
C THR C 432 -1.03 -3.15 -27.05
N LEU C 433 -1.38 -4.34 -26.54
CA LEU C 433 -1.79 -4.43 -25.14
C LEU C 433 -0.63 -4.20 -24.18
N PRO C 434 0.57 -4.78 -24.38
CA PRO C 434 1.69 -4.39 -23.51
C PRO C 434 2.04 -2.92 -23.62
N PHE C 435 1.96 -2.35 -24.83
CA PHE C 435 2.22 -0.94 -25.03
C PHE C 435 1.24 -0.09 -24.23
N THR C 436 -0.05 -0.45 -24.28
CA THR C 436 -1.09 0.21 -23.51
C THR C 436 -0.82 0.14 -22.01
N TYR C 437 -0.62 -1.09 -21.50
CA TYR C 437 -0.39 -1.26 -20.07
C TYR C 437 0.82 -0.46 -19.61
N MET C 438 1.92 -0.52 -20.37
CA MET C 438 3.14 0.20 -20.01
C MET C 438 2.90 1.71 -19.97
N LEU C 439 2.29 2.26 -21.02
CA LEU C 439 2.05 3.69 -21.07
C LEU C 439 1.18 4.14 -19.90
N GLU C 440 0.04 3.48 -19.72
CA GLU C 440 -0.91 3.91 -18.69
C GLU C 440 -0.34 3.72 -17.29
N LYS C 441 0.46 2.66 -17.08
CA LYS C 441 1.09 2.49 -15.78
C LYS C 441 2.10 3.60 -15.51
N TRP C 442 2.89 3.97 -16.53
CA TRP C 442 3.83 5.06 -16.36
C TRP C 442 3.11 6.35 -15.97
N ARG C 443 1.98 6.63 -16.62
CA ARG C 443 1.21 7.82 -16.29
C ARG C 443 0.65 7.74 -14.87
N TRP C 444 0.04 6.61 -14.51
CA TRP C 444 -0.48 6.42 -13.17
C TRP C 444 0.59 6.71 -12.13
N MET C 445 1.80 6.18 -12.35
CA MET C 445 2.88 6.35 -11.38
C MET C 445 3.35 7.80 -11.33
N VAL C 446 3.53 8.42 -12.49
CA VAL C 446 3.95 9.82 -12.53
C VAL C 446 2.96 10.69 -11.75
N PHE C 447 1.66 10.41 -11.91
CA PHE C 447 0.67 11.17 -11.16
C PHE C 447 0.76 10.89 -9.67
N LYS C 448 0.80 9.61 -9.29
CA LYS C 448 0.97 9.25 -7.88
C LYS C 448 2.30 9.76 -7.32
N GLY C 449 3.26 10.05 -8.19
CA GLY C 449 4.55 10.57 -7.76
C GLY C 449 5.63 9.54 -7.57
N GLU C 450 5.34 8.26 -7.85
CA GLU C 450 6.34 7.21 -7.67
C GLU C 450 7.54 7.38 -8.59
N ILE C 451 7.39 8.14 -9.68
CA ILE C 451 8.47 8.39 -10.61
C ILE C 451 8.94 9.84 -10.41
N PRO C 452 10.12 10.07 -9.85
CA PRO C 452 10.65 11.43 -9.75
C PRO C 452 11.17 11.93 -11.09
N LYS C 453 11.16 13.26 -11.26
CA LYS C 453 11.33 13.84 -12.59
C LYS C 453 12.72 13.57 -13.16
N ASP C 454 13.77 13.60 -12.32
CA ASP C 454 15.13 13.38 -12.80
C ASP C 454 15.29 12.04 -13.49
N GLN C 455 14.29 11.16 -13.32
CA GLN C 455 14.28 9.82 -13.92
C GLN C 455 12.93 9.49 -14.56
N TRP C 456 12.15 10.50 -14.97
CA TRP C 456 10.92 10.24 -15.72
C TRP C 456 11.17 9.45 -16.99
N MET C 457 11.99 9.99 -17.89
CA MET C 457 12.25 9.30 -19.15
C MET C 457 12.93 7.96 -18.92
N LYS C 458 14.02 7.95 -18.15
CA LYS C 458 14.76 6.72 -17.89
C LYS C 458 13.81 5.60 -17.49
N LYS C 459 13.03 5.84 -16.42
CA LYS C 459 12.07 4.85 -15.96
C LYS C 459 11.20 4.36 -17.10
N TRP C 460 10.63 5.29 -17.86
CA TRP C 460 9.83 4.95 -19.03
C TRP C 460 10.50 3.88 -19.86
N TRP C 461 11.71 4.15 -20.34
CA TRP C 461 12.34 3.20 -21.24
C TRP C 461 12.66 1.89 -20.54
N GLU C 462 13.03 1.95 -19.25
CA GLU C 462 13.21 0.72 -18.50
C GLU C 462 11.97 -0.14 -18.60
N MET C 463 10.80 0.47 -18.36
CA MET C 463 9.53 -0.25 -18.49
C MET C 463 9.37 -0.77 -19.92
N LYS C 464 9.68 0.07 -20.90
CA LYS C 464 9.64 -0.34 -22.30
C LYS C 464 10.46 -1.60 -22.54
N ARG C 465 11.60 -1.72 -21.86
CA ARG C 465 12.46 -2.89 -22.09
C ARG C 465 11.91 -4.15 -21.43
N GLU C 466 11.12 -4.03 -20.36
CA GLU C 466 10.68 -5.23 -19.65
C GLU C 466 9.22 -5.55 -19.86
N ILE C 467 8.34 -4.56 -19.84
CA ILE C 467 6.93 -4.83 -20.08
C ILE C 467 6.68 -5.05 -21.57
N VAL C 468 7.27 -4.21 -22.42
CA VAL C 468 7.01 -4.24 -23.86
C VAL C 468 8.02 -5.09 -24.62
N GLY C 469 9.21 -5.29 -24.09
CA GLY C 469 10.22 -6.01 -24.85
C GLY C 469 10.76 -5.18 -26.00
N VAL C 470 10.74 -3.85 -25.86
CA VAL C 470 11.23 -2.94 -26.89
C VAL C 470 12.34 -2.09 -26.29
N VAL C 471 13.44 -1.98 -27.02
CA VAL C 471 14.61 -1.24 -26.58
C VAL C 471 14.66 0.08 -27.33
N GLU C 472 15.02 1.15 -26.64
CA GLU C 472 15.16 2.44 -27.30
C GLU C 472 16.36 2.37 -28.24
N PRO C 473 16.22 2.79 -29.50
CA PRO C 473 17.36 2.70 -30.43
C PRO C 473 18.46 3.72 -30.18
N VAL C 474 18.22 4.74 -29.35
CA VAL C 474 19.18 5.81 -29.07
C VAL C 474 18.96 6.30 -27.64
N PRO C 475 20.03 6.62 -26.89
CA PRO C 475 19.83 7.15 -25.54
C PRO C 475 19.12 8.49 -25.53
N HIS C 476 18.33 8.71 -24.48
CA HIS C 476 17.51 9.91 -24.35
C HIS C 476 17.63 10.44 -22.93
N ASP C 477 18.13 11.66 -22.79
CA ASP C 477 18.18 12.29 -21.47
C ASP C 477 16.83 12.92 -21.14
N GLU C 478 16.72 13.43 -19.91
CA GLU C 478 15.43 13.86 -19.39
C GLU C 478 14.91 15.14 -20.03
N THR C 479 15.65 15.74 -20.96
CA THR C 479 15.08 16.87 -21.72
C THR C 479 14.02 16.38 -22.69
N TYR C 480 14.13 15.14 -23.15
CA TYR C 480 13.15 14.56 -24.06
C TYR C 480 11.80 14.38 -23.36
N CYS C 481 10.84 13.89 -24.12
CA CYS C 481 9.53 13.54 -23.60
C CYS C 481 8.81 12.63 -24.60
N ASP C 482 9.29 11.40 -24.72
CA ASP C 482 8.71 10.47 -25.69
C ASP C 482 7.27 10.08 -25.40
N PRO C 483 6.82 9.92 -24.14
CA PRO C 483 5.40 9.62 -23.93
C PRO C 483 4.44 10.59 -24.63
N ALA C 484 4.73 11.90 -24.57
CA ALA C 484 3.87 12.88 -25.22
C ALA C 484 3.96 12.83 -26.74
N SER C 485 4.93 12.11 -27.30
CA SER C 485 4.99 11.98 -28.75
C SER C 485 3.76 11.27 -29.31
N LEU C 486 2.96 10.63 -28.47
CA LEU C 486 1.71 10.01 -28.87
C LEU C 486 0.56 10.99 -28.67
N PHE C 487 -0.37 11.01 -29.63
CA PHE C 487 -1.49 11.95 -29.55
C PHE C 487 -2.34 11.73 -28.31
N HIS C 488 -2.47 10.48 -27.87
CA HIS C 488 -3.30 10.15 -26.71
C HIS C 488 -2.72 10.64 -25.39
N VAL C 489 -1.44 11.01 -25.37
CA VAL C 489 -0.79 11.51 -24.17
C VAL C 489 -0.60 13.02 -24.22
N SER C 490 -0.29 13.57 -25.39
CA SER C 490 -0.09 15.00 -25.54
C SER C 490 -1.40 15.78 -25.54
N ASN C 491 -2.53 15.10 -25.80
CA ASN C 491 -3.82 15.76 -25.81
C ASN C 491 -4.74 15.26 -24.69
N ASP C 492 -4.15 14.76 -23.60
CA ASP C 492 -4.90 14.43 -22.38
C ASP C 492 -6.00 13.41 -22.65
N TYR C 493 -5.63 12.14 -22.79
CA TYR C 493 -6.60 11.07 -23.00
C TYR C 493 -6.14 9.82 -22.25
N SER C 494 -7.10 9.11 -21.65
CA SER C 494 -6.77 7.83 -21.04
C SER C 494 -6.43 6.81 -22.13
N PHE C 495 -5.72 5.75 -21.75
CA PHE C 495 -5.30 4.73 -22.70
C PHE C 495 -5.69 3.32 -22.28
N ILE C 496 -5.94 3.07 -20.99
CA ILE C 496 -6.35 1.76 -20.51
C ILE C 496 -7.67 1.34 -21.13
N ARG C 497 -8.44 2.30 -21.65
CA ARG C 497 -9.71 2.00 -22.31
C ARG C 497 -9.52 0.98 -23.43
N TYR C 498 -8.39 1.04 -24.14
CA TYR C 498 -8.17 0.14 -25.27
C TYR C 498 -7.93 -1.29 -24.79
N TYR C 499 -7.11 -1.45 -23.75
CA TYR C 499 -6.95 -2.75 -23.11
C TYR C 499 -8.30 -3.33 -22.69
N THR C 500 -9.05 -2.57 -21.89
CA THR C 500 -10.33 -3.06 -21.39
C THR C 500 -11.27 -3.40 -22.52
N ARG C 501 -11.31 -2.55 -23.56
CA ARG C 501 -12.13 -2.82 -24.73
C ARG C 501 -11.79 -4.17 -25.33
N THR C 502 -10.53 -4.34 -25.74
CA THR C 502 -10.06 -5.61 -26.32
C THR C 502 -10.59 -6.82 -25.56
N LEU C 503 -10.32 -6.84 -24.24
CA LEU C 503 -10.80 -7.96 -23.44
C LEU C 503 -12.33 -8.08 -23.52
N TYR C 504 -13.04 -6.96 -23.38
CA TYR C 504 -14.49 -7.00 -23.47
C TYR C 504 -14.93 -7.58 -24.80
N GLN C 505 -14.31 -7.15 -25.90
CA GLN C 505 -14.79 -7.50 -27.22
C GLN C 505 -14.64 -8.99 -27.45
N PHE C 506 -13.56 -9.58 -26.96
CA PHE C 506 -13.43 -11.03 -27.14
C PHE C 506 -14.39 -11.78 -26.21
N GLN C 507 -14.61 -11.27 -24.99
CA GLN C 507 -15.64 -11.89 -24.15
C GLN C 507 -17.01 -11.85 -24.83
N PHE C 508 -17.35 -10.69 -25.42
CA PHE C 508 -18.65 -10.51 -26.05
C PHE C 508 -18.80 -11.47 -27.21
N GLN C 509 -17.79 -11.50 -28.10
CA GLN C 509 -17.84 -12.39 -29.24
C GLN C 509 -17.99 -13.84 -28.80
N GLU C 510 -17.29 -14.24 -27.74
CA GLU C 510 -17.42 -15.62 -27.26
C GLU C 510 -18.85 -15.90 -26.83
N ALA C 511 -19.41 -15.05 -25.98
CA ALA C 511 -20.76 -15.30 -25.47
C ALA C 511 -21.79 -15.31 -26.59
N LEU C 512 -21.63 -14.41 -27.56
CA LEU C 512 -22.62 -14.34 -28.63
C LEU C 512 -22.50 -15.52 -29.58
N CYS C 513 -21.28 -15.91 -29.92
CA CYS C 513 -21.07 -17.10 -30.75
C CYS C 513 -21.61 -18.34 -30.05
N GLN C 514 -21.47 -18.40 -28.72
CA GLN C 514 -22.03 -19.51 -27.97
C GLN C 514 -23.55 -19.47 -28.00
N ALA C 515 -24.14 -18.27 -27.99
CA ALA C 515 -25.57 -18.17 -28.19
C ALA C 515 -25.97 -18.64 -29.58
N ALA C 516 -25.14 -18.35 -30.59
CA ALA C 516 -25.38 -18.85 -31.94
C ALA C 516 -25.06 -20.33 -32.09
N LYS C 517 -24.46 -20.95 -31.07
CA LYS C 517 -24.16 -22.39 -31.06
C LYS C 517 -23.19 -22.77 -32.17
N HIS C 518 -22.31 -21.85 -32.54
CA HIS C 518 -21.31 -22.13 -33.55
C HIS C 518 -20.37 -23.23 -33.08
N GLU C 519 -20.04 -24.15 -33.99
CA GLU C 519 -19.21 -25.31 -33.67
C GLU C 519 -17.86 -25.13 -34.35
N GLY C 520 -16.83 -24.87 -33.56
CA GLY C 520 -15.49 -24.75 -34.09
C GLY C 520 -14.71 -23.58 -33.51
N PRO C 521 -13.67 -23.16 -34.22
CA PRO C 521 -12.80 -22.09 -33.71
C PRO C 521 -13.52 -20.75 -33.65
N LEU C 522 -13.29 -20.02 -32.56
CA LEU C 522 -13.96 -18.75 -32.35
C LEU C 522 -13.61 -17.72 -33.42
N HIS C 523 -12.50 -17.91 -34.15
CA HIS C 523 -12.17 -17.04 -35.27
C HIS C 523 -12.96 -17.35 -36.52
N LYS C 524 -13.83 -18.36 -36.48
CA LYS C 524 -14.69 -18.72 -37.60
C LYS C 524 -16.16 -18.68 -37.20
N CYS C 525 -16.60 -17.59 -36.58
CA CYS C 525 -17.97 -17.50 -36.09
C CYS C 525 -18.68 -16.28 -36.65
N ASP C 526 -19.95 -16.46 -36.99
CA ASP C 526 -20.78 -15.42 -37.57
C ASP C 526 -22.12 -15.42 -36.86
N ILE C 527 -22.45 -14.31 -36.20
CA ILE C 527 -23.70 -14.21 -35.46
C ILE C 527 -24.84 -13.84 -36.40
N SER C 528 -24.57 -13.84 -37.70
CA SER C 528 -25.62 -13.55 -38.67
C SER C 528 -26.75 -14.56 -38.52
N ASN C 529 -27.98 -14.07 -38.65
CA ASN C 529 -29.19 -14.87 -38.50
C ASN C 529 -29.37 -15.38 -37.08
N SER C 530 -28.37 -15.20 -36.23
CA SER C 530 -28.45 -15.58 -34.82
C SER C 530 -29.15 -14.47 -34.07
N THR C 531 -30.48 -14.59 -33.98
CA THR C 531 -31.26 -13.57 -33.29
C THR C 531 -31.02 -13.60 -31.78
N GLU C 532 -30.64 -14.77 -31.23
CA GLU C 532 -30.46 -14.90 -29.79
C GLU C 532 -29.27 -14.10 -29.29
N ALA C 533 -28.17 -14.14 -30.04
CA ALA C 533 -27.02 -13.29 -29.69
C ALA C 533 -27.40 -11.82 -29.75
N GLY C 534 -28.20 -11.43 -30.75
CA GLY C 534 -28.67 -10.07 -30.81
C GLY C 534 -29.52 -9.68 -29.62
N GLN C 535 -30.36 -10.60 -29.15
CA GLN C 535 -31.18 -10.31 -27.97
C GLN C 535 -30.32 -10.14 -26.73
N LYS C 536 -29.33 -11.01 -26.54
CA LYS C 536 -28.41 -10.87 -25.41
C LYS C 536 -27.69 -9.52 -25.45
N LEU C 537 -27.12 -9.20 -26.61
CA LEU C 537 -26.43 -7.94 -26.77
C LEU C 537 -27.35 -6.75 -26.51
N PHE C 538 -28.60 -6.81 -26.98
CA PHE C 538 -29.54 -5.72 -26.75
C PHE C 538 -29.90 -5.60 -25.28
N ASN C 539 -30.04 -6.74 -24.59
CA ASN C 539 -30.28 -6.68 -23.14
C ASN C 539 -29.15 -5.97 -22.43
N MET C 540 -27.96 -5.97 -23.01
CA MET C 540 -26.95 -5.08 -22.40
C MET C 540 -27.03 -3.65 -22.94
N LEU C 541 -27.31 -3.49 -24.24
CA LEU C 541 -27.23 -2.18 -24.86
C LEU C 541 -28.28 -1.21 -24.32
N ARG C 542 -29.51 -1.70 -24.15
CA ARG C 542 -30.59 -0.84 -23.66
C ARG C 542 -30.26 -0.26 -22.29
N LEU C 543 -29.39 -0.92 -21.52
CA LEU C 543 -29.05 -0.45 -20.20
C LEU C 543 -28.29 0.86 -20.23
N GLY C 544 -27.45 1.06 -21.25
CA GLY C 544 -26.60 2.25 -21.28
C GLY C 544 -25.69 2.24 -20.07
N LYS C 545 -25.72 3.34 -19.31
CA LYS C 545 -24.96 3.44 -18.07
C LYS C 545 -25.87 3.47 -16.84
N SER C 546 -27.14 3.09 -17.00
CA SER C 546 -28.05 3.08 -15.85
C SER C 546 -27.62 2.05 -14.82
N GLU C 547 -26.89 1.02 -15.23
CA GLU C 547 -26.45 -0.05 -14.34
C GLU C 547 -24.92 -0.11 -14.31
N PRO C 548 -24.35 -0.62 -13.22
CA PRO C 548 -22.91 -0.82 -13.16
C PRO C 548 -22.41 -1.67 -14.31
N TRP C 549 -21.24 -1.31 -14.85
CA TRP C 549 -20.67 -2.03 -15.98
C TRP C 549 -20.50 -3.51 -15.68
N THR C 550 -20.30 -3.86 -14.40
CA THR C 550 -20.13 -5.25 -14.00
C THR C 550 -21.39 -6.06 -14.31
N LEU C 551 -22.56 -5.51 -13.97
CA LEU C 551 -23.80 -6.21 -14.25
C LEU C 551 -24.05 -6.32 -15.76
N ALA C 552 -23.63 -5.32 -16.54
CA ALA C 552 -23.77 -5.41 -17.99
C ALA C 552 -22.90 -6.53 -18.57
N LEU C 553 -21.67 -6.64 -18.08
CA LEU C 553 -20.82 -7.73 -18.52
C LEU C 553 -21.39 -9.08 -18.10
N GLU C 554 -22.00 -9.14 -16.91
CA GLU C 554 -22.68 -10.38 -16.51
C GLU C 554 -23.89 -10.66 -17.39
N ASN C 555 -24.53 -9.61 -17.90
CA ASN C 555 -25.67 -9.80 -18.78
C ASN C 555 -25.25 -10.38 -20.11
N VAL C 556 -24.13 -9.92 -20.67
CA VAL C 556 -23.72 -10.45 -21.97
C VAL C 556 -23.00 -11.79 -21.81
N VAL C 557 -21.90 -11.82 -21.06
CA VAL C 557 -21.04 -13.00 -21.03
C VAL C 557 -21.28 -13.87 -19.82
N GLY C 558 -22.01 -13.39 -18.82
CA GLY C 558 -22.20 -14.11 -17.58
C GLY C 558 -21.14 -13.84 -16.53
N ALA C 559 -20.02 -13.25 -16.91
CA ALA C 559 -18.95 -12.93 -15.98
C ALA C 559 -19.09 -11.49 -15.52
N LYS C 560 -18.98 -11.26 -14.21
CA LYS C 560 -19.03 -9.91 -13.67
C LYS C 560 -17.70 -9.18 -13.81
N ASN C 561 -16.64 -9.85 -14.29
CA ASN C 561 -15.33 -9.23 -14.31
C ASN C 561 -14.62 -9.53 -15.63
N MET C 562 -13.74 -8.61 -16.00
CA MET C 562 -12.82 -8.77 -17.11
C MET C 562 -12.10 -10.11 -17.04
N ASN C 563 -12.08 -10.83 -18.16
CA ASN C 563 -11.43 -12.14 -18.22
C ASN C 563 -10.74 -12.28 -19.57
N VAL C 564 -9.47 -12.68 -19.55
CA VAL C 564 -8.71 -12.80 -20.79
C VAL C 564 -9.03 -14.08 -21.54
N ARG C 565 -9.49 -15.12 -20.83
CA ARG C 565 -9.76 -16.44 -21.37
C ARG C 565 -10.43 -16.42 -22.75
N PRO C 566 -11.40 -15.53 -23.00
CA PRO C 566 -11.95 -15.45 -24.36
C PRO C 566 -10.95 -15.05 -25.42
N LEU C 567 -10.16 -14.00 -25.15
CA LEU C 567 -9.14 -13.56 -26.10
C LEU C 567 -8.15 -14.69 -26.39
N LEU C 568 -7.72 -15.37 -25.34
CA LEU C 568 -6.87 -16.55 -25.45
C LEU C 568 -7.52 -17.56 -26.39
N ASN C 569 -8.70 -18.08 -26.01
CA ASN C 569 -9.45 -18.99 -26.86
C ASN C 569 -9.41 -18.58 -28.32
N TYR C 570 -9.60 -17.28 -28.59
CA TYR C 570 -9.60 -16.80 -29.96
C TYR C 570 -8.26 -17.04 -30.63
N PHE C 571 -7.16 -16.74 -29.93
CA PHE C 571 -5.83 -16.88 -30.53
C PHE C 571 -5.12 -18.21 -30.23
N GLU C 572 -5.80 -19.17 -29.60
CA GLU C 572 -5.12 -20.38 -29.15
C GLU C 572 -4.53 -21.22 -30.29
N PRO C 573 -5.20 -21.44 -31.42
CA PRO C 573 -4.54 -22.16 -32.53
C PRO C 573 -3.22 -21.51 -32.96
N LEU C 574 -3.25 -20.19 -33.16
CA LEU C 574 -2.03 -19.46 -33.45
C LEU C 574 -1.01 -19.66 -32.34
N PHE C 575 -1.47 -19.71 -31.09
CA PHE C 575 -0.55 -19.90 -29.96
C PHE C 575 0.22 -21.20 -30.11
N THR C 576 -0.48 -22.30 -30.38
CA THR C 576 0.20 -23.58 -30.55
C THR C 576 1.17 -23.53 -31.73
N TRP C 577 0.73 -22.97 -32.86
CA TRP C 577 1.60 -22.94 -34.03
C TRP C 577 2.86 -22.10 -33.75
N LEU C 578 2.70 -21.03 -32.97
CA LEU C 578 3.84 -20.19 -32.60
C LEU C 578 4.82 -20.95 -31.71
N LYS C 579 4.30 -21.64 -30.70
CA LYS C 579 5.16 -22.44 -29.84
C LYS C 579 6.00 -23.41 -30.65
N ASP C 580 5.35 -24.12 -31.59
CA ASP C 580 6.11 -25.08 -32.39
C ASP C 580 7.10 -24.36 -33.30
N GLN C 581 6.68 -23.26 -33.94
CA GLN C 581 7.56 -22.50 -34.82
C GLN C 581 8.67 -21.79 -34.08
N ASN C 582 8.64 -21.76 -32.75
CA ASN C 582 9.66 -21.09 -31.97
C ASN C 582 10.49 -22.01 -31.09
N LYS C 583 10.20 -23.33 -31.07
CA LYS C 583 11.00 -24.29 -30.30
C LYS C 583 12.50 -23.94 -30.26
N ASN C 584 13.18 -24.03 -31.40
CA ASN C 584 14.62 -23.79 -31.46
C ASN C 584 14.97 -22.31 -31.42
N SER C 585 14.36 -21.58 -30.49
CA SER C 585 14.61 -20.14 -30.39
C SER C 585 14.41 -19.68 -28.96
N PHE C 586 14.92 -18.49 -28.67
CA PHE C 586 14.87 -17.90 -27.34
C PHE C 586 13.55 -17.15 -27.17
N VAL C 587 12.74 -17.60 -26.22
CA VAL C 587 11.41 -17.03 -25.98
C VAL C 587 11.55 -16.10 -24.77
N GLY C 588 11.66 -14.81 -25.03
CA GLY C 588 11.83 -13.81 -24.00
C GLY C 588 12.83 -12.77 -24.43
N TRP C 589 13.31 -11.99 -23.47
CA TRP C 589 14.26 -10.93 -23.77
C TRP C 589 15.03 -10.57 -22.51
N SER C 590 16.27 -10.14 -22.70
CA SER C 590 17.09 -9.62 -21.62
C SER C 590 16.97 -8.10 -21.59
N THR C 591 16.93 -7.54 -20.39
CA THR C 591 16.82 -6.09 -20.21
C THR C 591 18.17 -5.39 -20.24
N ASP C 592 19.14 -5.98 -20.93
CA ASP C 592 20.51 -5.47 -20.96
C ASP C 592 21.12 -5.62 -22.36
N TRP C 593 20.50 -5.00 -23.37
CA TRP C 593 21.11 -5.01 -24.70
C TRP C 593 20.45 -3.92 -25.55
N SER C 594 21.25 -3.26 -26.38
CA SER C 594 20.77 -2.16 -27.20
C SER C 594 21.78 -1.90 -28.30
N PRO C 595 21.39 -1.21 -29.38
CA PRO C 595 22.39 -0.84 -30.40
C PRO C 595 23.53 -0.01 -29.84
N TYR C 596 23.23 0.95 -28.97
CA TYR C 596 24.27 1.81 -28.40
C TYR C 596 24.99 1.12 -27.25
N LEU D 2 -74.81 19.66 -41.78
CA LEU D 2 -73.52 19.81 -42.43
C LEU D 2 -72.62 20.75 -41.63
N CYS D 3 -71.91 20.18 -40.66
CA CYS D 3 -71.10 20.92 -39.70
C CYS D 3 -69.70 21.19 -40.23
N PRO D 4 -69.01 22.20 -39.66
CA PRO D 4 -67.63 22.48 -40.05
C PRO D 4 -66.67 21.43 -39.53
N PHE D 5 -66.67 20.22 -40.12
CA PHE D 5 -65.59 19.30 -39.78
C PHE D 5 -64.31 19.70 -40.49
N ASP D 6 -64.44 20.36 -41.63
CA ASP D 6 -63.31 20.65 -42.51
C ASP D 6 -62.53 21.85 -42.01
N GLU D 7 -63.15 22.66 -41.17
CA GLU D 7 -62.42 23.72 -40.49
C GLU D 7 -61.55 23.17 -39.37
N VAL D 8 -62.04 22.15 -38.66
CA VAL D 8 -61.29 21.64 -37.51
C VAL D 8 -60.18 20.67 -37.92
N PHE D 9 -60.31 19.96 -39.05
CA PHE D 9 -59.24 19.11 -39.54
C PHE D 9 -58.16 19.88 -40.31
N ASN D 10 -58.54 20.96 -41.01
CA ASN D 10 -57.61 21.80 -41.76
C ASN D 10 -57.68 23.23 -41.17
N ALA D 11 -56.77 23.55 -40.25
CA ALA D 11 -56.63 24.92 -39.77
C ALA D 11 -55.32 25.57 -40.23
N THR D 12 -54.80 26.51 -39.43
CA THR D 12 -53.56 27.19 -39.80
C THR D 12 -52.57 27.11 -38.63
N THR D 13 -53.11 27.19 -37.42
CA THR D 13 -52.31 27.10 -36.20
C THR D 13 -53.19 26.32 -35.22
N PHE D 14 -52.97 25.02 -35.16
CA PHE D 14 -53.66 24.10 -34.26
C PHE D 14 -53.25 24.39 -32.82
N ALA D 15 -54.17 24.19 -31.87
CA ALA D 15 -53.91 24.59 -30.51
C ALA D 15 -52.85 23.69 -29.86
N SER D 16 -52.37 24.10 -28.68
CA SER D 16 -51.48 23.29 -27.87
C SER D 16 -52.29 22.50 -26.83
N VAL D 17 -51.61 21.57 -26.16
CA VAL D 17 -52.36 20.65 -25.30
C VAL D 17 -52.79 21.30 -24.00
N TYR D 18 -52.14 22.38 -23.56
CA TYR D 18 -52.60 22.97 -22.32
C TYR D 18 -53.83 23.84 -22.53
N ALA D 19 -54.20 24.11 -23.78
CA ALA D 19 -55.34 24.98 -24.08
C ALA D 19 -55.99 24.54 -25.40
N TRP D 20 -56.29 23.25 -25.51
CA TRP D 20 -56.97 22.69 -26.68
C TRP D 20 -58.30 23.38 -26.95
N ASN D 21 -58.47 23.88 -28.18
CA ASN D 21 -59.71 24.53 -28.56
C ASN D 21 -60.74 23.46 -28.95
N ARG D 22 -61.85 23.44 -28.22
CA ARG D 22 -62.94 22.52 -28.52
C ARG D 22 -64.09 23.28 -29.17
N LYS D 23 -64.74 22.62 -30.13
CA LYS D 23 -65.85 23.19 -30.89
C LYS D 23 -67.07 22.29 -30.73
N ARG D 24 -68.22 22.92 -30.43
CA ARG D 24 -69.46 22.18 -30.19
C ARG D 24 -70.32 22.21 -31.45
N ILE D 25 -69.89 21.41 -32.43
CA ILE D 25 -70.56 21.43 -33.73
C ILE D 25 -72.00 20.97 -33.59
N SER D 26 -72.91 21.64 -34.29
CA SER D 26 -74.34 21.38 -34.17
C SER D 26 -74.98 21.45 -35.55
N ASN D 27 -76.15 20.81 -35.66
CA ASN D 27 -76.83 20.51 -36.94
C ASN D 27 -75.85 19.97 -37.98
N CYS D 28 -75.35 18.77 -37.69
CA CYS D 28 -74.47 18.02 -38.59
C CYS D 28 -75.30 16.99 -39.35
N VAL D 29 -75.15 16.96 -40.67
CA VAL D 29 -75.70 15.86 -41.46
C VAL D 29 -74.78 14.65 -41.33
N ALA D 30 -73.91 14.67 -40.31
CA ALA D 30 -72.96 13.60 -39.99
C ALA D 30 -72.32 13.04 -41.25
N ASP D 31 -71.49 13.87 -41.88
CA ASP D 31 -70.95 13.60 -43.19
C ASP D 31 -69.53 13.05 -43.04
N TYR D 32 -69.48 11.75 -42.76
CA TYR D 32 -68.27 10.98 -42.51
C TYR D 32 -67.73 10.29 -43.76
N SER D 33 -68.23 10.64 -44.95
CA SER D 33 -67.78 9.96 -46.15
C SER D 33 -66.37 10.37 -46.53
N VAL D 34 -65.94 11.56 -46.12
CA VAL D 34 -64.61 12.05 -46.43
C VAL D 34 -63.94 12.42 -45.11
N LEU D 35 -64.19 11.62 -44.07
CA LEU D 35 -63.54 11.84 -42.78
C LEU D 35 -62.79 10.59 -42.34
N TYR D 36 -63.49 9.47 -42.08
CA TYR D 36 -62.80 8.25 -41.67
C TYR D 36 -61.84 7.79 -42.76
N ASN D 37 -62.33 7.76 -44.00
CA ASN D 37 -61.56 7.35 -45.16
C ASN D 37 -61.05 8.55 -45.95
N PHE D 38 -61.05 9.73 -45.33
CA PHE D 38 -60.39 10.90 -45.90
C PHE D 38 -58.99 10.56 -46.40
N ALA D 39 -58.27 9.75 -45.63
CA ALA D 39 -56.93 9.24 -45.91
C ALA D 39 -55.83 10.28 -46.11
N PRO D 40 -55.80 11.41 -45.40
CA PRO D 40 -54.55 12.15 -45.27
C PRO D 40 -53.70 11.68 -44.10
N PHE D 41 -54.14 10.60 -43.46
CA PHE D 41 -53.53 10.04 -42.27
C PHE D 41 -53.75 8.53 -42.31
N PHE D 42 -53.20 7.85 -41.31
CA PHE D 42 -53.44 6.42 -41.15
C PHE D 42 -53.57 6.03 -39.68
N THR D 43 -53.80 7.01 -38.79
CA THR D 43 -53.87 6.80 -37.35
C THR D 43 -55.25 7.22 -36.87
N PHE D 44 -56.14 6.25 -36.66
CA PHE D 44 -57.50 6.50 -36.21
C PHE D 44 -58.01 5.27 -35.49
N LYS D 45 -58.12 5.34 -34.16
CA LYS D 45 -58.62 4.22 -33.36
C LYS D 45 -60.10 4.39 -33.05
N CYS D 46 -60.43 5.21 -32.05
CA CYS D 46 -61.81 5.58 -31.74
C CYS D 46 -62.63 4.35 -31.34
N TYR D 47 -62.20 3.72 -30.27
CA TYR D 47 -62.91 2.56 -29.77
C TYR D 47 -63.95 2.97 -28.74
N GLY D 48 -64.83 2.02 -28.43
CA GLY D 48 -65.97 2.35 -27.60
C GLY D 48 -67.28 2.29 -28.36
N VAL D 49 -67.51 3.26 -29.22
CA VAL D 49 -68.74 3.34 -30.00
C VAL D 49 -68.45 2.79 -31.39
N SER D 50 -69.53 2.58 -32.14
CA SER D 50 -69.42 2.03 -33.48
C SER D 50 -68.51 2.90 -34.35
N PRO D 51 -67.65 2.33 -35.16
CA PRO D 51 -66.78 3.13 -36.02
C PRO D 51 -67.52 3.68 -37.22
N THR D 52 -66.91 3.54 -38.39
CA THR D 52 -67.48 4.04 -39.64
C THR D 52 -68.41 2.99 -40.23
N LYS D 53 -69.71 3.25 -40.21
CA LYS D 53 -70.66 2.44 -40.94
C LYS D 53 -71.19 3.16 -42.17
N LEU D 54 -70.47 4.19 -42.63
CA LEU D 54 -70.88 5.07 -43.73
C LEU D 54 -72.22 5.74 -43.48
N ASN D 55 -72.76 5.60 -42.28
CA ASN D 55 -74.05 6.15 -41.90
C ASN D 55 -73.87 7.45 -41.13
N ASP D 56 -75.00 8.01 -40.70
CA ASP D 56 -75.01 9.23 -39.94
C ASP D 56 -75.52 8.97 -38.52
N LEU D 57 -74.85 8.08 -37.80
CA LEU D 57 -75.16 7.88 -36.39
C LEU D 57 -75.06 9.20 -35.65
N CYS D 58 -76.09 9.53 -34.89
CA CYS D 58 -76.28 10.92 -34.50
C CYS D 58 -76.95 10.98 -33.13
N PHE D 59 -76.13 11.30 -32.12
CA PHE D 59 -76.47 11.29 -30.70
C PHE D 59 -76.28 12.73 -30.20
N THR D 60 -76.91 13.07 -29.05
CA THR D 60 -77.44 14.42 -28.81
C THR D 60 -76.45 15.52 -29.17
N ASN D 61 -75.15 15.20 -29.17
CA ASN D 61 -74.15 16.18 -29.54
C ASN D 61 -72.81 15.45 -29.62
N VAL D 62 -71.76 16.21 -29.96
CA VAL D 62 -70.42 15.69 -30.15
C VAL D 62 -69.43 16.84 -30.35
N TYR D 63 -68.56 17.07 -29.36
CA TYR D 63 -67.66 18.22 -29.35
C TYR D 63 -66.22 17.81 -29.65
N ALA D 64 -65.59 18.53 -30.57
CA ALA D 64 -64.26 18.20 -31.08
C ALA D 64 -63.16 19.01 -30.41
N ASP D 65 -62.14 18.32 -29.92
CA ASP D 65 -60.97 18.85 -29.24
C ASP D 65 -59.76 18.75 -30.17
N SER D 66 -58.83 19.68 -30.05
CA SER D 66 -57.76 19.78 -31.03
C SER D 66 -56.44 20.18 -30.38
N PHE D 67 -55.33 19.53 -30.73
CA PHE D 67 -54.03 20.04 -30.27
C PHE D 67 -52.89 19.27 -30.96
N VAL D 68 -51.68 19.46 -30.45
CA VAL D 68 -50.44 18.96 -31.04
C VAL D 68 -49.76 18.04 -30.03
N ILE D 69 -48.98 17.09 -30.53
CA ILE D 69 -48.32 16.15 -29.63
C ILE D 69 -47.15 15.56 -30.43
N ARG D 70 -46.41 14.63 -29.85
CA ARG D 70 -45.34 13.95 -30.55
C ARG D 70 -45.62 12.45 -30.57
N GLY D 71 -45.08 11.78 -31.61
CA GLY D 71 -45.35 10.37 -31.80
C GLY D 71 -45.08 9.52 -30.57
N ASN D 72 -44.13 9.95 -29.73
CA ASN D 72 -43.92 9.31 -28.44
C ASN D 72 -45.21 9.27 -27.62
N GLU D 73 -45.92 10.39 -27.58
CA GLU D 73 -47.06 10.55 -26.69
C GLU D 73 -48.40 10.44 -27.41
N VAL D 74 -48.41 10.12 -28.70
CA VAL D 74 -49.67 9.92 -29.41
C VAL D 74 -50.40 8.71 -28.84
N SER D 75 -49.68 7.61 -28.62
CA SER D 75 -50.24 6.46 -27.93
C SER D 75 -50.79 6.85 -26.57
N GLN D 76 -50.25 7.92 -25.99
CA GLN D 76 -50.63 8.32 -24.64
C GLN D 76 -51.98 9.03 -24.62
N ILE D 77 -52.39 9.63 -25.74
CA ILE D 77 -53.79 10.05 -25.96
C ILE D 77 -54.70 8.84 -26.07
N ALA D 78 -55.13 8.33 -24.92
CA ALA D 78 -56.06 7.21 -24.90
C ALA D 78 -56.73 7.15 -23.55
N PRO D 79 -57.96 6.63 -23.49
CA PRO D 79 -58.67 6.51 -22.23
C PRO D 79 -57.93 5.58 -21.28
N GLY D 80 -57.34 6.10 -20.18
CA GLY D 80 -56.67 5.26 -19.20
C GLY D 80 -55.17 5.35 -19.21
N GLN D 81 -54.56 5.89 -20.27
CA GLN D 81 -53.10 5.93 -20.34
C GLN D 81 -52.55 6.95 -19.35
N THR D 82 -51.41 6.64 -18.75
CA THR D 82 -50.75 7.49 -17.76
C THR D 82 -49.50 8.15 -18.31
N GLY D 83 -49.54 8.60 -19.54
CA GLY D 83 -48.39 9.28 -20.12
C GLY D 83 -48.44 10.78 -19.90
N ASN D 84 -47.27 11.43 -20.00
CA ASN D 84 -47.08 12.83 -19.60
C ASN D 84 -48.05 13.85 -20.21
N ILE D 85 -49.13 13.37 -20.81
CA ILE D 85 -50.25 14.22 -21.22
C ILE D 85 -51.45 13.97 -20.31
N ALA D 86 -51.79 12.71 -20.09
CA ALA D 86 -52.97 12.41 -19.29
C ALA D 86 -52.72 12.61 -17.80
N ASP D 87 -51.48 12.48 -17.35
CA ASP D 87 -51.17 12.87 -15.98
C ASP D 87 -51.36 14.36 -15.77
N TYR D 88 -50.97 15.17 -16.77
CA TYR D 88 -50.83 16.60 -16.54
C TYR D 88 -51.37 17.53 -17.63
N ASN D 89 -51.77 17.03 -18.81
CA ASN D 89 -52.27 17.89 -19.89
C ASN D 89 -53.67 17.53 -20.37
N TYR D 90 -53.89 16.31 -20.87
CA TYR D 90 -55.20 15.89 -21.34
C TYR D 90 -55.49 14.49 -20.80
N LYS D 91 -56.32 14.42 -19.77
CA LYS D 91 -56.76 13.15 -19.23
C LYS D 91 -58.03 12.72 -19.96
N LEU D 92 -57.96 11.60 -20.67
CA LEU D 92 -59.14 11.10 -21.34
C LEU D 92 -59.86 10.10 -20.43
N PRO D 93 -61.18 10.19 -20.30
CA PRO D 93 -61.89 9.39 -19.29
C PRO D 93 -62.03 7.93 -19.69
N ASP D 94 -62.49 7.12 -18.73
CA ASP D 94 -62.68 5.70 -18.99
C ASP D 94 -63.93 5.45 -19.84
N ASP D 95 -65.04 6.13 -19.54
CA ASP D 95 -66.25 5.96 -20.36
C ASP D 95 -66.06 6.49 -21.78
N PHE D 96 -64.91 7.09 -22.08
CA PHE D 96 -64.62 7.63 -23.40
C PHE D 96 -64.93 6.61 -24.46
N THR D 97 -66.10 6.73 -25.07
CA THR D 97 -66.50 5.90 -26.19
C THR D 97 -66.48 6.69 -27.50
N GLY D 98 -65.66 7.73 -27.58
CA GLY D 98 -65.66 8.62 -28.72
C GLY D 98 -64.66 8.30 -29.82
N CYS D 99 -63.78 9.25 -30.13
CA CYS D 99 -62.86 9.06 -31.25
C CYS D 99 -61.59 9.87 -31.06
N VAL D 100 -60.53 9.40 -31.73
CA VAL D 100 -59.19 9.97 -31.66
C VAL D 100 -58.53 9.84 -33.02
N ILE D 101 -58.08 10.95 -33.62
CA ILE D 101 -57.41 10.91 -34.92
C ILE D 101 -56.12 11.72 -34.88
N ALA D 102 -55.09 11.23 -35.59
CA ALA D 102 -53.73 11.75 -35.54
C ALA D 102 -53.08 11.73 -36.92
N TRP D 103 -52.24 12.73 -37.19
CA TRP D 103 -51.46 12.76 -38.43
C TRP D 103 -50.25 13.68 -38.28
N ASN D 104 -49.21 13.40 -39.07
CA ASN D 104 -47.92 14.05 -38.90
C ASN D 104 -47.95 15.46 -39.46
N SER D 105 -47.40 16.39 -38.70
CA SER D 105 -47.30 17.79 -39.12
C SER D 105 -45.84 18.25 -39.24
N ASN D 106 -44.91 17.32 -39.46
CA ASN D 106 -43.49 17.64 -39.54
C ASN D 106 -43.20 18.44 -40.81
N LYS D 107 -44.24 18.82 -41.54
CA LYS D 107 -44.09 19.69 -42.70
C LYS D 107 -44.37 21.15 -42.37
N LEU D 108 -45.35 21.43 -41.52
CA LEU D 108 -45.75 22.81 -41.25
C LEU D 108 -45.59 23.25 -39.80
N ASP D 109 -45.80 22.37 -38.83
CA ASP D 109 -45.70 22.77 -37.43
C ASP D 109 -44.25 22.83 -36.96
N SER D 110 -43.37 22.03 -37.55
CA SER D 110 -41.96 22.03 -37.16
C SER D 110 -41.20 23.05 -38.02
N THR D 111 -40.53 23.99 -37.35
CA THR D 111 -39.80 25.05 -38.02
C THR D 111 -38.30 24.94 -37.74
N VAL D 112 -37.49 25.29 -38.74
CA VAL D 112 -36.05 25.28 -38.55
C VAL D 112 -35.69 26.26 -37.44
N GLY D 113 -34.77 25.85 -36.56
CA GLY D 113 -34.45 26.61 -35.39
C GLY D 113 -35.34 26.32 -34.19
N GLY D 114 -36.30 25.41 -34.33
CA GLY D 114 -37.18 25.07 -33.23
C GLY D 114 -38.46 25.89 -33.23
N ASN D 115 -39.60 25.22 -33.13
CA ASN D 115 -40.89 25.89 -33.00
C ASN D 115 -41.35 25.73 -31.56
N TYR D 116 -40.84 26.60 -30.69
CA TYR D 116 -41.21 26.56 -29.28
C TYR D 116 -42.60 27.12 -29.01
N ASN D 117 -43.35 27.51 -30.03
CA ASN D 117 -44.71 28.01 -29.82
C ASN D 117 -45.58 26.95 -29.16
N TYR D 118 -45.49 25.71 -29.66
CA TYR D 118 -46.26 24.63 -29.07
C TYR D 118 -45.60 24.20 -27.76
N ARG D 119 -46.42 24.03 -26.73
CA ARG D 119 -45.89 23.77 -25.39
C ARG D 119 -46.79 22.77 -24.67
N TYR D 120 -46.28 22.27 -23.55
CA TYR D 120 -46.97 21.29 -22.72
C TYR D 120 -46.68 21.56 -21.26
N ARG D 121 -47.51 21.00 -20.39
CA ARG D 121 -47.33 21.07 -18.95
C ARG D 121 -46.66 19.78 -18.49
N LEU D 122 -45.65 19.92 -17.62
CA LEU D 122 -44.99 18.77 -17.01
C LEU D 122 -45.23 18.65 -15.51
N PHE D 123 -45.67 19.72 -14.85
CA PHE D 123 -45.81 19.78 -13.40
C PHE D 123 -47.22 20.21 -13.02
N ARG D 124 -47.70 19.67 -11.90
CA ARG D 124 -48.98 19.98 -11.27
C ARG D 124 -49.04 19.28 -9.93
N LYS D 125 -49.57 19.98 -8.92
CA LYS D 125 -49.64 19.41 -7.57
C LYS D 125 -50.34 18.06 -7.58
N SER D 126 -51.59 18.04 -8.04
CA SER D 126 -52.35 16.81 -8.13
C SER D 126 -52.31 16.27 -9.54
N LYS D 127 -53.31 15.45 -9.88
CA LYS D 127 -53.50 14.93 -11.22
C LYS D 127 -54.68 15.63 -11.87
N LEU D 128 -54.95 15.27 -13.11
CA LEU D 128 -55.88 16.01 -13.96
C LEU D 128 -57.16 15.19 -14.09
N LYS D 129 -58.30 15.83 -13.86
CA LYS D 129 -59.58 15.15 -14.02
C LYS D 129 -59.83 14.82 -15.49
N PRO D 130 -60.69 13.84 -15.76
CA PRO D 130 -61.02 13.53 -17.16
C PRO D 130 -61.70 14.70 -17.85
N PHE D 131 -61.32 14.92 -19.11
CA PHE D 131 -61.91 15.96 -19.95
C PHE D 131 -61.86 17.34 -19.28
N GLU D 132 -60.77 17.60 -18.57
CA GLU D 132 -60.57 18.88 -17.91
C GLU D 132 -59.43 19.64 -18.59
N ARG D 133 -59.41 20.95 -18.36
CA ARG D 133 -58.40 21.84 -18.94
C ARG D 133 -57.84 22.72 -17.84
N ASP D 134 -56.51 22.85 -17.80
CA ASP D 134 -55.85 23.67 -16.79
C ASP D 134 -54.83 24.58 -17.48
N ILE D 135 -55.14 25.86 -17.56
CA ILE D 135 -54.23 26.86 -18.11
C ILE D 135 -53.50 27.63 -17.00
N SER D 136 -53.42 27.04 -15.81
CA SER D 136 -52.71 27.68 -14.70
C SER D 136 -51.25 27.90 -15.07
N THR D 137 -50.73 29.06 -14.68
CA THR D 137 -49.32 29.42 -14.87
C THR D 137 -48.63 29.61 -13.52
N GLU D 138 -48.95 28.74 -12.56
CA GLU D 138 -48.39 28.79 -11.22
C GLU D 138 -47.03 28.09 -11.18
N ILE D 139 -46.03 28.78 -10.62
CA ILE D 139 -44.74 28.13 -10.41
C ILE D 139 -44.93 26.93 -9.49
N TYR D 140 -44.42 25.77 -9.93
CA TYR D 140 -44.66 24.54 -9.19
C TYR D 140 -43.86 24.51 -7.89
N GLN D 141 -44.52 24.09 -6.82
CA GLN D 141 -43.92 24.00 -5.51
C GLN D 141 -43.23 22.65 -5.38
N ALA D 142 -41.89 22.65 -5.41
CA ALA D 142 -41.16 21.40 -5.26
C ALA D 142 -41.32 20.81 -3.87
N GLY D 143 -41.63 21.65 -2.89
CA GLY D 143 -41.83 21.18 -1.53
C GLY D 143 -40.86 21.80 -0.56
N ASN D 144 -41.37 22.22 0.60
CA ASN D 144 -40.56 22.86 1.65
C ASN D 144 -39.77 24.04 1.08
N LYS D 145 -40.41 24.79 0.19
CA LYS D 145 -39.73 25.87 -0.52
C LYS D 145 -40.79 26.78 -1.16
N PRO D 146 -41.44 27.65 -0.39
CA PRO D 146 -42.53 28.46 -0.95
C PRO D 146 -42.01 29.51 -1.92
N CYS D 147 -42.46 29.43 -3.17
CA CYS D 147 -42.03 30.34 -4.23
C CYS D 147 -43.02 31.50 -4.30
N ASN D 148 -42.57 32.70 -3.94
CA ASN D 148 -43.45 33.88 -3.97
C ASN D 148 -43.73 34.30 -5.41
N GLY D 149 -44.39 33.43 -6.18
CA GLY D 149 -44.69 33.71 -7.57
C GLY D 149 -43.50 33.81 -8.48
N VAL D 150 -42.29 33.76 -7.96
CA VAL D 150 -41.08 33.88 -8.78
C VAL D 150 -40.64 32.48 -9.18
N ALA D 151 -39.53 32.40 -9.89
CA ALA D 151 -39.00 31.13 -10.39
C ALA D 151 -37.53 31.01 -10.02
N GLY D 152 -37.16 29.88 -9.42
CA GLY D 152 -35.77 29.64 -9.06
C GLY D 152 -35.51 28.34 -8.33
N VAL D 153 -34.85 28.43 -7.17
CA VAL D 153 -34.43 27.25 -6.43
C VAL D 153 -35.66 26.44 -6.04
N ASN D 154 -35.74 25.20 -6.52
CA ASN D 154 -36.89 24.32 -6.31
C ASN D 154 -38.19 24.98 -6.77
N CYS D 155 -38.09 25.85 -7.78
CA CYS D 155 -39.23 26.62 -8.26
C CYS D 155 -39.13 26.67 -9.78
N TYR D 156 -40.05 25.99 -10.47
CA TYR D 156 -40.00 25.88 -11.92
C TYR D 156 -41.35 26.21 -12.54
N PHE D 157 -41.30 26.88 -13.69
CA PHE D 157 -42.52 27.18 -14.45
C PHE D 157 -43.11 25.89 -15.01
N PRO D 158 -44.41 25.66 -14.88
CA PRO D 158 -44.96 24.32 -15.16
C PRO D 158 -45.15 23.99 -16.63
N LEU D 159 -44.80 24.90 -17.54
CA LEU D 159 -45.00 24.68 -18.97
C LEU D 159 -43.66 24.66 -19.68
N GLN D 160 -43.40 23.57 -20.42
CA GLN D 160 -42.23 23.44 -21.26
C GLN D 160 -42.66 23.42 -22.72
N SER D 161 -41.77 23.89 -23.60
CA SER D 161 -42.09 24.07 -25.01
C SER D 161 -41.47 22.94 -25.83
N TYR D 162 -42.32 22.14 -26.49
CA TYR D 162 -41.86 21.21 -27.51
C TYR D 162 -41.04 21.95 -28.55
N GLY D 163 -39.71 21.96 -28.41
CA GLY D 163 -38.89 22.64 -29.39
C GLY D 163 -38.91 21.98 -30.75
N PHE D 164 -40.09 21.89 -31.37
CA PHE D 164 -40.25 21.13 -32.60
C PHE D 164 -39.34 21.67 -33.69
N ARG D 165 -38.69 20.76 -34.41
CA ARG D 165 -37.68 21.10 -35.37
C ARG D 165 -37.66 19.96 -36.39
N PRO D 166 -37.80 20.28 -37.68
CA PRO D 166 -38.00 19.22 -38.69
C PRO D 166 -36.98 18.07 -38.67
N THR D 167 -35.73 18.33 -38.33
CA THR D 167 -34.71 17.28 -38.42
C THR D 167 -34.76 16.30 -37.26
N TYR D 168 -35.80 16.36 -36.41
CA TYR D 168 -35.94 15.40 -35.32
C TYR D 168 -36.30 14.01 -35.83
N GLY D 169 -36.77 13.14 -34.94
CA GLY D 169 -37.16 11.79 -35.30
C GLY D 169 -38.65 11.53 -35.17
N VAL D 170 -39.13 10.48 -35.85
CA VAL D 170 -40.55 10.13 -35.92
C VAL D 170 -41.23 10.25 -34.56
N GLY D 171 -40.54 9.79 -33.51
CA GLY D 171 -41.10 9.90 -32.18
C GLY D 171 -41.27 11.35 -31.73
N HIS D 172 -40.23 12.17 -31.92
CA HIS D 172 -40.25 13.56 -31.48
C HIS D 172 -40.82 14.50 -32.54
N GLN D 173 -41.34 13.98 -33.65
CA GLN D 173 -41.91 14.81 -34.69
C GLN D 173 -43.31 15.28 -34.31
N PRO D 174 -43.70 16.48 -34.76
CA PRO D 174 -44.99 17.03 -34.35
C PRO D 174 -46.15 16.42 -35.12
N TYR D 175 -47.13 15.91 -34.38
CA TYR D 175 -48.36 15.35 -34.93
C TYR D 175 -49.54 16.15 -34.39
N ARG D 176 -50.51 16.44 -35.26
CA ARG D 176 -51.80 17.04 -34.93
C ARG D 176 -52.76 15.91 -34.58
N VAL D 177 -53.61 16.14 -33.57
CA VAL D 177 -54.64 15.16 -33.19
C VAL D 177 -55.93 15.89 -32.79
N VAL D 178 -57.02 15.13 -32.86
CA VAL D 178 -58.39 15.63 -32.67
C VAL D 178 -59.22 14.53 -31.99
N VAL D 179 -60.22 14.95 -31.19
CA VAL D 179 -61.01 14.04 -30.36
C VAL D 179 -62.42 14.61 -30.17
N LEU D 180 -63.43 14.00 -30.79
CA LEU D 180 -64.77 14.59 -30.73
C LEU D 180 -65.74 13.88 -29.82
N SER D 181 -65.53 12.61 -29.51
CA SER D 181 -66.39 11.89 -28.54
C SER D 181 -67.87 12.01 -28.94
N PHE D 182 -68.77 12.27 -28.01
CA PHE D 182 -70.17 12.65 -28.23
C PHE D 182 -70.79 12.95 -26.87
N GLU D 183 -72.13 12.90 -26.77
CA GLU D 183 -72.76 13.23 -25.49
C GLU D 183 -74.04 12.44 -25.23
N LEU D 184 -74.91 12.35 -26.23
CA LEU D 184 -76.17 11.59 -26.21
C LEU D 184 -77.10 11.92 -25.04
N LEU D 185 -76.82 13.00 -24.29
CA LEU D 185 -77.76 13.57 -23.33
C LEU D 185 -79.19 13.71 -23.85
N HIS D 186 -80.10 12.96 -23.24
CA HIS D 186 -81.53 13.10 -23.42
C HIS D 186 -82.05 14.37 -22.74
N ALA D 187 -82.73 15.22 -23.52
CA ALA D 187 -83.07 16.59 -23.14
C ALA D 187 -84.32 16.99 -23.93
N PRO D 188 -84.89 18.22 -23.77
CA PRO D 188 -86.05 18.55 -24.61
C PRO D 188 -85.69 18.96 -26.02
N ALA D 189 -84.65 18.33 -26.55
CA ALA D 189 -84.21 18.56 -27.93
C ALA D 189 -83.28 17.42 -28.32
N THR D 190 -83.02 17.30 -29.61
CA THR D 190 -82.08 16.32 -30.10
C THR D 190 -80.96 16.98 -30.90
N VAL D 191 -80.51 16.33 -31.98
CA VAL D 191 -79.35 16.73 -32.74
C VAL D 191 -79.51 16.28 -34.19
N CYS D 192 -80.29 15.21 -34.37
CA CYS D 192 -80.12 14.24 -35.46
C CYS D 192 -81.14 13.10 -35.51
#